data_6F56
#
_entry.id   6F56
#
_cell.length_a   58.190
_cell.length_b   159.130
_cell.length_c   174.990
_cell.angle_alpha   90.000
_cell.angle_beta   90.000
_cell.angle_gamma   90.000
#
_symmetry.space_group_name_H-M   'P 21 21 21'
#
loop_
_entity.id
_entity.type
_entity.pdbx_description
1 polymer 'Glycylpeptide N-tetradecanoyltransferase 1'
2 non-polymer TETRADECANOYL-COA
3 non-polymer 'MAGNESIUM ION'
4 non-polymer GLYCEROL
5 water water
#
_entity_poly.entity_id   1
_entity_poly.type   'polypeptide(L)'
_entity_poly.pdbx_seq_one_letter_code
;MGSSHHHHHHSSGLEVLFQGPHMEEASKRSYQFWDTQPVPKLGEVVNTHGPVEPDKDNIRQEPYTLPQGFTWDALDLGDR
GVLKELYTLLNENYVEDDDNMFRFDYSPEFLLWALRPPGWLPQWHCGVRVVSSRKLVGFISAIPANIHIYDTEKKMVEIN
FLCVHKKLRSKRVAPVLIREITRRVHLEGIFQAVYTAGVVLPKPVGTCQYFHRSLNPRKLIEVKFSHLSRNMTMQRTMKL
YRLPETPKTAGLRPMETKDIPVVHQLLTRYLKQFHLTPVMSQEEVEHWFYPQENIIDTFVVENANGEVTDFLSFYTLPST
IMNHPTHKSLKAAYSFYNVHTQTPLLDLMSDALVLAKMKGFDVFNMVDLMENKTFVEKLKFGIGDGHLQYYLYNWKCPSM
GAEKVGLVML
;
_entity_poly.pdbx_strand_id   A,B,C,D
#
loop_
_chem_comp.id
_chem_comp.type
_chem_comp.name
_chem_comp.formula
GOL non-polymer GLYCEROL 'C3 H8 O3'
MG non-polymer 'MAGNESIUM ION' 'Mg 2'
MYA non-polymer TETRADECANOYL-COA 'C35 H62 N7 O17 P3 S'
#
# COMPACT_ATOMS: atom_id res chain seq x y z
N ARG A 29 18.26 -10.27 4.49
CA ARG A 29 17.95 -10.07 3.08
C ARG A 29 17.28 -8.71 2.85
N SER A 30 18.08 -7.72 2.46
CA SER A 30 17.60 -6.37 2.20
C SER A 30 17.84 -6.02 0.74
N TYR A 31 16.82 -5.45 0.10
CA TYR A 31 16.84 -5.15 -1.33
C TYR A 31 16.95 -3.64 -1.50
N GLN A 32 18.13 -3.16 -1.90
CA GLN A 32 18.34 -1.72 -2.03
C GLN A 32 17.38 -1.11 -3.04
N PHE A 33 17.13 -1.80 -4.15
CA PHE A 33 16.19 -1.28 -5.14
C PHE A 33 14.75 -1.70 -4.83
N TRP A 34 14.52 -3.00 -4.64
CA TRP A 34 13.14 -3.49 -4.60
C TRP A 34 12.38 -3.04 -3.37
N ASP A 35 13.07 -2.70 -2.28
CA ASP A 35 12.36 -2.19 -1.11
C ASP A 35 11.75 -0.82 -1.34
N THR A 36 12.18 -0.11 -2.39
CA THR A 36 11.61 1.19 -2.73
C THR A 36 10.38 1.10 -3.62
N GLN A 37 10.07 -0.09 -4.14
CA GLN A 37 9.06 -0.25 -5.18
C GLN A 37 7.72 -0.66 -4.60
N PRO A 38 6.61 -0.35 -5.31
CA PRO A 38 5.28 -0.73 -4.80
C PRO A 38 5.01 -2.22 -4.92
N VAL A 39 5.73 -3.02 -4.15
CA VAL A 39 5.52 -4.47 -4.10
C VAL A 39 5.47 -4.87 -2.64
N PRO A 40 4.76 -5.93 -2.28
CA PRO A 40 4.74 -6.36 -0.87
C PRO A 40 6.14 -6.77 -0.41
N LYS A 41 6.36 -6.68 0.90
CA LYS A 41 7.62 -7.11 1.46
C LYS A 41 7.67 -8.62 1.55
N LEU A 42 8.87 -9.18 1.39
CA LEU A 42 9.05 -10.62 1.53
C LEU A 42 8.68 -11.06 2.95
N GLY A 43 7.90 -12.12 3.04
CA GLY A 43 7.44 -12.60 4.33
C GLY A 43 6.27 -11.85 4.91
N GLU A 44 5.67 -10.92 4.16
CA GLU A 44 4.49 -10.20 4.61
C GLU A 44 3.25 -11.08 4.45
N VAL A 45 2.30 -10.91 5.36
CA VAL A 45 0.99 -11.50 5.21
C VAL A 45 0.17 -10.62 4.27
N VAL A 46 -0.57 -11.24 3.36
CA VAL A 46 -1.31 -10.51 2.34
C VAL A 46 -2.77 -10.95 2.42
N ASN A 47 -3.62 -10.11 3.00
CA ASN A 47 -5.04 -10.39 3.11
C ASN A 47 -5.85 -9.84 1.94
N THR A 48 -5.33 -8.85 1.23
CA THR A 48 -6.14 -7.97 0.40
C THR A 48 -5.90 -8.22 -1.08
N HIS A 49 -6.72 -7.55 -1.90
CA HIS A 49 -6.58 -7.55 -3.36
C HIS A 49 -6.66 -6.09 -3.82
N GLY A 50 -5.57 -5.57 -4.37
CA GLY A 50 -5.60 -4.23 -4.91
C GLY A 50 -4.24 -3.62 -5.17
N PRO A 51 -4.23 -2.41 -5.72
CA PRO A 51 -2.95 -1.74 -6.01
C PRO A 51 -2.26 -1.31 -4.73
N VAL A 52 -0.93 -1.22 -4.82
CA VAL A 52 -0.15 -0.71 -3.69
C VAL A 52 -0.23 0.81 -3.63
N GLU A 53 -0.14 1.48 -4.76
CA GLU A 53 -0.13 2.92 -4.85
C GLU A 53 -1.13 3.37 -5.91
N PRO A 54 -1.64 4.60 -5.82
CA PRO A 54 -2.63 5.06 -6.79
C PRO A 54 -2.03 5.25 -8.17
N ASP A 55 -2.91 5.24 -9.17
CA ASP A 55 -2.51 5.67 -10.51
C ASP A 55 -1.96 7.08 -10.45
N LYS A 56 -0.83 7.30 -11.12
CA LYS A 56 -0.19 8.61 -11.11
C LYS A 56 -0.83 9.53 -12.14
N ASP A 57 -1.17 10.75 -11.72
CA ASP A 57 -1.77 11.72 -12.63
C ASP A 57 -0.77 12.77 -13.13
N ASN A 58 0.49 12.69 -12.73
CA ASN A 58 1.56 13.37 -13.44
C ASN A 58 2.78 12.46 -13.47
N ILE A 59 3.39 12.32 -14.65
CA ILE A 59 4.47 11.38 -14.88
C ILE A 59 5.73 12.15 -15.26
N ARG A 60 6.85 11.76 -14.66
CA ARG A 60 8.17 12.25 -15.04
C ARG A 60 8.35 12.19 -16.55
N GLN A 61 8.60 13.37 -17.15
CA GLN A 61 8.69 13.49 -18.60
C GLN A 61 10.07 13.16 -19.15
N GLU A 62 11.09 13.20 -18.31
CA GLU A 62 12.48 13.07 -18.69
C GLU A 62 12.94 11.63 -18.42
N PRO A 63 13.65 11.02 -19.37
CA PRO A 63 14.25 9.70 -19.10
C PRO A 63 15.20 9.76 -17.91
N TYR A 64 15.30 8.65 -17.20
CA TYR A 64 16.23 8.55 -16.09
C TYR A 64 17.68 8.63 -16.58
N THR A 65 18.53 9.21 -15.75
CA THR A 65 19.91 9.45 -16.12
C THR A 65 20.71 8.16 -16.08
N LEU A 66 21.41 7.87 -17.17
CA LEU A 66 22.30 6.73 -17.29
C LEU A 66 23.71 7.11 -16.85
N PRO A 67 24.55 6.13 -16.52
CA PRO A 67 25.96 6.44 -16.25
C PRO A 67 26.58 7.17 -17.43
N GLN A 68 27.64 7.92 -17.15
CA GLN A 68 28.30 8.69 -18.20
C GLN A 68 28.83 7.75 -19.28
N GLY A 69 28.56 8.11 -20.53
CA GLY A 69 28.98 7.32 -21.68
C GLY A 69 27.89 6.47 -22.30
N PHE A 70 26.72 6.39 -21.67
CA PHE A 70 25.64 5.53 -22.15
C PHE A 70 24.40 6.34 -22.46
N THR A 71 23.64 5.88 -23.46
CA THR A 71 22.46 6.60 -23.91
C THR A 71 21.31 5.64 -24.16
N TRP A 72 20.10 6.14 -23.95
CA TRP A 72 18.90 5.40 -24.30
C TRP A 72 18.73 5.34 -25.82
N ASP A 73 18.08 4.28 -26.29
CA ASP A 73 17.71 4.18 -27.70
C ASP A 73 16.57 3.18 -27.84
N ALA A 74 15.48 3.63 -28.45
CA ALA A 74 14.36 2.73 -28.74
C ALA A 74 14.66 1.95 -30.02
N LEU A 75 14.72 0.63 -29.91
CA LEU A 75 15.14 -0.20 -31.03
C LEU A 75 13.98 -0.44 -31.99
N ASP A 76 14.20 -0.14 -33.26
CA ASP A 76 13.25 -0.44 -34.32
C ASP A 76 13.53 -1.87 -34.78
N LEU A 77 12.76 -2.82 -34.27
CA LEU A 77 12.98 -4.22 -34.61
C LEU A 77 12.56 -4.56 -36.02
N GLY A 78 11.80 -3.69 -36.69
CA GLY A 78 11.52 -3.85 -38.09
C GLY A 78 12.69 -3.56 -39.01
N ASP A 79 13.80 -3.05 -38.46
CA ASP A 79 15.04 -2.87 -39.20
C ASP A 79 15.95 -4.04 -38.89
N ARG A 80 16.38 -4.75 -39.93
CA ARG A 80 17.07 -6.03 -39.74
C ARG A 80 18.40 -5.86 -39.02
N GLY A 81 19.10 -4.75 -39.27
CA GLY A 81 20.37 -4.53 -38.59
C GLY A 81 20.19 -4.37 -37.09
N VAL A 82 19.18 -3.59 -36.68
CA VAL A 82 18.93 -3.41 -35.26
C VAL A 82 18.42 -4.70 -34.63
N LEU A 83 17.54 -5.43 -35.32
CA LEU A 83 17.09 -6.71 -34.83
C LEU A 83 18.27 -7.65 -34.60
N LYS A 84 19.18 -7.73 -35.58
CA LYS A 84 20.39 -8.53 -35.41
C LYS A 84 21.17 -8.11 -34.17
N GLU A 85 21.22 -6.80 -33.90
CA GLU A 85 21.96 -6.30 -32.74
C GLU A 85 21.35 -6.81 -31.44
N LEU A 86 20.03 -6.75 -31.31
CA LEU A 86 19.39 -7.27 -30.10
C LEU A 86 19.61 -8.78 -30.00
N TYR A 87 19.47 -9.49 -31.11
CA TYR A 87 19.76 -10.91 -31.14
C TYR A 87 21.16 -11.20 -30.60
N THR A 88 22.14 -10.41 -31.04
CA THR A 88 23.51 -10.61 -30.61
C THR A 88 23.66 -10.37 -29.11
N LEU A 89 23.08 -9.27 -28.61
CA LEU A 89 23.19 -8.97 -27.18
C LEU A 89 22.62 -10.10 -26.33
N LEU A 90 21.46 -10.62 -26.72
CA LEU A 90 20.84 -11.68 -25.93
C LEU A 90 21.57 -13.00 -26.10
N ASN A 91 21.98 -13.33 -27.33
CA ASN A 91 22.66 -14.59 -27.58
C ASN A 91 23.95 -14.71 -26.76
N GLU A 92 24.55 -13.58 -26.41
CA GLU A 92 25.82 -13.58 -25.69
C GLU A 92 25.67 -13.23 -24.21
N ASN A 93 24.56 -12.66 -23.79
CA ASN A 93 24.45 -12.14 -22.43
C ASN A 93 23.16 -12.49 -21.69
N TYR A 94 22.20 -13.18 -22.32
CA TYR A 94 20.93 -13.45 -21.65
C TYR A 94 21.04 -14.69 -20.75
N VAL A 95 19.90 -15.25 -20.35
CA VAL A 95 19.88 -16.21 -19.25
C VAL A 95 20.72 -17.45 -19.53
N GLU A 96 21.52 -17.84 -18.54
CA GLU A 96 22.26 -19.09 -18.54
C GLU A 96 21.73 -20.00 -17.42
N ASP A 97 21.98 -21.29 -17.55
CA ASP A 97 21.69 -22.19 -16.45
C ASP A 97 22.66 -21.93 -15.30
N ASP A 98 22.30 -22.39 -14.10
CA ASP A 98 23.09 -22.10 -12.91
C ASP A 98 24.46 -22.78 -12.92
N ASP A 99 24.77 -23.55 -13.96
CA ASP A 99 26.10 -24.13 -14.14
C ASP A 99 26.87 -23.49 -15.27
N ASN A 100 26.29 -22.48 -15.94
CA ASN A 100 26.97 -21.71 -16.98
C ASN A 100 27.39 -22.58 -18.15
N MET A 101 26.54 -23.55 -18.51
CA MET A 101 26.79 -24.44 -19.62
C MET A 101 25.90 -24.20 -20.83
N PHE A 102 24.73 -23.57 -20.63
CA PHE A 102 23.76 -23.34 -21.69
C PHE A 102 23.24 -21.91 -21.56
N ARG A 103 23.05 -21.25 -22.71
CA ARG A 103 22.48 -19.91 -22.75
CA ARG A 103 22.49 -19.90 -22.76
C ARG A 103 21.38 -19.85 -23.78
N PHE A 104 20.28 -19.17 -23.44
CA PHE A 104 19.17 -19.04 -24.37
C PHE A 104 19.64 -18.43 -25.68
N ASP A 105 19.14 -18.98 -26.78
CA ASP A 105 19.47 -18.50 -28.13
C ASP A 105 18.16 -18.16 -28.86
N TYR A 106 17.50 -17.09 -28.40
CA TYR A 106 16.30 -16.61 -29.07
C TYR A 106 16.62 -16.16 -30.49
N SER A 107 15.90 -16.71 -31.46
CA SER A 107 16.12 -16.32 -32.84
C SER A 107 15.58 -14.91 -33.09
N PRO A 108 16.05 -14.24 -34.15
CA PRO A 108 15.46 -12.94 -34.50
C PRO A 108 13.98 -13.01 -34.80
N GLU A 109 13.57 -14.02 -35.57
CA GLU A 109 12.15 -14.18 -35.92
C GLU A 109 11.32 -14.51 -34.69
N PHE A 110 11.89 -15.25 -33.74
CA PHE A 110 11.24 -15.44 -32.44
C PHE A 110 11.05 -14.10 -31.74
N LEU A 111 12.09 -13.27 -31.72
CA LEU A 111 12.03 -12.01 -31.00
C LEU A 111 10.93 -11.11 -31.54
N LEU A 112 10.76 -11.09 -32.87
CA LEU A 112 9.66 -10.32 -33.46
C LEU A 112 8.31 -10.85 -32.99
N TRP A 113 8.17 -12.18 -32.93
CA TRP A 113 6.93 -12.78 -32.45
C TRP A 113 6.66 -12.40 -30.99
N ALA A 114 7.71 -12.41 -30.16
CA ALA A 114 7.52 -12.16 -28.74
C ALA A 114 7.37 -10.67 -28.43
N LEU A 115 7.94 -9.80 -29.27
CA LEU A 115 8.02 -8.38 -28.95
C LEU A 115 7.07 -7.50 -29.75
N ARG A 116 6.48 -8.00 -30.84
CA ARG A 116 5.48 -7.26 -31.60
C ARG A 116 4.13 -7.97 -31.64
N PRO A 117 3.54 -8.31 -30.50
CA PRO A 117 2.16 -8.77 -30.50
C PRO A 117 1.23 -7.59 -30.68
N PRO A 118 -0.07 -7.82 -30.87
CA PRO A 118 -1.02 -6.71 -30.97
C PRO A 118 -0.83 -5.70 -29.83
N GLY A 119 -0.76 -4.43 -30.19
CA GLY A 119 -0.62 -3.37 -29.22
C GLY A 119 0.79 -3.02 -28.80
N TRP A 120 1.80 -3.65 -29.40
CA TRP A 120 3.18 -3.29 -29.08
C TRP A 120 3.45 -1.82 -29.38
N LEU A 121 4.44 -1.26 -28.68
CA LEU A 121 4.84 0.13 -28.83
C LEU A 121 6.36 0.21 -28.96
N PRO A 122 6.85 1.02 -29.90
CA PRO A 122 8.31 1.08 -30.09
C PRO A 122 9.06 1.63 -28.88
N GLN A 123 8.47 2.54 -28.11
CA GLN A 123 9.12 3.07 -26.93
CA GLN A 123 9.16 3.06 -26.94
C GLN A 123 9.30 2.03 -25.83
N TRP A 124 8.58 0.91 -25.92
CA TRP A 124 8.69 -0.17 -24.95
C TRP A 124 9.72 -1.21 -25.36
N HIS A 125 10.50 -0.95 -26.40
CA HIS A 125 11.64 -1.77 -26.79
C HIS A 125 12.88 -0.95 -26.42
N CYS A 126 13.24 -1.01 -25.15
CA CYS A 126 14.09 0.01 -24.52
C CYS A 126 15.53 -0.50 -24.39
N GLY A 127 16.40 0.00 -25.26
CA GLY A 127 17.80 -0.39 -25.20
C GLY A 127 18.73 0.69 -24.69
N VAL A 128 19.93 0.27 -24.29
CA VAL A 128 20.99 1.15 -23.83
C VAL A 128 22.22 0.93 -24.70
N ARG A 129 22.75 2.00 -25.28
CA ARG A 129 23.92 1.92 -26.14
C ARG A 129 25.07 2.68 -25.51
N VAL A 130 26.29 2.32 -25.89
CA VAL A 130 27.46 3.13 -25.58
C VAL A 130 27.49 4.30 -26.54
N VAL A 131 27.69 5.51 -26.01
CA VAL A 131 27.56 6.72 -26.82
C VAL A 131 28.57 6.73 -27.96
N SER A 132 29.82 6.36 -27.67
CA SER A 132 30.88 6.47 -28.66
C SER A 132 30.74 5.39 -29.74
N SER A 133 30.58 4.13 -29.33
CA SER A 133 30.64 3.01 -30.25
C SER A 133 29.27 2.54 -30.72
N ARG A 134 28.18 3.11 -30.20
CA ARG A 134 26.80 2.76 -30.55
C ARG A 134 26.49 1.29 -30.27
N LYS A 135 27.34 0.60 -29.51
CA LYS A 135 27.14 -0.82 -29.26
C LYS A 135 26.05 -1.04 -28.23
N LEU A 136 25.16 -1.99 -28.51
CA LEU A 136 24.07 -2.31 -27.61
C LEU A 136 24.59 -3.07 -26.40
N VAL A 137 24.36 -2.52 -25.20
CA VAL A 137 24.83 -3.15 -23.97
C VAL A 137 23.71 -3.44 -22.98
N GLY A 138 22.48 -3.03 -23.25
CA GLY A 138 21.38 -3.31 -22.34
C GLY A 138 20.05 -3.28 -23.06
N PHE A 139 19.06 -3.93 -22.45
CA PHE A 139 17.73 -3.98 -23.04
C PHE A 139 16.71 -4.33 -21.97
N ILE A 140 15.47 -3.91 -22.21
CA ILE A 140 14.31 -4.36 -21.45
C ILE A 140 13.09 -4.05 -22.29
N SER A 141 12.05 -4.87 -22.16
CA SER A 141 10.88 -4.75 -23.02
C SER A 141 9.59 -4.82 -22.21
N ALA A 142 8.57 -4.17 -22.74
CA ALA A 142 7.21 -4.27 -22.25
C ALA A 142 6.29 -4.60 -23.41
N ILE A 143 5.35 -5.51 -23.19
CA ILE A 143 4.26 -5.73 -24.13
C ILE A 143 2.95 -5.66 -23.36
N PRO A 144 1.86 -5.18 -23.97
CA PRO A 144 0.59 -5.08 -23.24
C PRO A 144 -0.12 -6.42 -23.15
N ALA A 145 -0.83 -6.61 -22.05
CA ALA A 145 -1.62 -7.82 -21.86
C ALA A 145 -2.74 -7.52 -20.88
N ASN A 146 -3.93 -8.04 -21.18
CA ASN A 146 -5.00 -8.02 -20.20
C ASN A 146 -4.84 -9.24 -19.30
N ILE A 147 -4.78 -9.00 -17.99
CA ILE A 147 -4.43 -10.03 -17.02
C ILE A 147 -5.61 -10.21 -16.07
N HIS A 148 -6.05 -11.46 -15.94
CA HIS A 148 -7.04 -11.83 -14.95
C HIS A 148 -6.32 -12.31 -13.70
N ILE A 149 -6.54 -11.63 -12.58
CA ILE A 149 -5.90 -12.01 -11.31
C ILE A 149 -7.00 -12.09 -10.26
N TYR A 150 -7.34 -13.30 -9.84
CA TYR A 150 -8.40 -13.58 -8.88
C TYR A 150 -9.69 -13.03 -9.48
N ASP A 151 -10.45 -12.17 -8.79
CA ASP A 151 -11.68 -11.62 -9.32
C ASP A 151 -11.54 -10.30 -10.05
N THR A 152 -10.33 -9.97 -10.51
CA THR A 152 -10.07 -8.71 -11.18
C THR A 152 -9.37 -8.93 -12.51
N GLU A 153 -9.79 -8.19 -13.52
CA GLU A 153 -9.17 -8.17 -14.84
CA GLU A 153 -9.14 -8.16 -14.83
C GLU A 153 -8.57 -6.78 -15.06
N LYS A 154 -7.26 -6.72 -15.26
CA LYS A 154 -6.55 -5.44 -15.41
C LYS A 154 -5.73 -5.42 -16.68
N LYS A 155 -5.70 -4.26 -17.34
CA LYS A 155 -4.71 -4.01 -18.36
C LYS A 155 -3.33 -3.85 -17.71
N MET A 156 -2.38 -4.68 -18.10
CA MET A 156 -1.03 -4.64 -17.55
C MET A 156 -0.03 -4.63 -18.70
N VAL A 157 1.25 -4.69 -18.33
CA VAL A 157 2.29 -5.04 -19.28
C VAL A 157 3.00 -6.29 -18.76
N GLU A 158 3.62 -7.01 -19.69
CA GLU A 158 4.50 -8.11 -19.37
C GLU A 158 5.91 -7.64 -19.65
N ILE A 159 6.78 -7.69 -18.64
CA ILE A 159 8.17 -7.25 -18.75
C ILE A 159 9.03 -8.49 -19.01
N ASN A 160 9.88 -8.41 -20.02
CA ASN A 160 10.71 -9.55 -20.38
C ASN A 160 11.99 -9.04 -21.04
N PHE A 161 12.96 -9.95 -21.17
CA PHE A 161 14.21 -9.70 -21.89
C PHE A 161 15.05 -8.60 -21.25
N LEU A 162 14.95 -8.46 -19.94
CA LEU A 162 15.88 -7.59 -19.22
C LEU A 162 17.28 -8.18 -19.33
N CYS A 163 18.22 -7.43 -19.89
CA CYS A 163 19.56 -7.94 -20.13
C CYS A 163 20.57 -6.81 -20.02
N VAL A 164 21.64 -7.06 -19.27
CA VAL A 164 22.75 -6.14 -19.15
C VAL A 164 24.01 -6.87 -19.60
N HIS A 165 24.82 -6.23 -20.44
CA HIS A 165 26.03 -6.84 -20.96
C HIS A 165 26.92 -7.37 -19.84
N LYS A 166 27.53 -8.53 -20.09
CA LYS A 166 28.36 -9.18 -19.08
C LYS A 166 29.41 -8.24 -18.51
N LYS A 167 30.02 -7.40 -19.36
CA LYS A 167 31.06 -6.50 -18.87
C LYS A 167 30.51 -5.33 -18.05
N LEU A 168 29.19 -5.17 -17.99
CA LEU A 168 28.57 -4.08 -17.23
C LEU A 168 27.83 -4.59 -15.99
N ARG A 169 28.06 -5.85 -15.60
CA ARG A 169 27.29 -6.47 -14.53
C ARG A 169 27.62 -5.86 -13.18
N SER A 170 26.64 -5.94 -12.27
CA SER A 170 26.80 -5.53 -10.88
C SER A 170 27.19 -4.07 -10.74
N LYS A 171 26.73 -3.23 -11.67
CA LYS A 171 26.96 -1.79 -11.61
C LYS A 171 25.64 -1.02 -11.51
N ARG A 172 24.58 -1.67 -11.04
CA ARG A 172 23.28 -1.03 -10.80
C ARG A 172 22.64 -0.49 -12.07
N VAL A 173 22.91 -1.14 -13.22
CA VAL A 173 22.27 -0.69 -14.46
C VAL A 173 20.85 -1.25 -14.56
N ALA A 174 20.61 -2.45 -14.01
CA ALA A 174 19.26 -3.00 -14.05
C ALA A 174 18.21 -2.12 -13.35
N PRO A 175 18.46 -1.55 -12.17
CA PRO A 175 17.43 -0.65 -11.59
C PRO A 175 17.08 0.52 -12.47
N VAL A 176 18.05 1.05 -13.24
CA VAL A 176 17.75 2.16 -14.14
C VAL A 176 16.86 1.69 -15.28
N LEU A 177 17.17 0.51 -15.85
CA LEU A 177 16.33 -0.04 -16.91
C LEU A 177 14.91 -0.30 -16.42
N ILE A 178 14.78 -0.82 -15.20
CA ILE A 178 13.45 -1.12 -14.67
C ILE A 178 12.68 0.17 -14.40
N ARG A 179 13.34 1.17 -13.82
CA ARG A 179 12.66 2.44 -13.56
C ARG A 179 12.28 3.14 -14.86
N GLU A 180 13.11 3.03 -15.88
CA GLU A 180 12.81 3.70 -17.15
C GLU A 180 11.65 3.03 -17.87
N ILE A 181 11.61 1.70 -17.89
CA ILE A 181 10.47 1.05 -18.54
C ILE A 181 9.19 1.29 -17.72
N THR A 182 9.32 1.36 -16.39
CA THR A 182 8.18 1.73 -15.56
C THR A 182 7.64 3.10 -15.96
N ARG A 183 8.54 4.06 -16.19
CA ARG A 183 8.15 5.41 -16.59
C ARG A 183 7.45 5.40 -17.94
N ARG A 184 8.02 4.67 -18.91
CA ARG A 184 7.44 4.68 -20.26
C ARG A 184 6.10 3.97 -20.30
N VAL A 185 5.89 2.97 -19.43
CA VAL A 185 4.59 2.31 -19.35
C VAL A 185 3.59 3.21 -18.62
N HIS A 186 4.06 3.92 -17.59
CA HIS A 186 3.20 4.89 -16.89
C HIS A 186 2.68 5.96 -17.83
N LEU A 187 3.51 6.39 -18.79
CA LEU A 187 3.08 7.43 -19.71
C LEU A 187 1.88 6.99 -20.54
N GLU A 188 1.75 5.70 -20.80
CA GLU A 188 0.60 5.17 -21.53
C GLU A 188 -0.55 4.80 -20.62
N GLY A 189 -0.49 5.18 -19.34
CA GLY A 189 -1.62 4.97 -18.45
C GLY A 189 -1.80 3.56 -17.93
N ILE A 190 -0.72 2.79 -17.84
CA ILE A 190 -0.75 1.45 -17.27
C ILE A 190 0.10 1.46 -16.02
N PHE A 191 -0.43 0.87 -14.93
CA PHE A 191 0.21 0.98 -13.63
C PHE A 191 0.41 -0.36 -12.94
N GLN A 192 0.18 -1.47 -13.64
CA GLN A 192 0.44 -2.80 -13.13
C GLN A 192 1.25 -3.58 -14.14
N ALA A 193 1.99 -4.58 -13.65
CA ALA A 193 2.86 -5.36 -14.50
C ALA A 193 2.96 -6.78 -13.94
N VAL A 194 3.22 -7.72 -14.83
CA VAL A 194 3.48 -9.10 -14.45
C VAL A 194 4.83 -9.50 -15.05
N TYR A 195 5.58 -10.31 -14.30
CA TYR A 195 6.90 -10.74 -14.76
C TYR A 195 7.31 -11.99 -13.98
N THR A 196 8.28 -12.71 -14.55
CA THR A 196 8.87 -13.87 -13.90
C THR A 196 10.37 -13.66 -13.77
N ALA A 197 10.95 -14.36 -12.79
CA ALA A 197 12.39 -14.36 -12.61
C ALA A 197 12.78 -15.65 -11.89
N GLY A 198 13.97 -16.15 -12.20
CA GLY A 198 14.52 -17.28 -11.49
C GLY A 198 15.08 -16.96 -10.12
N VAL A 199 15.19 -15.69 -9.76
CA VAL A 199 15.68 -15.28 -8.46
C VAL A 199 14.50 -14.79 -7.62
N VAL A 200 14.68 -14.85 -6.30
CA VAL A 200 13.61 -14.52 -5.36
C VAL A 200 13.67 -13.04 -5.05
N LEU A 201 12.60 -12.32 -5.39
CA LEU A 201 12.47 -10.90 -5.10
C LEU A 201 11.21 -10.67 -4.26
N PRO A 202 11.01 -9.49 -3.69
CA PRO A 202 9.69 -9.17 -3.12
C PRO A 202 8.71 -8.87 -4.24
N LYS A 203 7.61 -9.63 -4.32
CA LYS A 203 7.33 -10.83 -3.53
C LYS A 203 6.53 -11.78 -4.43
N PRO A 204 6.94 -13.04 -4.51
CA PRO A 204 6.32 -13.95 -5.49
C PRO A 204 4.83 -14.14 -5.23
N VAL A 205 4.04 -14.02 -6.30
CA VAL A 205 2.64 -14.42 -6.23
C VAL A 205 2.50 -15.92 -6.48
N GLY A 206 3.51 -16.53 -7.09
CA GLY A 206 3.52 -17.97 -7.28
C GLY A 206 4.93 -18.45 -7.56
N THR A 207 5.22 -19.68 -7.14
CA THR A 207 6.51 -20.31 -7.36
C THR A 207 6.29 -21.64 -8.04
N CYS A 208 7.00 -21.86 -9.13
CA CYS A 208 6.86 -23.08 -9.91
C CYS A 208 8.23 -23.71 -10.13
N GLN A 209 8.22 -24.99 -10.54
CA GLN A 209 9.44 -25.73 -10.79
C GLN A 209 9.53 -26.11 -12.26
N TYR A 210 10.76 -26.19 -12.76
CA TYR A 210 11.00 -26.61 -14.14
C TYR A 210 11.09 -28.12 -14.22
N PHE A 211 10.49 -28.68 -15.26
CA PHE A 211 10.56 -30.10 -15.57
C PHE A 211 10.94 -30.27 -17.03
N HIS A 212 11.76 -31.28 -17.32
CA HIS A 212 12.17 -31.55 -18.68
C HIS A 212 11.85 -33.00 -19.03
N ARG A 213 11.70 -33.27 -20.32
CA ARG A 213 11.43 -34.62 -20.81
C ARG A 213 12.44 -34.93 -21.91
N SER A 214 13.37 -35.83 -21.60
CA SER A 214 14.41 -36.19 -22.54
CA SER A 214 14.40 -36.20 -22.55
C SER A 214 13.79 -36.79 -23.81
N LEU A 215 14.24 -36.29 -24.96
CA LEU A 215 13.83 -36.79 -26.27
C LEU A 215 14.99 -37.40 -27.04
N ASN A 216 16.19 -36.86 -26.86
CA ASN A 216 17.42 -37.40 -27.44
C ASN A 216 18.39 -37.60 -26.27
N PRO A 217 18.18 -38.65 -25.47
CA PRO A 217 18.95 -38.77 -24.22
C PRO A 217 20.44 -38.94 -24.43
N ARG A 218 20.88 -39.44 -25.58
CA ARG A 218 22.31 -39.57 -25.83
C ARG A 218 22.97 -38.19 -25.88
N LYS A 219 22.41 -37.28 -26.69
CA LYS A 219 22.96 -35.93 -26.78
C LYS A 219 22.89 -35.21 -25.45
N LEU A 220 21.76 -35.34 -24.73
CA LEU A 220 21.62 -34.67 -23.44
C LEU A 220 22.70 -35.11 -22.46
N ILE A 221 23.02 -36.41 -22.44
CA ILE A 221 24.09 -36.89 -21.57
C ILE A 221 25.44 -36.47 -22.10
N GLU A 222 25.61 -36.50 -23.43
CA GLU A 222 26.89 -36.12 -24.04
C GLU A 222 27.24 -34.65 -23.77
N VAL A 223 26.24 -33.79 -23.57
CA VAL A 223 26.47 -32.39 -23.24
C VAL A 223 26.23 -32.10 -21.77
N LYS A 224 26.12 -33.13 -20.94
CA LYS A 224 25.92 -33.01 -19.50
C LYS A 224 24.70 -32.17 -19.14
N PHE A 225 23.70 -32.11 -20.04
CA PHE A 225 22.39 -31.65 -19.63
C PHE A 225 21.75 -32.65 -18.67
N SER A 226 21.92 -33.94 -18.95
CA SER A 226 21.45 -35.02 -18.11
C SER A 226 22.62 -35.90 -17.72
N HIS A 227 22.42 -36.73 -16.70
CA HIS A 227 23.41 -37.70 -16.28
C HIS A 227 22.82 -39.10 -16.36
N LEU A 228 23.69 -40.09 -16.49
CA LEU A 228 23.24 -41.48 -16.50
C LEU A 228 22.69 -41.85 -15.12
N SER A 229 21.54 -42.52 -15.11
CA SER A 229 20.82 -42.80 -13.88
C SER A 229 21.52 -43.82 -12.99
N ARG A 230 20.80 -44.37 -12.02
CA ARG A 230 21.36 -45.26 -11.02
C ARG A 230 21.72 -46.60 -11.64
N ASN A 231 23.01 -46.80 -11.91
CA ASN A 231 23.54 -48.07 -12.41
C ASN A 231 22.82 -48.54 -13.67
N MET A 232 22.38 -47.59 -14.49
CA MET A 232 21.68 -47.89 -15.73
C MET A 232 22.57 -47.53 -16.91
N THR A 233 22.51 -48.36 -17.96
CA THR A 233 23.37 -48.16 -19.12
C THR A 233 22.80 -47.11 -20.06
N MET A 234 23.58 -46.79 -21.08
CA MET A 234 23.10 -45.88 -22.13
C MET A 234 22.01 -46.54 -22.96
N GLN A 235 22.16 -47.84 -23.25
CA GLN A 235 21.15 -48.53 -24.05
C GLN A 235 19.84 -48.66 -23.30
N ARG A 236 19.88 -48.94 -21.99
CA ARG A 236 18.66 -48.97 -21.20
C ARG A 236 18.02 -47.59 -21.14
N THR A 237 18.84 -46.54 -21.00
CA THR A 237 18.31 -45.18 -20.92
C THR A 237 17.56 -44.82 -22.20
N MET A 238 18.13 -45.15 -23.36
CA MET A 238 17.54 -44.73 -24.63
C MET A 238 16.18 -45.39 -24.85
N LYS A 239 16.01 -46.63 -24.42
CA LYS A 239 14.71 -47.27 -24.58
C LYS A 239 13.76 -46.99 -23.43
N LEU A 240 14.25 -46.49 -22.30
CA LEU A 240 13.33 -45.97 -21.31
C LEU A 240 12.59 -44.75 -21.83
N TYR A 241 13.25 -43.93 -22.66
CA TYR A 241 12.69 -42.69 -23.17
C TYR A 241 12.24 -42.79 -24.63
N ARG A 242 12.24 -43.98 -25.23
CA ARG A 242 11.72 -44.13 -26.58
C ARG A 242 10.27 -43.66 -26.66
N LEU A 243 9.91 -43.12 -27.82
CA LEU A 243 8.56 -42.63 -28.03
C LEU A 243 7.99 -43.24 -29.29
N PRO A 244 6.65 -43.36 -29.37
CA PRO A 244 6.03 -43.76 -30.64
C PRO A 244 6.46 -42.85 -31.78
N GLU A 245 6.32 -43.32 -33.02
CA GLU A 245 6.80 -42.59 -34.17
C GLU A 245 5.72 -41.74 -34.81
N THR A 246 4.46 -41.93 -34.44
CA THR A 246 3.36 -41.08 -34.86
C THR A 246 2.46 -40.82 -33.65
N PRO A 247 1.75 -39.69 -33.64
CA PRO A 247 0.86 -39.40 -32.52
C PRO A 247 -0.32 -40.37 -32.46
N LYS A 248 -0.88 -40.48 -31.25
CA LYS A 248 -1.98 -41.41 -31.01
C LYS A 248 -3.35 -40.77 -31.26
N THR A 249 -3.54 -39.52 -30.87
CA THR A 249 -4.88 -38.92 -30.85
C THR A 249 -5.46 -38.84 -32.26
N ALA A 250 -6.72 -39.25 -32.37
CA ALA A 250 -7.45 -39.25 -33.63
C ALA A 250 -7.92 -37.85 -33.98
N GLY A 251 -7.50 -37.35 -35.15
CA GLY A 251 -7.92 -36.05 -35.61
C GLY A 251 -6.91 -34.94 -35.43
N LEU A 252 -5.74 -35.25 -34.86
CA LEU A 252 -4.71 -34.25 -34.66
C LEU A 252 -4.22 -33.72 -36.00
N ARG A 253 -4.14 -32.40 -36.12
CA ARG A 253 -3.65 -31.74 -37.33
C ARG A 253 -3.15 -30.35 -36.95
N PRO A 254 -2.30 -29.75 -37.76
CA PRO A 254 -1.83 -28.39 -37.44
C PRO A 254 -2.96 -27.38 -37.49
N MET A 255 -2.89 -26.41 -36.58
CA MET A 255 -3.86 -25.33 -36.54
C MET A 255 -3.85 -24.55 -37.85
N GLU A 256 -5.05 -24.20 -38.33
CA GLU A 256 -5.21 -23.36 -39.50
C GLU A 256 -6.04 -22.13 -39.15
N THR A 257 -6.10 -21.19 -40.09
CA THR A 257 -6.82 -19.94 -39.89
C THR A 257 -8.26 -20.18 -39.47
N LYS A 258 -8.91 -21.18 -40.07
CA LYS A 258 -10.29 -21.49 -39.72
C LYS A 258 -10.47 -21.84 -38.24
N ASP A 259 -9.40 -22.28 -37.56
CA ASP A 259 -9.49 -22.69 -36.17
C ASP A 259 -9.35 -21.54 -35.18
N ILE A 260 -8.95 -20.36 -35.62
CA ILE A 260 -8.72 -19.24 -34.69
C ILE A 260 -9.88 -19.03 -33.73
N PRO A 261 -11.14 -18.92 -34.18
CA PRO A 261 -12.23 -18.68 -33.21
C PRO A 261 -12.39 -19.80 -32.18
N VAL A 262 -12.39 -21.07 -32.61
CA VAL A 262 -12.61 -22.13 -31.64
C VAL A 262 -11.41 -22.27 -30.70
N VAL A 263 -10.19 -22.05 -31.19
CA VAL A 263 -9.03 -22.05 -30.30
C VAL A 263 -9.17 -20.94 -29.27
N HIS A 264 -9.58 -19.75 -29.71
CA HIS A 264 -9.88 -18.66 -28.80
C HIS A 264 -10.95 -19.07 -27.79
N GLN A 265 -12.02 -19.72 -28.26
CA GLN A 265 -13.09 -20.13 -27.36
C GLN A 265 -12.61 -21.19 -26.38
N LEU A 266 -11.89 -22.20 -26.87
CA LEU A 266 -11.38 -23.26 -26.00
C LEU A 266 -10.49 -22.68 -24.91
N LEU A 267 -9.56 -21.81 -25.30
CA LEU A 267 -8.62 -21.26 -24.33
C LEU A 267 -9.33 -20.41 -23.27
N THR A 268 -10.25 -19.55 -23.70
CA THR A 268 -10.91 -18.65 -22.75
C THR A 268 -11.66 -19.44 -21.68
N ARG A 269 -12.41 -20.47 -22.09
CA ARG A 269 -13.18 -21.24 -21.13
C ARG A 269 -12.27 -22.07 -20.22
N TYR A 270 -11.19 -22.63 -20.77
CA TYR A 270 -10.29 -23.46 -19.98
C TYR A 270 -9.59 -22.65 -18.90
N LEU A 271 -9.14 -21.44 -19.23
CA LEU A 271 -8.35 -20.65 -18.29
C LEU A 271 -9.16 -20.14 -17.09
N LYS A 272 -10.50 -20.21 -17.15
CA LYS A 272 -11.32 -19.68 -16.07
C LYS A 272 -11.07 -20.36 -14.74
N GLN A 273 -10.56 -21.59 -14.74
CA GLN A 273 -10.36 -22.35 -13.51
C GLN A 273 -9.11 -21.93 -12.74
N PHE A 274 -8.23 -21.14 -13.33
CA PHE A 274 -7.00 -20.73 -12.68
C PHE A 274 -7.12 -19.31 -12.16
N HIS A 275 -6.11 -18.88 -11.39
CA HIS A 275 -6.16 -17.62 -10.66
C HIS A 275 -5.33 -16.50 -11.27
N LEU A 276 -4.36 -16.83 -12.13
CA LEU A 276 -3.56 -15.82 -12.81
C LEU A 276 -3.44 -16.26 -14.27
N THR A 277 -4.13 -15.56 -15.17
CA THR A 277 -4.24 -15.99 -16.55
C THR A 277 -4.22 -14.77 -17.46
N PRO A 278 -3.85 -14.95 -18.72
CA PRO A 278 -4.08 -13.90 -19.71
C PRO A 278 -5.52 -13.93 -20.20
N VAL A 279 -5.96 -12.77 -20.67
CA VAL A 279 -7.28 -12.61 -21.27
C VAL A 279 -7.03 -12.15 -22.70
N MET A 280 -7.02 -13.10 -23.63
CA MET A 280 -6.61 -12.80 -24.99
C MET A 280 -7.80 -12.41 -25.87
N SER A 281 -7.62 -11.38 -26.68
CA SER A 281 -8.53 -11.15 -27.77
C SER A 281 -8.36 -12.24 -28.83
N GLN A 282 -9.29 -12.29 -29.77
CA GLN A 282 -9.15 -13.24 -30.88
C GLN A 282 -7.95 -12.87 -31.75
N GLU A 283 -7.64 -11.58 -31.87
CA GLU A 283 -6.43 -11.18 -32.59
C GLU A 283 -5.18 -11.62 -31.86
N GLU A 284 -5.19 -11.58 -30.52
CA GLU A 284 -4.04 -12.07 -29.75
C GLU A 284 -3.90 -13.57 -29.87
N VAL A 285 -5.03 -14.29 -29.92
CA VAL A 285 -4.99 -15.75 -30.07
C VAL A 285 -4.33 -16.12 -31.38
N GLU A 286 -4.65 -15.40 -32.45
CA GLU A 286 -4.00 -15.63 -33.74
C GLU A 286 -2.50 -15.39 -33.65
N HIS A 287 -2.09 -14.31 -33.01
CA HIS A 287 -0.66 -14.01 -32.93
C HIS A 287 0.09 -15.09 -32.17
N TRP A 288 -0.43 -15.48 -31.01
CA TRP A 288 0.32 -16.38 -30.14
C TRP A 288 0.26 -17.84 -30.55
N PHE A 289 -0.73 -18.24 -31.34
CA PHE A 289 -0.93 -19.67 -31.61
C PHE A 289 -0.87 -20.07 -33.08
N TYR A 290 -1.10 -19.17 -34.02
CA TYR A 290 -1.03 -19.55 -35.42
C TYR A 290 0.37 -20.05 -35.74
N PRO A 291 0.53 -21.27 -36.26
CA PRO A 291 1.86 -21.87 -36.36
C PRO A 291 2.82 -21.06 -37.22
N GLN A 292 4.04 -20.88 -36.70
CA GLN A 292 5.14 -20.29 -37.43
C GLN A 292 6.34 -21.22 -37.26
N GLU A 293 6.85 -21.75 -38.36
CA GLU A 293 7.90 -22.77 -38.26
C GLU A 293 9.12 -22.21 -37.54
N ASN A 294 9.70 -23.02 -36.66
CA ASN A 294 10.83 -22.70 -35.81
C ASN A 294 10.50 -21.63 -34.78
N ILE A 295 9.22 -21.33 -34.56
CA ILE A 295 8.82 -20.35 -33.56
C ILE A 295 7.73 -20.93 -32.65
N ILE A 296 6.58 -21.28 -33.23
CA ILE A 296 5.43 -21.71 -32.44
C ILE A 296 4.68 -22.79 -33.21
N ASP A 297 4.36 -23.89 -32.53
CA ASP A 297 3.62 -24.99 -33.13
C ASP A 297 2.34 -25.21 -32.33
N THR A 298 1.22 -25.25 -33.03
CA THR A 298 -0.08 -25.52 -32.43
C THR A 298 -0.78 -26.60 -33.26
N PHE A 299 -1.25 -27.63 -32.57
CA PHE A 299 -1.98 -28.73 -33.19
C PHE A 299 -3.34 -28.82 -32.51
N VAL A 300 -4.40 -28.92 -33.32
CA VAL A 300 -5.74 -29.10 -32.79
C VAL A 300 -6.19 -30.53 -33.04
N VAL A 301 -7.15 -30.99 -32.23
CA VAL A 301 -7.85 -32.25 -32.46
C VAL A 301 -9.20 -31.92 -33.09
N GLU A 302 -9.38 -32.29 -34.36
CA GLU A 302 -10.65 -32.20 -35.05
C GLU A 302 -11.26 -33.59 -35.08
N ASN A 303 -12.38 -33.77 -34.38
CA ASN A 303 -12.93 -35.11 -34.14
C ASN A 303 -13.72 -35.59 -35.37
N ALA A 304 -14.39 -36.75 -35.22
CA ALA A 304 -15.11 -37.36 -36.33
C ALA A 304 -16.33 -36.56 -36.75
N ASN A 305 -16.81 -35.65 -35.90
CA ASN A 305 -17.87 -34.72 -36.26
C ASN A 305 -17.34 -33.45 -36.90
N GLY A 306 -16.02 -33.31 -37.04
CA GLY A 306 -15.44 -32.13 -37.64
C GLY A 306 -15.28 -30.94 -36.72
N GLU A 307 -15.51 -31.10 -35.42
CA GLU A 307 -15.32 -30.00 -34.49
C GLU A 307 -14.00 -30.14 -33.73
N VAL A 308 -13.42 -28.99 -33.39
CA VAL A 308 -12.15 -28.93 -32.68
C VAL A 308 -12.44 -28.94 -31.18
N THR A 309 -11.96 -29.98 -30.50
CA THR A 309 -12.26 -30.18 -29.09
C THR A 309 -11.06 -30.00 -28.17
N ASP A 310 -9.84 -29.98 -28.71
CA ASP A 310 -8.62 -29.87 -27.91
C ASP A 310 -7.55 -29.19 -28.75
N PHE A 311 -6.53 -28.64 -28.08
CA PHE A 311 -5.33 -28.24 -28.81
C PHE A 311 -4.12 -28.28 -27.89
N LEU A 312 -2.95 -28.47 -28.49
CA LEU A 312 -1.67 -28.42 -27.81
C LEU A 312 -0.78 -27.43 -28.53
N SER A 313 0.20 -26.88 -27.80
CA SER A 313 1.11 -25.92 -28.41
C SER A 313 2.43 -25.89 -27.66
N PHE A 314 3.51 -25.63 -28.40
CA PHE A 314 4.83 -25.46 -27.83
C PHE A 314 5.65 -24.54 -28.72
N TYR A 315 6.53 -23.74 -28.11
CA TYR A 315 7.38 -22.84 -28.87
C TYR A 315 8.81 -23.36 -28.95
N THR A 316 9.54 -22.86 -29.95
CA THR A 316 10.89 -23.31 -30.26
C THR A 316 11.90 -22.33 -29.64
N LEU A 317 12.68 -22.83 -28.67
CA LEU A 317 13.68 -22.01 -28.00
C LEU A 317 14.92 -22.86 -27.70
N PRO A 318 15.91 -22.85 -28.59
CA PRO A 318 17.13 -23.60 -28.34
C PRO A 318 18.08 -22.87 -27.42
N SER A 319 19.05 -23.61 -26.89
CA SER A 319 20.08 -23.08 -26.02
C SER A 319 21.45 -23.28 -26.65
N THR A 320 22.30 -22.25 -26.58
CA THR A 320 23.68 -22.40 -26.99
C THR A 320 24.42 -23.28 -26.01
N ILE A 321 25.18 -24.24 -26.51
CA ILE A 321 26.01 -25.10 -25.67
C ILE A 321 27.41 -24.51 -25.66
N MET A 322 27.86 -24.06 -24.49
CA MET A 322 29.08 -23.29 -24.38
C MET A 322 30.30 -24.20 -24.43
N ASN A 323 31.26 -23.85 -25.28
CA ASN A 323 32.57 -24.50 -25.34
C ASN A 323 32.44 -26.00 -25.55
N HIS A 324 31.82 -26.39 -26.66
CA HIS A 324 31.75 -27.79 -27.07
C HIS A 324 32.10 -27.88 -28.54
N PRO A 325 33.10 -28.67 -28.93
CA PRO A 325 33.56 -28.66 -30.32
C PRO A 325 32.58 -29.27 -31.30
N THR A 326 31.74 -30.22 -30.88
CA THR A 326 30.82 -30.89 -31.79
C THR A 326 29.38 -30.40 -31.62
N HIS A 327 28.83 -30.51 -30.42
CA HIS A 327 27.45 -30.08 -30.17
C HIS A 327 27.42 -28.59 -29.88
N LYS A 328 26.70 -27.83 -30.70
CA LYS A 328 26.66 -26.38 -30.60
C LYS A 328 25.37 -25.83 -30.03
N SER A 329 24.25 -26.55 -30.16
CA SER A 329 22.97 -26.03 -29.73
CA SER A 329 22.96 -26.03 -29.75
C SER A 329 22.11 -27.15 -29.18
N LEU A 330 21.34 -26.82 -28.16
CA LEU A 330 20.37 -27.74 -27.56
C LEU A 330 18.99 -27.34 -28.05
N LYS A 331 18.45 -28.12 -28.98
CA LYS A 331 17.15 -27.78 -29.57
C LYS A 331 16.05 -28.21 -28.62
N ALA A 332 15.34 -27.23 -28.05
CA ALA A 332 14.37 -27.48 -27.00
C ALA A 332 13.01 -26.90 -27.36
N ALA A 333 11.96 -27.61 -26.96
CA ALA A 333 10.58 -27.18 -27.13
C ALA A 333 9.99 -26.92 -25.74
N TYR A 334 9.19 -25.85 -25.64
CA TYR A 334 8.60 -25.46 -24.37
C TYR A 334 7.09 -25.56 -24.45
N SER A 335 6.50 -26.31 -23.51
CA SER A 335 5.05 -26.36 -23.38
C SER A 335 4.49 -24.95 -23.27
N PHE A 336 3.42 -24.68 -24.03
CA PHE A 336 2.82 -23.36 -24.07
C PHE A 336 1.42 -23.30 -23.47
N TYR A 337 0.37 -23.62 -24.22
CA TYR A 337 -0.98 -23.69 -23.66
C TYR A 337 -1.56 -24.95 -24.26
N ASN A 338 -2.14 -25.80 -23.41
CA ASN A 338 -2.70 -27.08 -23.82
C ASN A 338 -4.08 -27.22 -23.21
N VAL A 339 -5.11 -27.29 -24.06
CA VAL A 339 -6.49 -27.28 -23.62
C VAL A 339 -7.13 -28.62 -24.01
N HIS A 340 -7.75 -29.27 -23.03
CA HIS A 340 -8.42 -30.56 -23.23
C HIS A 340 -9.87 -30.45 -22.79
N THR A 341 -10.79 -30.92 -23.63
CA THR A 341 -12.19 -31.01 -23.25
C THR A 341 -12.74 -32.40 -23.50
N GLN A 342 -12.16 -33.12 -24.46
CA GLN A 342 -12.59 -34.49 -24.73
C GLN A 342 -11.43 -35.47 -24.83
N THR A 343 -10.30 -35.06 -25.40
CA THR A 343 -9.10 -35.89 -25.35
C THR A 343 -8.47 -35.78 -23.96
N PRO A 344 -8.14 -36.90 -23.32
CA PRO A 344 -7.48 -36.82 -22.01
C PRO A 344 -6.20 -36.00 -22.10
N LEU A 345 -5.93 -35.24 -21.03
CA LEU A 345 -4.72 -34.41 -21.02
C LEU A 345 -3.48 -35.27 -21.16
N LEU A 346 -3.45 -36.41 -20.47
CA LEU A 346 -2.35 -37.36 -20.60
C LEU A 346 -2.09 -37.71 -22.07
N ASP A 347 -3.16 -37.97 -22.82
CA ASP A 347 -3.00 -38.28 -24.24
C ASP A 347 -2.48 -37.09 -25.03
N LEU A 348 -2.98 -35.89 -24.74
CA LEU A 348 -2.52 -34.70 -25.46
C LEU A 348 -1.03 -34.50 -25.29
N MET A 349 -0.53 -34.55 -24.05
CA MET A 349 0.87 -34.26 -23.82
C MET A 349 1.78 -35.35 -24.37
N SER A 350 1.32 -36.61 -24.40
CA SER A 350 2.11 -37.64 -25.05
CA SER A 350 2.09 -37.66 -25.05
C SER A 350 2.33 -37.32 -26.52
N ASP A 351 1.26 -36.89 -27.21
CA ASP A 351 1.40 -36.53 -28.61
C ASP A 351 2.24 -35.27 -28.79
N ALA A 352 2.19 -34.34 -27.84
CA ALA A 352 3.11 -33.20 -27.88
C ALA A 352 4.56 -33.67 -27.87
N LEU A 353 4.88 -34.64 -27.00
CA LEU A 353 6.23 -35.21 -26.97
C LEU A 353 6.58 -35.88 -28.29
N VAL A 354 5.70 -36.74 -28.78
CA VAL A 354 5.92 -37.42 -30.06
C VAL A 354 6.16 -36.41 -31.17
N LEU A 355 5.33 -35.36 -31.21
CA LEU A 355 5.48 -34.35 -32.26
C LEU A 355 6.80 -33.61 -32.13
N ALA A 356 7.17 -33.23 -30.91
CA ALA A 356 8.46 -32.58 -30.70
C ALA A 356 9.59 -33.49 -31.15
N LYS A 357 9.55 -34.76 -30.75
CA LYS A 357 10.57 -35.72 -31.18
C LYS A 357 10.62 -35.80 -32.70
N MET A 358 9.47 -35.98 -33.36
CA MET A 358 9.41 -35.96 -34.81
C MET A 358 10.09 -34.73 -35.39
N LYS A 359 9.86 -33.57 -34.78
CA LYS A 359 10.39 -32.31 -35.29
C LYS A 359 11.87 -32.14 -34.99
N GLY A 360 12.50 -33.06 -34.27
CA GLY A 360 13.93 -33.01 -34.06
C GLY A 360 14.38 -32.31 -32.80
N PHE A 361 13.48 -32.07 -31.84
CA PHE A 361 13.88 -31.48 -30.58
C PHE A 361 14.66 -32.48 -29.74
N ASP A 362 15.57 -31.95 -28.91
CA ASP A 362 16.34 -32.78 -27.99
C ASP A 362 15.64 -32.95 -26.65
N VAL A 363 14.81 -31.98 -26.25
CA VAL A 363 14.18 -32.01 -24.95
C VAL A 363 12.88 -31.21 -25.02
N PHE A 364 11.94 -31.56 -24.16
CA PHE A 364 10.65 -30.89 -24.06
C PHE A 364 10.54 -30.35 -22.64
N ASN A 365 10.43 -29.04 -22.52
CA ASN A 365 10.50 -28.34 -21.24
C ASN A 365 9.12 -27.81 -20.88
N MET A 366 8.84 -27.76 -19.57
CA MET A 366 7.61 -27.17 -19.11
C MET A 366 7.79 -26.71 -17.67
N VAL A 367 6.81 -25.95 -17.21
CA VAL A 367 6.70 -25.52 -15.83
C VAL A 367 5.49 -26.21 -15.23
N ASP A 368 5.55 -26.52 -13.94
CA ASP A 368 4.47 -27.30 -13.32
C ASP A 368 3.24 -26.45 -12.98
N LEU A 369 2.90 -25.49 -13.84
CA LEU A 369 1.69 -24.70 -13.66
C LEU A 369 0.48 -25.45 -14.21
N MET A 370 -0.70 -24.86 -14.04
CA MET A 370 -1.98 -25.40 -14.50
C MET A 370 -2.10 -26.85 -14.03
N GLU A 371 -2.38 -27.81 -14.90
CA GLU A 371 -2.46 -29.22 -14.52
C GLU A 371 -1.23 -30.01 -14.91
N ASN A 372 -0.09 -29.33 -15.14
CA ASN A 372 1.08 -30.00 -15.68
C ASN A 372 1.64 -31.05 -14.71
N LYS A 373 1.42 -30.86 -13.40
CA LYS A 373 1.91 -31.84 -12.42
C LYS A 373 1.26 -33.21 -12.60
N THR A 374 0.07 -33.27 -13.18
CA THR A 374 -0.69 -34.51 -13.24
C THR A 374 -0.08 -35.55 -14.16
N PHE A 375 0.80 -35.15 -15.10
CA PHE A 375 1.40 -36.09 -16.03
C PHE A 375 2.93 -36.12 -15.95
N VAL A 376 3.52 -35.58 -14.89
CA VAL A 376 4.98 -35.56 -14.77
C VAL A 376 5.52 -36.98 -14.69
N GLU A 377 4.94 -37.80 -13.81
CA GLU A 377 5.46 -39.14 -13.60
C GLU A 377 5.11 -40.06 -14.77
N LYS A 378 3.84 -40.08 -15.17
CA LYS A 378 3.41 -40.96 -16.26
C LYS A 378 4.26 -40.78 -17.51
N LEU A 379 4.55 -39.54 -17.87
CA LEU A 379 5.25 -39.24 -19.11
C LEU A 379 6.76 -39.11 -18.93
N LYS A 380 7.27 -39.40 -17.72
CA LYS A 380 8.71 -39.54 -17.46
C LYS A 380 9.45 -38.20 -17.56
N PHE A 381 8.83 -37.12 -17.08
CA PHE A 381 9.55 -35.87 -16.96
C PHE A 381 10.55 -35.93 -15.81
N GLY A 382 11.63 -35.18 -15.94
CA GLY A 382 12.65 -35.08 -14.90
C GLY A 382 12.73 -33.67 -14.35
N ILE A 383 12.96 -33.57 -13.04
CA ILE A 383 12.94 -32.27 -12.38
C ILE A 383 14.18 -31.48 -12.74
N GLY A 384 14.02 -30.18 -12.93
CA GLY A 384 15.13 -29.27 -13.15
C GLY A 384 15.49 -28.51 -11.88
N ASP A 385 16.59 -27.78 -11.98
CA ASP A 385 17.08 -27.02 -10.82
C ASP A 385 16.40 -25.65 -10.75
N GLY A 386 16.53 -25.02 -9.59
CA GLY A 386 15.97 -23.70 -9.38
C GLY A 386 14.44 -23.68 -9.43
N HIS A 387 13.91 -22.46 -9.35
CA HIS A 387 12.48 -22.23 -9.39
C HIS A 387 12.17 -21.06 -10.31
N LEU A 388 10.94 -21.02 -10.81
CA LEU A 388 10.43 -19.89 -11.57
C LEU A 388 9.44 -19.14 -10.69
N GLN A 389 9.79 -17.93 -10.31
CA GLN A 389 8.91 -17.09 -9.49
CA GLN A 389 8.91 -17.09 -9.49
C GLN A 389 8.08 -16.18 -10.38
N TYR A 390 6.80 -16.06 -10.04
CA TYR A 390 5.87 -15.17 -10.72
C TYR A 390 5.62 -13.95 -9.84
N TYR A 391 5.66 -12.75 -10.43
CA TYR A 391 5.51 -11.51 -9.69
C TYR A 391 4.50 -10.58 -10.36
N LEU A 392 3.80 -9.81 -9.53
CA LEU A 392 2.99 -8.69 -9.96
C LEU A 392 3.57 -7.39 -9.39
N TYR A 393 3.49 -6.32 -10.18
CA TYR A 393 3.98 -5.01 -9.80
C TYR A 393 2.79 -4.11 -9.47
N ASN A 394 2.81 -3.51 -8.29
CA ASN A 394 1.76 -2.60 -7.84
C ASN A 394 0.41 -3.31 -7.74
N TRP A 395 0.42 -4.53 -7.22
CA TRP A 395 -0.81 -5.28 -6.98
C TRP A 395 -0.58 -6.24 -5.83
N LYS A 396 -1.33 -6.05 -4.74
CA LYS A 396 -1.25 -6.88 -3.56
C LYS A 396 -2.36 -7.93 -3.63
N CYS A 397 -2.01 -9.20 -3.49
CA CYS A 397 -2.99 -10.28 -3.51
C CYS A 397 -2.37 -11.51 -2.89
N PRO A 398 -3.18 -12.43 -2.38
CA PRO A 398 -2.63 -13.67 -1.81
C PRO A 398 -1.86 -14.45 -2.85
N SER A 399 -0.78 -15.10 -2.40
CA SER A 399 -0.04 -15.99 -3.30
C SER A 399 -0.88 -17.22 -3.60
N MET A 400 -0.41 -18.01 -4.57
CA MET A 400 -1.14 -19.17 -5.03
C MET A 400 -0.17 -20.30 -5.34
N GLY A 401 -0.65 -21.53 -5.20
CA GLY A 401 0.14 -22.67 -5.61
C GLY A 401 0.35 -22.69 -7.11
N ALA A 402 1.34 -23.49 -7.54
CA ALA A 402 1.70 -23.52 -8.95
C ALA A 402 0.54 -23.98 -9.84
N GLU A 403 -0.34 -24.83 -9.31
CA GLU A 403 -1.41 -25.39 -10.13
C GLU A 403 -2.51 -24.37 -10.44
N LYS A 404 -2.53 -23.23 -9.75
CA LYS A 404 -3.45 -22.16 -10.04
C LYS A 404 -2.84 -21.07 -10.91
N VAL A 405 -1.58 -21.20 -11.29
CA VAL A 405 -0.97 -20.29 -12.25
C VAL A 405 -1.33 -20.76 -13.65
N GLY A 406 -1.95 -19.89 -14.44
CA GLY A 406 -2.35 -20.24 -15.78
C GLY A 406 -1.83 -19.25 -16.80
N LEU A 407 -0.58 -18.80 -16.60
CA LEU A 407 0.05 -17.80 -17.44
C LEU A 407 1.45 -18.27 -17.79
N VAL A 408 1.74 -18.37 -19.08
CA VAL A 408 3.03 -18.86 -19.56
C VAL A 408 3.76 -17.72 -20.24
N MET A 409 4.98 -17.44 -19.81
CA MET A 409 5.80 -16.38 -20.36
C MET A 409 6.84 -16.97 -21.33
N LEU A 410 7.29 -16.13 -22.24
CA LEU A 410 8.26 -16.54 -23.26
C LEU A 410 9.70 -16.33 -22.79
N ARG B 29 -42.78 3.61 -32.75
CA ARG B 29 -41.65 3.54 -33.67
C ARG B 29 -40.88 2.24 -33.49
N SER B 30 -40.63 1.56 -34.60
CA SER B 30 -39.86 0.32 -34.62
C SER B 30 -38.49 0.59 -35.24
N TYR B 31 -37.45 0.17 -34.54
CA TYR B 31 -36.07 0.36 -35.01
C TYR B 31 -35.61 -0.97 -35.59
N GLN B 32 -35.68 -1.10 -36.91
CA GLN B 32 -35.42 -2.39 -37.56
C GLN B 32 -34.03 -2.92 -37.20
N PHE B 33 -33.03 -2.04 -37.13
CA PHE B 33 -31.69 -2.46 -36.76
C PHE B 33 -31.45 -2.37 -35.26
N TRP B 34 -31.71 -1.21 -34.65
CA TRP B 34 -31.32 -0.98 -33.27
C TRP B 34 -32.05 -1.87 -32.28
N ASP B 35 -33.24 -2.37 -32.64
CA ASP B 35 -33.94 -3.31 -31.77
C ASP B 35 -33.21 -4.64 -31.64
N THR B 36 -32.34 -4.98 -32.60
CA THR B 36 -31.56 -6.20 -32.55
C THR B 36 -30.25 -6.05 -31.80
N GLN B 37 -29.92 -4.84 -31.35
CA GLN B 37 -28.61 -4.57 -30.78
C GLN B 37 -28.66 -4.59 -29.26
N PRO B 38 -27.50 -4.84 -28.60
CA PRO B 38 -27.50 -4.87 -27.12
C PRO B 38 -27.50 -3.47 -26.52
N VAL B 39 -28.64 -2.80 -26.63
CA VAL B 39 -28.87 -1.50 -26.02
C VAL B 39 -30.22 -1.55 -25.33
N PRO B 40 -30.46 -0.67 -24.35
CA PRO B 40 -31.78 -0.62 -23.73
C PRO B 40 -32.80 -0.07 -24.71
N LYS B 41 -34.03 -0.56 -24.61
CA LYS B 41 -35.12 -0.01 -25.39
C LYS B 41 -35.50 1.38 -24.85
N LEU B 42 -36.00 2.23 -25.74
CA LEU B 42 -36.52 3.51 -25.28
C LEU B 42 -37.75 3.28 -24.41
N GLY B 43 -37.95 4.18 -23.45
CA GLY B 43 -39.01 4.03 -22.48
C GLY B 43 -38.73 3.02 -21.39
N GLU B 44 -37.78 2.12 -21.59
CA GLU B 44 -37.32 1.25 -20.51
C GLU B 44 -36.47 2.08 -19.54
N VAL B 45 -36.95 2.21 -18.31
CA VAL B 45 -36.21 2.94 -17.28
C VAL B 45 -35.23 1.96 -16.64
N VAL B 46 -33.95 2.27 -16.74
CA VAL B 46 -32.88 1.41 -16.28
C VAL B 46 -32.33 1.97 -14.97
N ASN B 47 -32.18 1.11 -13.97
CA ASN B 47 -31.49 1.52 -12.75
C ASN B 47 -30.59 0.42 -12.22
N THR B 48 -30.06 -0.42 -13.11
CA THR B 48 -28.94 -1.31 -12.82
C THR B 48 -27.71 -0.81 -13.59
N HIS B 49 -26.59 -1.49 -13.38
CA HIS B 49 -25.34 -1.14 -14.03
C HIS B 49 -24.66 -2.40 -14.54
N GLY B 50 -24.32 -2.42 -15.83
CA GLY B 50 -23.57 -3.52 -16.38
C GLY B 50 -23.78 -3.70 -17.88
N PRO B 51 -23.14 -4.71 -18.45
CA PRO B 51 -23.29 -4.96 -19.89
C PRO B 51 -24.66 -5.54 -20.19
N VAL B 52 -25.09 -5.35 -21.44
CA VAL B 52 -26.37 -5.89 -21.86
C VAL B 52 -26.24 -7.38 -22.16
N GLU B 53 -25.11 -7.80 -22.71
CA GLU B 53 -24.82 -9.19 -23.01
C GLU B 53 -23.36 -9.46 -22.65
N PRO B 54 -23.01 -10.71 -22.37
CA PRO B 54 -21.63 -11.01 -21.98
C PRO B 54 -20.68 -10.91 -23.16
N ASP B 55 -19.41 -10.68 -22.84
CA ASP B 55 -18.36 -10.68 -23.85
C ASP B 55 -18.45 -11.95 -24.69
N LYS B 56 -18.14 -11.84 -25.99
CA LYS B 56 -18.15 -12.99 -26.88
C LYS B 56 -16.76 -13.62 -26.93
N ASP B 57 -16.71 -14.95 -26.89
CA ASP B 57 -15.44 -15.64 -26.95
C ASP B 57 -15.15 -16.30 -28.29
N ASN B 58 -16.02 -16.11 -29.29
CA ASN B 58 -15.67 -16.42 -30.67
C ASN B 58 -16.31 -15.37 -31.56
N ILE B 59 -15.54 -14.84 -32.50
CA ILE B 59 -15.95 -13.70 -33.31
C ILE B 59 -15.96 -14.09 -34.78
N ARG B 60 -17.02 -13.67 -35.47
CA ARG B 60 -17.11 -13.79 -36.93
C ARG B 60 -15.83 -13.30 -37.59
N GLN B 61 -15.19 -14.18 -38.35
CA GLN B 61 -13.90 -13.88 -38.96
C GLN B 61 -14.01 -13.20 -40.31
N GLU B 62 -15.15 -13.30 -40.97
CA GLU B 62 -15.26 -12.73 -42.30
C GLU B 62 -16.02 -11.41 -42.23
N PRO B 63 -15.61 -10.43 -43.03
CA PRO B 63 -16.36 -9.16 -43.08
C PRO B 63 -17.79 -9.40 -43.55
N TYR B 64 -18.69 -8.56 -43.08
CA TYR B 64 -20.08 -8.65 -43.52
C TYR B 64 -20.19 -8.34 -45.00
N THR B 65 -21.15 -8.99 -45.66
CA THR B 65 -21.34 -8.81 -47.08
C THR B 65 -22.04 -7.49 -47.36
N LEU B 66 -21.47 -6.70 -48.25
CA LEU B 66 -22.04 -5.42 -48.67
C LEU B 66 -22.95 -5.63 -49.86
N PRO B 67 -23.77 -4.63 -50.20
CA PRO B 67 -24.54 -4.73 -51.45
C PRO B 67 -23.61 -4.95 -52.64
N GLN B 68 -24.14 -5.62 -53.66
CA GLN B 68 -23.35 -5.95 -54.83
C GLN B 68 -22.71 -4.68 -55.41
N GLY B 69 -21.44 -4.78 -55.78
CA GLY B 69 -20.71 -3.66 -56.34
C GLY B 69 -19.95 -2.81 -55.34
N PHE B 70 -19.96 -3.16 -54.06
CA PHE B 70 -19.25 -2.40 -53.04
C PHE B 70 -18.32 -3.33 -52.27
N THR B 71 -17.21 -2.78 -51.77
CA THR B 71 -16.27 -3.57 -51.00
C THR B 71 -15.73 -2.76 -49.83
N TRP B 72 -15.24 -3.48 -48.82
CA TRP B 72 -14.57 -2.87 -47.68
C TRP B 72 -13.16 -2.44 -48.07
N ASP B 73 -12.67 -1.40 -47.40
CA ASP B 73 -11.28 -1.01 -47.53
C ASP B 73 -10.84 -0.27 -46.28
N ALA B 74 -9.79 -0.75 -45.63
CA ALA B 74 -9.21 -0.05 -44.49
C ALA B 74 -8.35 1.10 -45.01
N LEU B 75 -8.72 2.32 -44.67
CA LEU B 75 -8.06 3.50 -45.22
C LEU B 75 -6.76 3.78 -44.49
N ASP B 76 -5.65 3.80 -45.23
CA ASP B 76 -4.36 4.20 -44.69
C ASP B 76 -4.29 5.73 -44.75
N LEU B 77 -4.58 6.38 -43.62
CA LEU B 77 -4.61 7.84 -43.59
C LEU B 77 -3.22 8.47 -43.64
N GLY B 78 -2.16 7.67 -43.54
CA GLY B 78 -0.82 8.16 -43.80
C GLY B 78 -0.48 8.28 -45.26
N ASP B 79 -1.40 7.85 -46.12
CA ASP B 79 -1.30 8.07 -47.57
C ASP B 79 -2.11 9.31 -47.91
N ARG B 80 -1.42 10.35 -48.39
CA ARG B 80 -2.09 11.63 -48.60
C ARG B 80 -3.19 11.56 -49.64
N GLY B 81 -3.04 10.69 -50.64
CA GLY B 81 -4.12 10.51 -51.60
C GLY B 81 -5.36 9.93 -50.97
N VAL B 82 -5.20 8.97 -50.06
CA VAL B 82 -6.34 8.33 -49.41
C VAL B 82 -6.96 9.27 -48.38
N LEU B 83 -6.12 9.99 -47.63
CA LEU B 83 -6.63 11.02 -46.74
C LEU B 83 -7.45 12.06 -47.50
N LYS B 84 -6.98 12.45 -48.69
CA LYS B 84 -7.73 13.40 -49.51
C LYS B 84 -9.10 12.83 -49.89
N GLU B 85 -9.16 11.53 -50.21
CA GLU B 85 -10.45 10.91 -50.52
C GLU B 85 -11.40 10.98 -49.33
N LEU B 86 -10.88 10.81 -48.12
CA LEU B 86 -11.75 10.78 -46.95
C LEU B 86 -12.32 12.17 -46.64
N TYR B 87 -11.48 13.21 -46.63
CA TYR B 87 -12.07 14.51 -46.32
C TYR B 87 -12.93 15.02 -47.47
N THR B 88 -12.69 14.57 -48.70
CA THR B 88 -13.62 14.85 -49.78
C THR B 88 -14.98 14.22 -49.49
N LEU B 89 -15.00 12.95 -49.10
CA LEU B 89 -16.24 12.30 -48.73
C LEU B 89 -16.95 13.03 -47.60
N LEU B 90 -16.19 13.46 -46.58
CA LEU B 90 -16.81 14.10 -45.42
C LEU B 90 -17.23 15.53 -45.73
N ASN B 91 -16.38 16.31 -46.40
CA ASN B 91 -16.74 17.68 -46.72
C ASN B 91 -18.02 17.75 -47.55
N GLU B 92 -18.27 16.74 -48.38
CA GLU B 92 -19.41 16.76 -49.28
C GLU B 92 -20.63 16.01 -48.77
N ASN B 93 -20.48 15.10 -47.81
CA ASN B 93 -21.57 14.22 -47.40
C ASN B 93 -21.82 14.14 -45.91
N TYR B 94 -20.93 14.64 -45.06
CA TYR B 94 -21.08 14.45 -43.62
C TYR B 94 -22.16 15.38 -43.05
N VAL B 95 -22.09 15.68 -41.76
CA VAL B 95 -23.20 16.31 -41.05
C VAL B 95 -23.45 17.71 -41.61
N GLU B 96 -24.66 17.94 -42.10
CA GLU B 96 -25.09 19.27 -42.49
C GLU B 96 -25.40 20.09 -41.25
N ASP B 97 -25.45 21.41 -41.43
CA ASP B 97 -25.74 22.30 -40.32
C ASP B 97 -27.24 22.30 -40.02
N ASP B 98 -27.63 23.07 -39.00
CA ASP B 98 -29.05 23.21 -38.67
C ASP B 98 -29.81 24.04 -39.70
N ASP B 99 -29.13 24.58 -40.71
CA ASP B 99 -29.76 25.28 -41.81
C ASP B 99 -29.30 24.75 -43.16
N ASN B 100 -28.50 23.67 -43.16
CA ASN B 100 -27.88 23.05 -44.33
C ASN B 100 -27.56 24.03 -45.46
N MET B 101 -26.95 25.17 -45.11
CA MET B 101 -26.38 26.10 -46.06
C MET B 101 -24.85 26.13 -45.98
N PHE B 102 -24.28 25.36 -45.07
CA PHE B 102 -22.84 25.31 -44.87
C PHE B 102 -22.39 23.86 -44.94
N ARG B 103 -21.12 23.66 -45.27
CA ARG B 103 -20.50 22.34 -45.24
C ARG B 103 -19.27 22.41 -44.35
N PHE B 104 -19.12 21.44 -43.46
CA PHE B 104 -17.89 21.31 -42.69
C PHE B 104 -16.70 21.22 -43.64
N ASP B 105 -15.57 21.76 -43.21
CA ASP B 105 -14.34 21.76 -43.99
C ASP B 105 -13.27 21.05 -43.16
N TYR B 106 -13.24 19.73 -43.27
CA TYR B 106 -12.26 18.92 -42.55
C TYR B 106 -10.93 18.95 -43.28
N SER B 107 -9.89 19.43 -42.62
CA SER B 107 -8.55 19.40 -43.19
C SER B 107 -7.92 18.03 -42.97
N PRO B 108 -6.96 17.65 -43.80
CA PRO B 108 -6.23 16.39 -43.55
C PRO B 108 -5.55 16.38 -42.19
N GLU B 109 -5.05 17.53 -41.75
CA GLU B 109 -4.37 17.58 -40.45
C GLU B 109 -5.36 17.42 -39.31
N PHE B 110 -6.57 17.95 -39.45
CA PHE B 110 -7.59 17.76 -38.43
C PHE B 110 -7.95 16.27 -38.30
N LEU B 111 -8.18 15.61 -39.43
CA LEU B 111 -8.59 14.21 -39.39
C LEU B 111 -7.49 13.33 -38.79
N LEU B 112 -6.22 13.64 -39.10
CA LEU B 112 -5.13 12.91 -38.46
C LEU B 112 -5.19 13.04 -36.94
N TRP B 113 -5.45 14.26 -36.46
CA TRP B 113 -5.58 14.48 -35.03
C TRP B 113 -6.76 13.70 -34.46
N ALA B 114 -7.92 13.76 -35.12
CA ALA B 114 -9.11 13.10 -34.61
C ALA B 114 -9.03 11.57 -34.74
N LEU B 115 -8.36 11.07 -35.78
CA LEU B 115 -8.43 9.65 -36.11
C LEU B 115 -7.15 8.88 -35.83
N ARG B 116 -6.07 9.56 -35.49
CA ARG B 116 -4.87 8.82 -35.11
C ARG B 116 -4.40 9.17 -33.71
N PRO B 117 -5.25 9.08 -32.68
CA PRO B 117 -4.77 9.26 -31.32
C PRO B 117 -3.98 8.04 -30.87
N PRO B 118 -3.34 8.09 -29.71
CA PRO B 118 -2.62 6.90 -29.21
C PRO B 118 -3.50 5.66 -29.20
N GLY B 119 -2.99 4.59 -29.78
CA GLY B 119 -3.69 3.33 -29.85
C GLY B 119 -4.56 3.14 -31.06
N TRP B 120 -4.57 4.09 -32.00
CA TRP B 120 -5.37 3.94 -33.20
C TRP B 120 -4.95 2.68 -33.96
N LEU B 121 -5.92 2.09 -34.67
CA LEU B 121 -5.72 0.89 -35.46
C LEU B 121 -6.14 1.14 -36.91
N PRO B 122 -5.35 0.66 -37.88
CA PRO B 122 -5.72 0.89 -39.29
C PRO B 122 -7.02 0.20 -39.68
N GLN B 123 -7.33 -0.96 -39.11
CA GLN B 123 -8.57 -1.66 -39.44
C GLN B 123 -9.80 -0.97 -38.89
N TRP B 124 -9.63 -0.01 -37.96
CA TRP B 124 -10.74 0.74 -37.41
C TRP B 124 -11.01 2.03 -38.19
N HIS B 125 -10.31 2.26 -39.29
CA HIS B 125 -10.63 3.33 -40.21
C HIS B 125 -11.31 2.66 -41.42
N CYS B 126 -12.60 2.43 -41.28
CA CYS B 126 -13.31 1.42 -42.07
C CYS B 126 -14.06 2.09 -43.21
N GLY B 127 -13.54 1.95 -44.43
CA GLY B 127 -14.14 2.55 -45.60
C GLY B 127 -14.97 1.58 -46.42
N VAL B 128 -15.85 2.14 -47.25
CA VAL B 128 -16.62 1.39 -48.24
C VAL B 128 -16.33 2.00 -49.60
N ARG B 129 -15.98 1.16 -50.57
CA ARG B 129 -15.64 1.62 -51.91
C ARG B 129 -16.50 0.91 -52.95
N VAL B 130 -16.80 1.63 -54.03
CA VAL B 130 -17.33 0.98 -55.23
C VAL B 130 -16.25 0.05 -55.77
N VAL B 131 -16.64 -1.17 -56.13
CA VAL B 131 -15.65 -2.17 -56.54
C VAL B 131 -14.94 -1.73 -57.81
N SER B 132 -15.71 -1.36 -58.84
CA SER B 132 -15.14 -1.12 -60.15
C SER B 132 -14.31 0.16 -60.19
N SER B 133 -14.81 1.23 -59.57
CA SER B 133 -14.18 2.54 -59.65
C SER B 133 -13.25 2.85 -58.48
N ARG B 134 -13.38 2.11 -57.36
CA ARG B 134 -12.68 2.35 -56.10
C ARG B 134 -13.12 3.64 -55.41
N LYS B 135 -14.19 4.29 -55.90
CA LYS B 135 -14.68 5.51 -55.29
C LYS B 135 -15.11 5.27 -53.85
N LEU B 136 -14.67 6.15 -52.94
CA LEU B 136 -15.04 6.03 -51.54
C LEU B 136 -16.45 6.57 -51.34
N VAL B 137 -17.34 5.72 -50.82
CA VAL B 137 -18.75 6.08 -50.65
C VAL B 137 -19.24 5.86 -49.23
N GLY B 138 -18.40 5.32 -48.33
CA GLY B 138 -18.82 5.10 -46.96
C GLY B 138 -17.63 5.08 -46.02
N PHE B 139 -17.89 5.34 -44.75
CA PHE B 139 -16.83 5.39 -43.75
C PHE B 139 -17.43 5.25 -42.36
N ILE B 140 -16.64 4.66 -41.46
CA ILE B 140 -16.93 4.69 -40.03
C ILE B 140 -15.61 4.43 -39.34
N SER B 141 -15.45 4.98 -38.13
CA SER B 141 -14.19 4.89 -37.42
C SER B 141 -14.40 4.53 -35.95
N ALA B 142 -13.46 3.77 -35.42
CA ALA B 142 -13.33 3.56 -33.98
C ALA B 142 -11.96 4.05 -33.53
N ILE B 143 -11.91 4.67 -32.36
CA ILE B 143 -10.64 4.93 -31.69
C ILE B 143 -10.76 4.39 -30.28
N PRO B 144 -9.68 3.90 -29.67
CA PRO B 144 -9.79 3.38 -28.30
C PRO B 144 -9.83 4.49 -27.27
N ALA B 145 -10.51 4.19 -26.16
CA ALA B 145 -10.61 5.14 -25.06
C ALA B 145 -10.98 4.37 -23.81
N ASN B 146 -10.36 4.74 -22.70
CA ASN B 146 -10.77 4.27 -21.38
C ASN B 146 -11.87 5.20 -20.89
N ILE B 147 -13.00 4.61 -20.48
CA ILE B 147 -14.20 5.37 -20.18
C ILE B 147 -14.62 5.08 -18.75
N HIS B 148 -14.79 6.14 -17.98
CA HIS B 148 -15.35 6.08 -16.64
C HIS B 148 -16.85 6.34 -16.76
N ILE B 149 -17.66 5.36 -16.36
CA ILE B 149 -19.13 5.51 -16.38
C ILE B 149 -19.64 5.11 -15.00
N TYR B 150 -20.10 6.11 -14.24
CA TYR B 150 -20.48 5.97 -12.84
C TYR B 150 -19.31 5.27 -12.14
N ASP B 151 -19.58 4.20 -11.38
CA ASP B 151 -18.52 3.52 -10.63
C ASP B 151 -17.72 2.47 -11.39
N THR B 152 -17.71 2.52 -12.72
CA THR B 152 -16.97 1.55 -13.52
C THR B 152 -16.06 2.28 -14.49
N GLU B 153 -14.84 1.79 -14.64
CA GLU B 153 -13.94 2.20 -15.70
C GLU B 153 -13.70 1.01 -16.63
N LYS B 154 -13.87 1.24 -17.93
CA LYS B 154 -13.69 0.16 -18.89
C LYS B 154 -13.08 0.70 -20.18
N LYS B 155 -12.28 -0.16 -20.81
CA LYS B 155 -11.74 0.12 -22.14
C LYS B 155 -12.87 0.03 -23.17
N MET B 156 -13.08 1.11 -23.91
CA MET B 156 -14.14 1.20 -24.90
C MET B 156 -13.55 1.70 -26.21
N VAL B 157 -14.39 1.84 -27.21
CA VAL B 157 -14.05 2.60 -28.40
C VAL B 157 -15.01 3.78 -28.48
N GLU B 158 -14.56 4.85 -29.12
CA GLU B 158 -15.43 5.94 -29.53
C GLU B 158 -15.68 5.83 -31.02
N ILE B 159 -16.95 5.83 -31.41
CA ILE B 159 -17.34 5.70 -32.82
C ILE B 159 -17.67 7.08 -33.33
N ASN B 160 -17.14 7.42 -34.51
CA ASN B 160 -17.44 8.73 -35.09
C ASN B 160 -17.23 8.68 -36.59
N PHE B 161 -17.65 9.75 -37.26
CA PHE B 161 -17.47 9.94 -38.70
C PHE B 161 -18.17 8.84 -39.52
N LEU B 162 -19.28 8.33 -39.00
CA LEU B 162 -20.15 7.47 -39.80
C LEU B 162 -20.77 8.31 -40.91
N CYS B 163 -20.49 7.95 -42.16
CA CYS B 163 -20.89 8.76 -43.30
C CYS B 163 -21.18 7.86 -44.50
N VAL B 164 -22.32 8.08 -45.14
CA VAL B 164 -22.69 7.37 -46.35
C VAL B 164 -22.93 8.41 -47.44
N HIS B 165 -22.39 8.13 -48.63
CA HIS B 165 -22.52 9.06 -49.75
C HIS B 165 -23.98 9.44 -49.98
N LYS B 166 -24.22 10.72 -50.25
CA LYS B 166 -25.58 11.23 -50.41
C LYS B 166 -26.37 10.39 -51.41
N LYS B 167 -25.74 9.98 -52.50
CA LYS B 167 -26.43 9.18 -53.50
C LYS B 167 -26.70 7.76 -53.04
N LEU B 168 -26.24 7.37 -51.86
CA LEU B 168 -26.42 6.03 -51.32
C LEU B 168 -27.32 5.99 -50.10
N ARG B 169 -27.96 7.10 -49.77
CA ARG B 169 -28.74 7.18 -48.54
C ARG B 169 -29.98 6.30 -48.61
N SER B 170 -30.46 5.90 -47.43
CA SER B 170 -31.71 5.17 -47.26
C SER B 170 -31.69 3.80 -47.92
N LYS B 171 -30.50 3.23 -48.13
CA LYS B 171 -30.37 1.88 -48.66
C LYS B 171 -29.82 0.91 -47.61
N ARG B 172 -29.87 1.30 -46.33
CA ARG B 172 -29.45 0.47 -45.21
C ARG B 172 -27.96 0.15 -45.26
N VAL B 173 -27.14 1.06 -45.79
CA VAL B 173 -25.70 0.86 -45.75
C VAL B 173 -25.15 1.13 -44.35
N ALA B 174 -25.75 2.06 -43.61
CA ALA B 174 -25.24 2.39 -42.28
C ALA B 174 -25.31 1.22 -41.29
N PRO B 175 -26.36 0.39 -41.26
CA PRO B 175 -26.33 -0.76 -40.33
C PRO B 175 -25.21 -1.74 -40.62
N VAL B 176 -24.87 -1.95 -41.90
CA VAL B 176 -23.75 -2.83 -42.20
C VAL B 176 -22.44 -2.23 -41.70
N LEU B 177 -22.26 -0.92 -41.92
CA LEU B 177 -21.08 -0.25 -41.38
C LEU B 177 -20.98 -0.41 -39.88
N ILE B 178 -22.10 -0.27 -39.18
CA ILE B 178 -22.07 -0.37 -37.72
C ILE B 178 -21.76 -1.81 -37.30
N ARG B 179 -22.41 -2.79 -37.91
CA ARG B 179 -22.11 -4.18 -37.59
C ARG B 179 -20.66 -4.52 -37.91
N GLU B 180 -20.13 -3.98 -39.00
CA GLU B 180 -18.77 -4.32 -39.39
C GLU B 180 -17.74 -3.69 -38.46
N ILE B 181 -17.95 -2.45 -38.02
CA ILE B 181 -16.99 -1.88 -37.08
C ILE B 181 -17.13 -2.56 -35.72
N THR B 182 -18.35 -2.95 -35.34
CA THR B 182 -18.53 -3.74 -34.13
C THR B 182 -17.68 -5.01 -34.17
N ARG B 183 -17.71 -5.71 -35.31
CA ARG B 183 -16.95 -6.94 -35.48
C ARG B 183 -15.45 -6.70 -35.38
N ARG B 184 -14.96 -5.65 -36.05
CA ARG B 184 -13.53 -5.36 -36.00
C ARG B 184 -13.08 -4.95 -34.62
N VAL B 185 -13.98 -4.39 -33.81
CA VAL B 185 -13.63 -4.01 -32.44
C VAL B 185 -13.70 -5.24 -31.54
N HIS B 186 -14.71 -6.09 -31.74
CA HIS B 186 -14.79 -7.35 -31.00
C HIS B 186 -13.53 -8.18 -31.20
N LEU B 187 -12.97 -8.16 -32.41
CA LEU B 187 -11.76 -8.93 -32.67
C LEU B 187 -10.59 -8.48 -31.81
N GLU B 188 -10.63 -7.26 -31.29
CA GLU B 188 -9.56 -6.76 -30.44
C GLU B 188 -9.89 -6.88 -28.95
N GLY B 189 -11.00 -7.54 -28.61
CA GLY B 189 -11.33 -7.77 -27.22
C GLY B 189 -12.09 -6.68 -26.53
N ILE B 190 -12.73 -5.78 -27.26
CA ILE B 190 -13.48 -4.66 -26.70
C ILE B 190 -14.96 -4.85 -27.01
N PHE B 191 -15.81 -4.69 -26.00
CA PHE B 191 -17.22 -5.03 -26.12
C PHE B 191 -18.17 -3.91 -25.71
N GLN B 192 -17.66 -2.70 -25.48
CA GLN B 192 -18.47 -1.54 -25.17
C GLN B 192 -18.01 -0.37 -26.01
N ALA B 193 -18.93 0.54 -26.31
CA ALA B 193 -18.61 1.72 -27.10
C ALA B 193 -19.43 2.90 -26.62
N VAL B 194 -18.91 4.10 -26.90
CA VAL B 194 -19.62 5.35 -26.64
C VAL B 194 -19.69 6.11 -27.96
N TYR B 195 -20.81 6.80 -28.17
CA TYR B 195 -21.01 7.53 -29.41
C TYR B 195 -22.09 8.58 -29.18
N THR B 196 -22.12 9.58 -30.05
CA THR B 196 -23.14 10.62 -30.02
C THR B 196 -23.85 10.68 -31.36
N ALA B 197 -25.05 11.25 -31.35
CA ALA B 197 -25.81 11.47 -32.58
C ALA B 197 -26.84 12.57 -32.33
N GLY B 198 -27.26 13.21 -33.41
CA GLY B 198 -28.32 14.19 -33.31
C GLY B 198 -29.72 13.62 -33.27
N VAL B 199 -29.88 12.34 -33.58
CA VAL B 199 -31.18 11.71 -33.63
C VAL B 199 -31.39 10.91 -32.35
N VAL B 200 -32.66 10.64 -32.05
CA VAL B 200 -33.05 9.81 -30.92
C VAL B 200 -33.03 8.35 -31.35
N LEU B 201 -32.20 7.55 -30.68
CA LEU B 201 -32.09 6.12 -30.87
C LEU B 201 -32.20 5.45 -29.50
N PRO B 202 -32.45 4.14 -29.45
CA PRO B 202 -32.32 3.42 -28.17
C PRO B 202 -30.84 3.31 -27.80
N LYS B 203 -30.47 3.83 -26.63
CA LYS B 203 -31.30 4.68 -25.77
C LYS B 203 -30.34 5.70 -25.17
N PRO B 204 -30.70 6.99 -25.20
CA PRO B 204 -29.73 8.02 -24.78
C PRO B 204 -29.39 7.88 -23.31
N VAL B 205 -28.08 7.93 -23.02
CA VAL B 205 -27.63 8.00 -21.64
C VAL B 205 -27.66 9.45 -21.13
N GLY B 206 -27.65 10.43 -22.04
CA GLY B 206 -27.74 11.83 -21.68
C GLY B 206 -28.05 12.68 -22.89
N THR B 207 -28.75 13.80 -22.67
CA THR B 207 -29.15 14.68 -23.76
C THR B 207 -28.70 16.09 -23.45
N CYS B 208 -28.01 16.71 -24.41
CA CYS B 208 -27.48 18.06 -24.26
C CYS B 208 -28.00 18.93 -25.40
N GLN B 209 -27.95 20.24 -25.18
CA GLN B 209 -28.32 21.21 -26.21
C GLN B 209 -27.08 21.98 -26.67
N TYR B 210 -27.16 22.50 -27.89
CA TYR B 210 -26.09 23.29 -28.46
C TYR B 210 -26.27 24.75 -28.09
N PHE B 211 -25.16 25.43 -27.83
CA PHE B 211 -25.13 26.87 -27.63
C PHE B 211 -24.02 27.46 -28.48
N HIS B 212 -24.21 28.71 -28.89
CA HIS B 212 -23.19 29.40 -29.67
C HIS B 212 -23.05 30.84 -29.17
N ARG B 213 -21.88 31.41 -29.41
CA ARG B 213 -21.57 32.78 -29.01
C ARG B 213 -21.02 33.51 -30.22
N SER B 214 -21.75 34.52 -30.69
CA SER B 214 -21.30 35.33 -31.81
C SER B 214 -20.02 36.07 -31.44
N LEU B 215 -19.02 35.98 -32.31
CA LEU B 215 -17.80 36.77 -32.18
C LEU B 215 -17.65 37.82 -33.27
N ASN B 216 -18.17 37.54 -34.47
CA ASN B 216 -18.21 38.47 -35.58
C ASN B 216 -19.65 38.53 -36.06
N PRO B 217 -20.53 39.17 -35.29
CA PRO B 217 -21.98 39.08 -35.59
C PRO B 217 -22.36 39.62 -36.95
N ARG B 218 -21.64 40.60 -37.49
CA ARG B 218 -22.00 41.12 -38.81
C ARG B 218 -21.78 40.07 -39.89
N LYS B 219 -20.69 39.31 -39.80
CA LYS B 219 -20.45 38.25 -40.77
C LYS B 219 -21.50 37.16 -40.66
N LEU B 220 -21.82 36.74 -39.43
CA LEU B 220 -22.82 35.70 -39.23
C LEU B 220 -24.17 36.11 -39.82
N ILE B 221 -24.53 37.40 -39.70
CA ILE B 221 -25.80 37.86 -40.24
C ILE B 221 -25.75 37.90 -41.76
N GLU B 222 -24.62 38.35 -42.33
CA GLU B 222 -24.53 38.48 -43.78
C GLU B 222 -24.60 37.13 -44.49
N VAL B 223 -24.10 36.07 -43.84
CA VAL B 223 -24.15 34.72 -44.40
C VAL B 223 -25.34 33.93 -43.88
N LYS B 224 -26.26 34.59 -43.17
CA LYS B 224 -27.53 33.99 -42.73
C LYS B 224 -27.34 32.85 -41.74
N PHE B 225 -26.22 32.83 -41.01
CA PHE B 225 -26.13 31.95 -39.84
C PHE B 225 -26.92 32.54 -38.69
N SER B 226 -26.88 33.85 -38.55
CA SER B 226 -27.69 34.60 -37.60
C SER B 226 -28.62 35.53 -38.36
N HIS B 227 -29.70 35.94 -37.70
CA HIS B 227 -30.57 36.99 -38.20
C HIS B 227 -30.52 38.15 -37.22
N LEU B 228 -30.46 39.38 -37.76
CA LEU B 228 -30.38 40.55 -36.89
C LEU B 228 -31.59 40.58 -35.97
N SER B 229 -31.32 40.51 -34.66
CA SER B 229 -32.35 40.27 -33.66
C SER B 229 -33.41 41.36 -33.64
N ARG B 230 -34.40 41.19 -32.76
CA ARG B 230 -35.61 42.01 -32.74
C ARG B 230 -35.33 43.51 -32.75
N ASN B 231 -35.52 44.15 -33.90
CA ASN B 231 -35.62 45.60 -34.02
C ASN B 231 -34.30 46.31 -33.71
N MET B 232 -33.17 45.69 -34.03
CA MET B 232 -31.87 46.27 -33.75
C MET B 232 -31.15 46.66 -35.03
N THR B 233 -30.14 47.50 -34.89
CA THR B 233 -29.23 47.84 -35.98
C THR B 233 -27.99 46.97 -35.89
N MET B 234 -27.20 46.99 -36.96
CA MET B 234 -25.92 46.28 -36.95
C MET B 234 -24.95 46.92 -35.95
N GLN B 235 -24.98 48.25 -35.83
CA GLN B 235 -24.11 48.93 -34.88
C GLN B 235 -24.39 48.47 -33.45
N ARG B 236 -25.66 48.47 -33.06
CA ARG B 236 -26.02 48.03 -31.71
C ARG B 236 -25.71 46.56 -31.50
N THR B 237 -25.85 45.73 -32.54
CA THR B 237 -25.54 44.31 -32.41
C THR B 237 -24.05 44.10 -32.15
N MET B 238 -23.20 44.75 -32.94
CA MET B 238 -21.76 44.60 -32.74
C MET B 238 -21.31 45.17 -31.41
N LYS B 239 -22.03 46.15 -30.87
CA LYS B 239 -21.70 46.64 -29.54
C LYS B 239 -22.18 45.67 -28.46
N LEU B 240 -23.33 45.03 -28.68
CA LEU B 240 -23.87 44.09 -27.70
C LEU B 240 -22.91 42.91 -27.48
N TYR B 241 -22.29 42.42 -28.55
CA TYR B 241 -21.43 41.25 -28.49
C TYR B 241 -19.96 41.60 -28.50
N ARG B 242 -19.62 42.88 -28.29
CA ARG B 242 -18.22 43.30 -28.28
C ARG B 242 -17.50 42.65 -27.09
N LEU B 243 -16.25 42.30 -27.30
CA LEU B 243 -15.43 41.65 -26.28
C LEU B 243 -14.16 42.46 -26.07
N PRO B 244 -13.52 42.32 -24.91
CA PRO B 244 -12.22 42.96 -24.71
C PRO B 244 -11.23 42.49 -25.76
N GLU B 245 -10.18 43.28 -25.96
CA GLU B 245 -9.17 42.93 -26.94
C GLU B 245 -8.04 42.10 -26.35
N THR B 246 -7.94 42.01 -25.02
CA THR B 246 -6.95 41.17 -24.37
C THR B 246 -7.63 40.44 -23.21
N PRO B 247 -7.21 39.22 -22.91
CA PRO B 247 -7.88 38.44 -21.86
C PRO B 247 -7.67 39.05 -20.49
N LYS B 248 -8.63 38.78 -19.60
CA LYS B 248 -8.58 39.34 -18.26
C LYS B 248 -7.55 38.61 -17.39
N THR B 249 -7.46 37.29 -17.50
CA THR B 249 -6.62 36.50 -16.61
C THR B 249 -5.16 36.68 -16.98
N ALA B 250 -4.43 37.43 -16.16
CA ALA B 250 -3.00 37.55 -16.39
C ALA B 250 -2.29 36.27 -15.98
N GLY B 251 -1.30 35.87 -16.76
CA GLY B 251 -0.70 34.57 -16.59
C GLY B 251 -1.25 33.53 -17.52
N LEU B 252 -2.31 33.85 -18.27
CA LEU B 252 -2.75 33.03 -19.38
C LEU B 252 -1.67 33.00 -20.46
N ARG B 253 -1.37 31.82 -20.97
CA ARG B 253 -0.34 31.67 -21.99
C ARG B 253 -0.59 30.35 -22.71
N PRO B 254 -0.04 30.18 -23.92
CA PRO B 254 -0.21 28.90 -24.63
C PRO B 254 0.40 27.74 -23.85
N MET B 255 -0.24 26.58 -23.96
CA MET B 255 0.31 25.35 -23.42
C MET B 255 1.63 25.02 -24.09
N GLU B 256 2.60 24.57 -23.30
CA GLU B 256 3.91 24.14 -23.77
C GLU B 256 4.16 22.70 -23.36
N THR B 257 5.26 22.14 -23.86
CA THR B 257 5.62 20.76 -23.55
C THR B 257 5.72 20.55 -22.05
N LYS B 258 6.29 21.52 -21.32
CA LYS B 258 6.47 21.40 -19.88
C LYS B 258 5.15 21.34 -19.12
N ASP B 259 4.04 21.76 -19.74
CA ASP B 259 2.75 21.73 -19.08
C ASP B 259 1.99 20.42 -19.26
N ILE B 260 2.49 19.49 -20.09
CA ILE B 260 1.75 18.24 -20.32
C ILE B 260 1.42 17.52 -19.00
N PRO B 261 2.36 17.31 -18.07
CA PRO B 261 1.98 16.62 -16.82
C PRO B 261 0.96 17.36 -15.99
N VAL B 262 1.09 18.67 -15.81
CA VAL B 262 0.13 19.37 -14.95
C VAL B 262 -1.25 19.44 -15.62
N VAL B 263 -1.29 19.57 -16.95
CA VAL B 263 -2.60 19.58 -17.63
C VAL B 263 -3.27 18.23 -17.46
N HIS B 264 -2.50 17.14 -17.58
CA HIS B 264 -3.01 15.80 -17.31
C HIS B 264 -3.55 15.71 -15.89
N GLN B 265 -2.81 16.25 -14.91
CA GLN B 265 -3.24 16.20 -13.52
C GLN B 265 -4.51 17.01 -13.31
N LEU B 266 -4.52 18.26 -13.79
CA LEU B 266 -5.71 19.10 -13.67
C LEU B 266 -6.93 18.41 -14.27
N LEU B 267 -6.78 17.88 -15.49
CA LEU B 267 -7.93 17.27 -16.15
C LEU B 267 -8.45 16.07 -15.38
N THR B 268 -7.54 15.20 -14.92
CA THR B 268 -7.97 13.98 -14.24
C THR B 268 -8.74 14.28 -12.97
N ARG B 269 -8.25 15.24 -12.16
CA ARG B 269 -8.93 15.56 -10.91
C ARG B 269 -10.26 16.27 -11.17
N TYR B 270 -10.31 17.14 -12.18
CA TYR B 270 -11.53 17.88 -12.45
C TYR B 270 -12.65 16.97 -12.94
N LEU B 271 -12.32 15.98 -13.78
CA LEU B 271 -13.34 15.15 -14.40
C LEU B 271 -13.97 14.15 -13.44
N LYS B 272 -13.43 13.97 -12.23
CA LYS B 272 -13.96 12.98 -11.30
C LYS B 272 -15.38 13.32 -10.84
N GLN B 273 -15.79 14.58 -10.94
CA GLN B 273 -17.10 14.99 -10.46
C GLN B 273 -18.23 14.66 -11.44
N PHE B 274 -17.93 14.17 -12.64
CA PHE B 274 -18.94 13.86 -13.64
C PHE B 274 -19.09 12.35 -13.75
N HIS B 275 -20.20 11.92 -14.38
CA HIS B 275 -20.55 10.49 -14.41
C HIS B 275 -20.14 9.77 -15.69
N LEU B 276 -19.86 10.50 -16.77
CA LEU B 276 -19.37 9.92 -18.02
C LEU B 276 -18.17 10.74 -18.46
N THR B 277 -16.98 10.14 -18.40
CA THR B 277 -15.75 10.90 -18.65
C THR B 277 -14.72 10.01 -19.32
N PRO B 278 -13.79 10.59 -20.07
CA PRO B 278 -12.60 9.84 -20.48
C PRO B 278 -11.61 9.75 -19.34
N VAL B 279 -10.77 8.73 -19.40
CA VAL B 279 -9.63 8.57 -18.51
C VAL B 279 -8.39 8.57 -19.41
N MET B 280 -7.70 9.70 -19.47
CA MET B 280 -6.63 9.88 -20.44
C MET B 280 -5.27 9.56 -19.84
N SER B 281 -4.46 8.84 -20.60
CA SER B 281 -3.05 8.72 -20.27
C SER B 281 -2.35 10.06 -20.49
N GLN B 282 -1.11 10.17 -19.99
CA GLN B 282 -0.33 11.37 -20.26
C GLN B 282 -0.01 11.49 -21.75
N GLU B 283 0.16 10.37 -22.45
CA GLU B 283 0.34 10.44 -23.90
C GLU B 283 -0.92 10.94 -24.60
N GLU B 284 -2.09 10.51 -24.12
CA GLU B 284 -3.33 10.98 -24.71
C GLU B 284 -3.55 12.46 -24.46
N VAL B 285 -3.19 12.93 -23.26
CA VAL B 285 -3.30 14.36 -22.96
C VAL B 285 -2.45 15.17 -23.94
N GLU B 286 -1.20 14.76 -24.14
CA GLU B 286 -0.36 15.42 -25.13
C GLU B 286 -1.02 15.45 -26.50
N HIS B 287 -1.59 14.32 -26.93
CA HIS B 287 -2.18 14.29 -28.26
C HIS B 287 -3.38 15.23 -28.37
N TRP B 288 -4.25 15.23 -27.37
CA TRP B 288 -5.51 15.95 -27.51
C TRP B 288 -5.37 17.44 -27.23
N PHE B 289 -4.35 17.86 -26.48
CA PHE B 289 -4.31 19.25 -26.04
C PHE B 289 -3.10 20.04 -26.55
N TYR B 290 -1.98 19.39 -26.87
CA TYR B 290 -0.81 20.14 -27.30
C TYR B 290 -1.15 20.95 -28.55
N PRO B 291 -0.95 22.27 -28.52
CA PRO B 291 -1.48 23.13 -29.59
C PRO B 291 -0.96 22.77 -30.98
N GLN B 292 -1.87 22.68 -31.93
CA GLN B 292 -1.56 22.61 -33.35
C GLN B 292 -2.38 23.69 -34.03
N GLU B 293 -1.73 24.59 -34.75
CA GLU B 293 -2.45 25.74 -35.29
C GLU B 293 -3.49 25.28 -36.30
N ASN B 294 -4.67 25.91 -36.24
CA ASN B 294 -5.85 25.57 -37.02
C ASN B 294 -6.39 24.18 -36.70
N ILE B 295 -6.02 23.62 -35.54
CA ILE B 295 -6.57 22.33 -35.14
C ILE B 295 -7.06 22.41 -33.69
N ILE B 296 -6.12 22.57 -32.75
CA ILE B 296 -6.47 22.57 -31.33
C ILE B 296 -5.69 23.69 -30.65
N ASP B 297 -6.37 24.46 -29.81
CA ASP B 297 -5.75 25.52 -29.02
C ASP B 297 -5.96 25.22 -27.55
N THR B 298 -4.88 25.33 -26.77
CA THR B 298 -4.91 25.14 -25.33
C THR B 298 -4.12 26.26 -24.69
N PHE B 299 -4.71 26.92 -23.70
CA PHE B 299 -4.05 27.97 -22.95
C PHE B 299 -4.13 27.64 -21.46
N VAL B 300 -3.02 27.79 -20.76
CA VAL B 300 -2.96 27.50 -19.33
C VAL B 300 -2.80 28.81 -18.56
N VAL B 301 -3.27 28.80 -17.32
CA VAL B 301 -3.09 29.91 -16.40
C VAL B 301 -1.94 29.55 -15.47
N GLU B 302 -0.81 30.25 -15.61
CA GLU B 302 0.32 30.12 -14.69
C GLU B 302 0.29 31.33 -13.75
N ASN B 303 0.04 31.08 -12.46
CA ASN B 303 -0.20 32.13 -11.49
C ASN B 303 1.12 32.78 -11.05
N ALA B 304 1.06 33.66 -10.05
CA ALA B 304 2.21 34.43 -9.60
C ALA B 304 3.25 33.57 -8.89
N ASN B 305 2.89 32.35 -8.49
CA ASN B 305 3.84 31.41 -7.91
C ASN B 305 4.47 30.49 -8.95
N GLY B 306 4.06 30.61 -10.21
CA GLY B 306 4.50 29.69 -11.24
C GLY B 306 3.69 28.41 -11.36
N GLU B 307 2.61 28.27 -10.58
CA GLU B 307 1.77 27.08 -10.63
C GLU B 307 0.75 27.22 -11.77
N VAL B 308 0.60 26.16 -12.55
CA VAL B 308 -0.47 26.08 -13.53
C VAL B 308 -1.73 25.60 -12.81
N THR B 309 -2.75 26.45 -12.73
CA THR B 309 -3.94 26.15 -11.95
C THR B 309 -5.22 26.01 -12.78
N ASP B 310 -5.22 26.41 -14.03
CA ASP B 310 -6.41 26.29 -14.88
C ASP B 310 -5.96 26.11 -16.32
N PHE B 311 -6.87 25.63 -17.17
CA PHE B 311 -6.61 25.68 -18.59
C PHE B 311 -7.94 25.69 -19.35
N LEU B 312 -7.89 26.24 -20.56
CA LEU B 312 -9.02 26.28 -21.47
C LEU B 312 -8.54 25.75 -22.82
N SER B 313 -9.49 25.26 -23.62
CA SER B 313 -9.12 24.70 -24.91
C SER B 313 -10.33 24.70 -25.83
N PHE B 314 -10.08 24.89 -27.12
CA PHE B 314 -11.10 24.78 -28.16
C PHE B 314 -10.45 24.30 -29.45
N TYR B 315 -11.20 23.53 -30.23
CA TYR B 315 -10.67 23.09 -31.52
C TYR B 315 -11.27 23.89 -32.68
N THR B 316 -10.57 23.85 -33.81
CA THR B 316 -10.93 24.60 -35.00
C THR B 316 -11.63 23.69 -36.00
N LEU B 317 -12.81 24.10 -36.46
CA LEU B 317 -13.53 23.37 -37.50
C LEU B 317 -14.31 24.38 -38.34
N PRO B 318 -13.75 24.81 -39.47
CA PRO B 318 -14.46 25.78 -40.32
C PRO B 318 -15.56 25.12 -41.13
N SER B 319 -16.48 25.98 -41.59
CA SER B 319 -17.56 25.58 -42.46
C SER B 319 -17.51 26.44 -43.72
N THR B 320 -17.45 25.79 -44.88
CA THR B 320 -17.55 26.52 -46.13
C THR B 320 -19.00 26.97 -46.34
N ILE B 321 -19.14 28.14 -46.95
CA ILE B 321 -20.45 28.76 -47.16
C ILE B 321 -20.84 28.59 -48.62
N MET B 322 -22.00 27.99 -48.85
CA MET B 322 -22.47 27.68 -50.20
C MET B 322 -23.28 28.85 -50.76
N ASN B 323 -22.55 29.94 -51.01
CA ASN B 323 -23.04 31.25 -51.42
C ASN B 323 -21.97 32.26 -51.02
N HIS B 324 -21.86 33.35 -51.78
CA HIS B 324 -21.01 34.42 -51.26
C HIS B 324 -21.60 35.80 -51.57
N PRO B 325 -22.11 36.52 -50.57
CA PRO B 325 -22.14 37.98 -50.66
C PRO B 325 -20.75 38.62 -50.61
N THR B 326 -19.73 37.75 -50.69
CA THR B 326 -18.39 37.79 -50.09
C THR B 326 -18.38 36.61 -49.12
N HIS B 327 -17.26 36.34 -48.46
CA HIS B 327 -17.14 35.25 -47.48
C HIS B 327 -17.20 33.74 -47.66
N LYS B 328 -16.18 33.17 -48.29
CA LYS B 328 -16.05 31.73 -48.48
C LYS B 328 -16.14 30.69 -47.37
N SER B 329 -15.65 31.00 -46.18
CA SER B 329 -15.66 30.05 -45.08
C SER B 329 -16.07 30.74 -43.79
N LEU B 330 -16.62 29.94 -42.88
CA LEU B 330 -17.02 30.39 -41.55
C LEU B 330 -16.09 29.73 -40.54
N LYS B 331 -15.28 30.53 -39.85
CA LYS B 331 -14.31 30.00 -38.89
C LYS B 331 -14.99 29.81 -37.54
N ALA B 332 -15.20 28.56 -37.15
CA ALA B 332 -15.89 28.22 -35.92
C ALA B 332 -14.94 27.57 -34.93
N ALA B 333 -15.05 27.98 -33.66
CA ALA B 333 -14.33 27.36 -32.56
C ALA B 333 -15.30 26.50 -31.76
N TYR B 334 -14.84 25.35 -31.30
CA TYR B 334 -15.65 24.45 -30.49
C TYR B 334 -14.97 24.24 -29.15
N SER B 335 -15.72 24.52 -28.07
CA SER B 335 -15.20 24.30 -26.73
C SER B 335 -14.84 22.82 -26.54
N PHE B 336 -13.68 22.59 -25.90
CA PHE B 336 -13.16 21.25 -25.70
C PHE B 336 -13.19 20.79 -24.25
N TYR B 337 -12.17 21.09 -23.45
CA TYR B 337 -12.19 20.78 -22.03
C TYR B 337 -11.66 22.05 -21.37
N ASN B 338 -12.37 22.53 -20.34
CA ASN B 338 -12.03 23.74 -19.62
C ASN B 338 -12.00 23.41 -18.14
N VAL B 339 -10.81 23.48 -17.54
CA VAL B 339 -10.62 23.10 -16.14
C VAL B 339 -10.26 24.34 -15.34
N HIS B 340 -11.03 24.61 -14.29
CA HIS B 340 -10.79 25.74 -13.40
C HIS B 340 -10.58 25.21 -11.98
N THR B 341 -9.52 25.68 -11.33
CA THR B 341 -9.29 25.45 -9.91
C THR B 341 -8.95 26.71 -9.13
N GLN B 342 -8.43 27.76 -9.76
CA GLN B 342 -8.15 29.05 -9.14
C GLN B 342 -8.87 30.20 -9.84
N THR B 343 -8.87 30.22 -11.16
CA THR B 343 -9.61 31.24 -11.91
C THR B 343 -11.08 30.88 -11.91
N PRO B 344 -11.98 31.83 -11.65
CA PRO B 344 -13.41 31.54 -11.80
C PRO B 344 -13.73 31.11 -13.23
N LEU B 345 -14.65 30.16 -13.35
CA LEU B 345 -15.00 29.63 -14.67
C LEU B 345 -15.49 30.74 -15.59
N LEU B 346 -16.29 31.67 -15.05
CA LEU B 346 -16.78 32.80 -15.83
C LEU B 346 -15.63 33.56 -16.49
N ASP B 347 -14.59 33.87 -15.72
CA ASP B 347 -13.44 34.57 -16.27
C ASP B 347 -12.69 33.69 -17.27
N LEU B 348 -12.57 32.39 -16.98
CA LEU B 348 -11.86 31.50 -17.89
C LEU B 348 -12.55 31.42 -19.25
N MET B 349 -13.86 31.24 -19.25
CA MET B 349 -14.58 31.16 -20.52
C MET B 349 -14.65 32.53 -21.20
N SER B 350 -14.75 33.62 -20.43
CA SER B 350 -14.63 34.94 -21.03
CA SER B 350 -14.63 34.95 -21.03
C SER B 350 -13.33 35.08 -21.79
N ASP B 351 -12.24 34.58 -21.22
CA ASP B 351 -10.94 34.68 -21.89
C ASP B 351 -10.87 33.76 -23.11
N ALA B 352 -11.53 32.60 -23.05
CA ALA B 352 -11.59 31.75 -24.24
C ALA B 352 -12.27 32.46 -25.39
N LEU B 353 -13.36 33.19 -25.11
CA LEU B 353 -14.02 33.95 -26.18
C LEU B 353 -13.09 35.03 -26.73
N VAL B 354 -12.40 35.75 -25.84
CA VAL B 354 -11.48 36.79 -26.28
C VAL B 354 -10.37 36.19 -27.14
N LEU B 355 -9.84 35.04 -26.73
CA LEU B 355 -8.78 34.41 -27.50
C LEU B 355 -9.28 33.95 -28.87
N ALA B 356 -10.47 33.36 -28.91
CA ALA B 356 -11.03 32.93 -30.19
C ALA B 356 -11.27 34.12 -31.11
N LYS B 357 -11.76 35.23 -30.56
CA LYS B 357 -11.94 36.44 -31.36
C LYS B 357 -10.60 36.93 -31.91
N MET B 358 -9.58 36.99 -31.05
CA MET B 358 -8.25 37.43 -31.48
C MET B 358 -7.71 36.60 -32.63
N LYS B 359 -8.02 35.30 -32.65
CA LYS B 359 -7.50 34.41 -33.67
C LYS B 359 -8.39 34.36 -34.92
N GLY B 360 -9.33 35.27 -35.04
CA GLY B 360 -10.12 35.41 -36.24
C GLY B 360 -11.33 34.51 -36.35
N PHE B 361 -11.74 33.86 -35.26
CA PHE B 361 -12.92 33.01 -35.30
C PHE B 361 -14.17 33.87 -35.44
N ASP B 362 -15.20 33.30 -36.07
CA ASP B 362 -16.48 33.99 -36.22
C ASP B 362 -17.49 33.61 -35.16
N VAL B 363 -17.43 32.38 -34.64
CA VAL B 363 -18.38 31.91 -33.66
C VAL B 363 -17.66 30.95 -32.71
N PHE B 364 -18.16 30.87 -31.48
CA PHE B 364 -17.66 29.96 -30.46
C PHE B 364 -18.81 29.03 -30.11
N ASN B 365 -18.62 27.73 -30.36
CA ASN B 365 -19.66 26.74 -30.17
C ASN B 365 -19.37 25.86 -28.97
N MET B 366 -20.43 25.46 -28.28
CA MET B 366 -20.28 24.55 -27.16
C MET B 366 -21.57 23.77 -26.96
N VAL B 367 -21.47 22.79 -26.07
CA VAL B 367 -22.60 21.96 -25.65
C VAL B 367 -22.75 22.15 -24.14
N ASP B 368 -23.98 22.15 -23.65
CA ASP B 368 -24.22 22.48 -22.24
C ASP B 368 -23.86 21.35 -21.28
N LEU B 369 -22.76 20.65 -21.53
CA LEU B 369 -22.30 19.60 -20.62
C LEU B 369 -21.39 20.21 -19.55
N MET B 370 -20.97 19.38 -18.59
CA MET B 370 -20.13 19.77 -17.46
C MET B 370 -20.79 20.99 -16.80
N GLU B 371 -20.06 22.08 -16.55
CA GLU B 371 -20.65 23.27 -15.94
C GLU B 371 -20.94 24.36 -16.96
N ASN B 372 -21.09 24.00 -18.24
CA ASN B 372 -21.21 24.99 -19.29
C ASN B 372 -22.49 25.82 -19.18
N LYS B 373 -23.57 25.23 -18.65
CA LYS B 373 -24.81 25.97 -18.50
C LYS B 373 -24.67 27.19 -17.59
N THR B 374 -23.67 27.19 -16.70
CA THR B 374 -23.58 28.21 -15.67
C THR B 374 -23.13 29.57 -16.19
N PHE B 375 -22.57 29.64 -17.39
CA PHE B 375 -22.15 30.92 -17.95
C PHE B 375 -22.85 31.25 -19.26
N VAL B 376 -23.95 30.56 -19.58
CA VAL B 376 -24.67 30.82 -20.82
C VAL B 376 -25.23 32.23 -20.83
N GLU B 377 -25.87 32.63 -19.72
CA GLU B 377 -26.52 33.93 -19.67
C GLU B 377 -25.50 35.07 -19.68
N LYS B 378 -24.53 35.03 -18.77
CA LYS B 378 -23.63 36.17 -18.61
C LYS B 378 -22.75 36.38 -19.84
N LEU B 379 -22.32 35.30 -20.48
CA LEU B 379 -21.45 35.43 -21.64
C LEU B 379 -22.23 35.53 -22.95
N LYS B 380 -23.56 35.62 -22.88
CA LYS B 380 -24.43 35.92 -24.03
C LYS B 380 -24.35 34.82 -25.09
N PHE B 381 -24.40 33.57 -24.65
CA PHE B 381 -24.59 32.45 -25.56
C PHE B 381 -26.03 32.40 -26.03
N GLY B 382 -26.23 31.89 -27.25
CA GLY B 382 -27.57 31.65 -27.77
C GLY B 382 -27.77 30.16 -27.98
N ILE B 383 -29.02 29.71 -27.83
CA ILE B 383 -29.33 28.30 -28.02
C ILE B 383 -29.40 27.99 -29.51
N GLY B 384 -28.91 26.82 -29.88
CA GLY B 384 -28.99 26.34 -31.24
C GLY B 384 -30.07 25.28 -31.40
N ASP B 385 -30.32 24.91 -32.65
CA ASP B 385 -31.33 23.90 -32.92
C ASP B 385 -30.78 22.50 -32.60
N GLY B 386 -31.71 21.57 -32.38
CA GLY B 386 -31.36 20.18 -32.19
C GLY B 386 -30.78 19.89 -30.82
N HIS B 387 -30.48 18.62 -30.60
CA HIS B 387 -29.86 18.17 -29.37
C HIS B 387 -28.73 17.20 -29.70
N LEU B 388 -27.80 17.05 -28.77
CA LEU B 388 -26.72 16.07 -28.87
C LEU B 388 -27.05 14.94 -27.90
N GLN B 389 -27.28 13.75 -28.42
CA GLN B 389 -27.61 12.59 -27.63
CA GLN B 389 -27.60 12.60 -27.61
C GLN B 389 -26.36 11.74 -27.42
N TYR B 390 -26.13 11.30 -26.19
CA TYR B 390 -25.01 10.44 -25.83
C TYR B 390 -25.50 9.01 -25.64
N TYR B 391 -24.72 8.05 -26.14
CA TYR B 391 -25.11 6.65 -26.10
C TYR B 391 -23.95 5.78 -25.68
N LEU B 392 -24.28 4.66 -25.04
CA LEU B 392 -23.34 3.57 -24.76
C LEU B 392 -23.84 2.32 -25.45
N TYR B 393 -22.92 1.56 -26.04
CA TYR B 393 -23.22 0.29 -26.67
C TYR B 393 -22.87 -0.83 -25.71
N ASN B 394 -23.83 -1.72 -25.47
CA ASN B 394 -23.66 -2.89 -24.59
C ASN B 394 -23.33 -2.48 -23.15
N TRP B 395 -23.94 -1.38 -22.68
CA TRP B 395 -23.80 -0.98 -21.29
C TRP B 395 -25.11 -0.38 -20.81
N LYS B 396 -25.71 -0.99 -19.79
CA LYS B 396 -26.93 -0.50 -19.18
C LYS B 396 -26.58 0.30 -17.93
N CYS B 397 -27.18 1.47 -17.78
CA CYS B 397 -26.96 2.33 -16.63
C CYS B 397 -28.01 3.43 -16.64
N PRO B 398 -28.29 4.04 -15.49
CA PRO B 398 -29.25 5.14 -15.46
C PRO B 398 -28.78 6.30 -16.32
N SER B 399 -29.75 7.00 -16.91
CA SER B 399 -29.43 8.21 -17.65
C SER B 399 -28.96 9.30 -16.70
N MET B 400 -28.39 10.35 -17.26
CA MET B 400 -27.86 11.44 -16.46
C MET B 400 -28.20 12.78 -17.10
N GLY B 401 -28.20 13.82 -16.28
CA GLY B 401 -28.36 15.16 -16.80
C GLY B 401 -27.14 15.63 -17.56
N ALA B 402 -27.35 16.64 -18.41
CA ALA B 402 -26.27 17.15 -19.25
C ALA B 402 -25.08 17.58 -18.42
N GLU B 403 -25.34 18.22 -17.27
CA GLU B 403 -24.27 18.73 -16.42
C GLU B 403 -23.44 17.63 -15.77
N LYS B 404 -23.83 16.37 -15.93
CA LYS B 404 -23.05 15.24 -15.45
C LYS B 404 -22.31 14.53 -16.57
N VAL B 405 -22.51 14.94 -17.81
CA VAL B 405 -21.72 14.43 -18.93
C VAL B 405 -20.39 15.16 -18.97
N GLY B 406 -19.29 14.40 -18.97
CA GLY B 406 -17.97 15.00 -18.93
C GLY B 406 -17.10 14.52 -20.05
N LEU B 407 -17.69 14.30 -21.22
CA LEU B 407 -17.01 13.73 -22.38
C LEU B 407 -17.35 14.56 -23.60
N VAL B 408 -16.31 15.03 -24.30
CA VAL B 408 -16.48 15.84 -25.50
C VAL B 408 -16.07 15.02 -26.70
N MET B 409 -16.97 14.92 -27.68
CA MET B 409 -16.76 14.13 -28.90
C MET B 409 -16.63 15.07 -30.09
N LEU B 410 -15.76 14.69 -31.03
CA LEU B 410 -15.53 15.51 -32.21
C LEU B 410 -16.58 15.24 -33.29
N ARG C 29 29.26 -9.05 54.52
CA ARG C 29 29.42 -8.41 53.21
C ARG C 29 28.70 -7.07 53.16
N SER C 30 29.36 -6.08 52.56
CA SER C 30 28.81 -4.74 52.40
C SER C 30 28.78 -4.38 50.92
N TYR C 31 27.63 -3.91 50.45
CA TYR C 31 27.43 -3.55 49.05
C TYR C 31 27.43 -2.02 48.95
N GLN C 32 28.54 -1.47 48.44
CA GLN C 32 28.66 -0.02 48.34
C GLN C 32 27.55 0.58 47.48
N PHE C 33 27.24 -0.07 46.35
CA PHE C 33 26.23 0.45 45.44
C PHE C 33 24.83 -0.02 45.79
N TRP C 34 24.65 -1.34 45.99
CA TRP C 34 23.30 -1.89 46.12
C TRP C 34 22.65 -1.56 47.45
N ASP C 35 23.42 -1.18 48.48
CA ASP C 35 22.83 -0.72 49.73
C ASP C 35 22.11 0.61 49.56
N THR C 36 22.45 1.37 48.51
CA THR C 36 21.82 2.65 48.22
C THR C 36 20.60 2.53 47.31
N GLN C 37 20.25 1.31 46.85
CA GLN C 37 19.21 1.13 45.85
C GLN C 37 17.91 0.67 46.51
N PRO C 38 16.76 0.91 45.86
CA PRO C 38 15.48 0.45 46.40
C PRO C 38 15.27 -1.05 46.26
N VAL C 39 16.04 -1.82 47.00
CA VAL C 39 15.91 -3.29 47.00
C VAL C 39 15.95 -3.75 48.45
N PRO C 40 15.36 -4.91 48.74
CA PRO C 40 15.41 -5.43 50.11
C PRO C 40 16.83 -5.82 50.49
N LYS C 41 17.12 -5.73 51.79
CA LYS C 41 18.43 -6.15 52.24
C LYS C 41 18.51 -7.67 52.29
N LEU C 42 19.76 -8.17 52.25
CA LEU C 42 20.00 -9.59 51.99
C LEU C 42 19.34 -10.47 53.05
N GLY C 43 19.65 -10.23 54.33
CA GLY C 43 19.10 -11.03 55.40
C GLY C 43 17.72 -10.65 55.87
N GLU C 44 17.08 -9.69 55.22
CA GLU C 44 15.78 -9.21 55.66
C GLU C 44 14.67 -10.19 55.30
N VAL C 45 13.77 -10.43 56.26
CA VAL C 45 12.57 -11.21 55.99
C VAL C 45 11.52 -10.28 55.38
N VAL C 46 10.78 -10.81 54.40
CA VAL C 46 9.81 -10.01 53.65
C VAL C 46 8.45 -10.67 53.79
N ASN C 47 7.53 -9.99 54.47
CA ASN C 47 6.17 -10.46 54.67
C ASN C 47 5.14 -9.65 53.90
N THR C 48 5.58 -8.65 53.14
CA THR C 48 4.67 -7.74 52.46
C THR C 48 4.83 -7.83 50.95
N HIS C 49 3.97 -7.11 50.24
CA HIS C 49 4.03 -6.97 48.79
C HIS C 49 3.89 -5.50 48.44
N GLY C 50 4.87 -4.96 47.73
CA GLY C 50 4.77 -3.60 47.28
C GLY C 50 6.10 -2.98 46.89
N PRO C 51 6.07 -1.77 46.34
CA PRO C 51 7.31 -1.11 45.93
C PRO C 51 8.13 -0.72 47.15
N VAL C 52 9.44 -0.58 46.92
CA VAL C 52 10.33 -0.18 48.01
C VAL C 52 10.20 1.31 48.28
N GLU C 53 10.16 2.13 47.23
CA GLU C 53 10.01 3.57 47.32
C GLU C 53 8.92 4.03 46.37
N PRO C 54 8.28 5.17 46.65
CA PRO C 54 7.20 5.63 45.77
C PRO C 54 7.69 6.01 44.39
N ASP C 55 6.76 6.01 43.44
CA ASP C 55 7.06 6.50 42.11
C ASP C 55 7.54 7.95 42.17
N LYS C 56 8.50 8.29 41.33
CA LYS C 56 9.04 9.64 41.29
C LYS C 56 8.22 10.49 40.32
N ASP C 57 7.99 11.75 40.70
CA ASP C 57 7.29 12.67 39.82
C ASP C 57 8.20 13.78 39.28
N ASN C 58 9.51 13.69 39.51
CA ASN C 58 10.46 14.53 38.81
C ASN C 58 11.77 13.76 38.66
N ILE C 59 12.26 13.68 37.42
CA ILE C 59 13.39 12.84 37.07
C ILE C 59 14.56 13.70 36.64
N ARG C 60 15.76 13.32 37.06
CA ARG C 60 16.99 13.97 36.62
C ARG C 60 17.09 14.00 35.10
N GLN C 61 17.23 15.20 34.55
CA GLN C 61 17.19 15.39 33.10
C GLN C 61 18.51 15.11 32.41
N GLU C 62 19.62 15.23 33.13
CA GLU C 62 20.96 15.13 32.53
C GLU C 62 21.55 13.75 32.78
N PRO C 63 22.19 13.17 31.77
CA PRO C 63 22.84 11.88 31.94
C PRO C 63 23.88 11.95 33.05
N TYR C 64 24.06 10.83 33.74
CA TYR C 64 25.08 10.79 34.78
C TYR C 64 26.46 10.98 34.18
N THR C 65 27.34 11.61 34.94
CA THR C 65 28.68 11.89 34.46
C THR C 65 29.51 10.61 34.40
N LEU C 66 30.19 10.42 33.29
CA LEU C 66 31.15 9.36 33.05
C LEU C 66 32.55 9.87 33.33
N PRO C 67 33.51 8.97 33.53
CA PRO C 67 34.91 9.41 33.67
C PRO C 67 35.35 10.18 32.42
N GLN C 68 36.39 10.99 32.60
CA GLN C 68 36.90 11.80 31.50
C GLN C 68 37.37 10.89 30.36
N GLY C 69 37.07 11.30 29.13
CA GLY C 69 37.42 10.52 27.97
C GLY C 69 36.38 9.51 27.52
N PHE C 70 35.24 9.42 28.21
CA PHE C 70 34.17 8.51 27.85
C PHE C 70 32.88 9.30 27.65
N THR C 71 32.00 8.77 26.81
CA THR C 71 30.75 9.44 26.48
C THR C 71 29.65 8.41 26.31
N TRP C 72 28.41 8.85 26.55
CA TRP C 72 27.24 8.02 26.28
C TRP C 72 26.96 8.00 24.78
N ASP C 73 26.34 6.90 24.33
CA ASP C 73 25.95 6.79 22.94
C ASP C 73 24.86 5.72 22.84
N ALA C 74 23.65 6.14 22.46
CA ALA C 74 22.58 5.20 22.17
C ALA C 74 22.87 4.49 20.86
N LEU C 75 22.91 3.15 20.89
CA LEU C 75 23.29 2.38 19.71
C LEU C 75 22.06 2.16 18.83
N ASP C 76 22.18 2.55 17.56
CA ASP C 76 21.17 2.19 16.55
C ASP C 76 21.51 0.79 16.06
N LEU C 77 20.80 -0.20 16.58
CA LEU C 77 21.07 -1.57 16.18
C LEU C 77 20.57 -1.87 14.77
N GLY C 78 19.70 -1.02 14.21
CA GLY C 78 19.36 -1.11 12.81
C GLY C 78 20.50 -0.77 11.87
N ASP C 79 21.56 -0.17 12.39
CA ASP C 79 22.78 0.09 11.64
C ASP C 79 23.70 -1.11 11.84
N ARG C 80 23.87 -1.91 10.78
CA ARG C 80 24.59 -3.17 10.90
C ARG C 80 26.01 -2.96 11.42
N GLY C 81 26.65 -1.86 11.03
CA GLY C 81 27.98 -1.56 11.56
C GLY C 81 27.96 -1.39 13.07
N VAL C 82 26.97 -0.64 13.57
CA VAL C 82 26.86 -0.46 15.02
C VAL C 82 26.47 -1.77 15.70
N LEU C 83 25.60 -2.56 15.05
CA LEU C 83 25.25 -3.87 15.61
C LEU C 83 26.48 -4.76 15.70
N LYS C 84 27.36 -4.72 14.69
CA LYS C 84 28.58 -5.51 14.76
C LYS C 84 29.49 -5.04 15.89
N GLU C 85 29.50 -3.74 16.17
CA GLU C 85 30.27 -3.24 17.30
C GLU C 85 29.79 -3.84 18.61
N LEU C 86 28.46 -3.92 18.79
CA LEU C 86 27.92 -4.52 20.00
C LEU C 86 28.21 -6.01 20.06
N TYR C 87 28.07 -6.71 18.91
CA TYR C 87 28.46 -8.11 18.85
C TYR C 87 29.90 -8.29 19.31
N THR C 88 30.80 -7.46 18.78
CA THR C 88 32.22 -7.59 19.11
C THR C 88 32.46 -7.33 20.59
N LEU C 89 31.83 -6.30 21.15
CA LEU C 89 32.01 -6.00 22.57
C LEU C 89 31.58 -7.19 23.43
N LEU C 90 30.42 -7.76 23.12
CA LEU C 90 29.92 -8.89 23.91
C LEU C 90 30.72 -10.16 23.63
N ASN C 91 31.02 -10.43 22.35
CA ASN C 91 31.80 -11.62 22.00
C ASN C 91 33.14 -11.65 22.73
N GLU C 92 33.68 -10.49 23.09
CA GLU C 92 34.99 -10.44 23.71
C GLU C 92 34.95 -10.17 25.22
N ASN C 93 33.85 -9.65 25.75
CA ASN C 93 33.84 -9.19 27.13
C ASN C 93 32.62 -9.60 27.93
N TYR C 94 31.71 -10.41 27.38
CA TYR C 94 30.49 -10.73 28.12
C TYR C 94 30.68 -11.95 29.02
N VAL C 95 29.59 -12.65 29.33
CA VAL C 95 29.58 -13.61 30.43
C VAL C 95 30.47 -14.81 30.11
N GLU C 96 31.31 -15.18 31.08
CA GLU C 96 32.12 -16.38 31.01
C GLU C 96 31.79 -17.30 32.17
N ASP C 97 32.04 -18.60 31.98
CA ASP C 97 31.83 -19.56 33.05
C ASP C 97 32.85 -19.35 34.17
N ASP C 98 32.65 -20.07 35.27
CA ASP C 98 33.52 -19.91 36.44
C ASP C 98 34.97 -20.21 36.08
N ASP C 99 35.21 -21.35 35.43
CA ASP C 99 36.56 -21.72 35.03
C ASP C 99 37.14 -20.86 33.92
N ASN C 100 36.35 -19.92 33.38
CA ASN C 100 36.81 -19.01 32.32
C ASN C 100 37.28 -19.77 31.08
N MET C 101 36.49 -20.77 30.68
CA MET C 101 36.76 -21.57 29.49
C MET C 101 35.79 -21.34 28.35
N PHE C 102 34.60 -20.81 28.62
CA PHE C 102 33.58 -20.59 27.61
C PHE C 102 32.96 -19.21 27.81
N ARG C 103 32.69 -18.53 26.71
CA ARG C 103 32.04 -17.22 26.74
C ARG C 103 30.89 -17.20 25.75
N PHE C 104 29.77 -16.62 26.17
CA PHE C 104 28.61 -16.47 25.29
C PHE C 104 28.99 -15.75 24.01
N ASP C 105 28.47 -16.24 22.88
CA ASP C 105 28.72 -15.65 21.57
C ASP C 105 27.38 -15.35 20.90
N TYR C 106 26.66 -14.38 21.47
CA TYR C 106 25.38 -13.94 20.90
C TYR C 106 25.58 -13.44 19.47
N SER C 107 24.91 -14.07 18.51
CA SER C 107 24.99 -13.61 17.14
C SER C 107 24.32 -12.24 16.99
N PRO C 108 24.67 -11.48 15.94
CA PRO C 108 24.02 -10.17 15.77
C PRO C 108 22.53 -10.28 15.54
N GLU C 109 22.10 -11.25 14.73
CA GLU C 109 20.68 -11.45 14.49
C GLU C 109 19.94 -11.78 15.78
N PHE C 110 20.57 -12.58 16.65
CA PHE C 110 19.99 -12.86 17.96
C PHE C 110 19.82 -11.58 18.77
N LEU C 111 20.85 -10.71 18.77
CA LEU C 111 20.78 -9.47 19.53
C LEU C 111 19.65 -8.58 19.01
N LEU C 112 19.44 -8.56 17.70
CA LEU C 112 18.31 -7.83 17.14
C LEU C 112 16.99 -8.38 17.68
N TRP C 113 16.87 -9.72 17.73
CA TRP C 113 15.66 -10.36 18.24
C TRP C 113 15.46 -10.07 19.72
N ALA C 114 16.54 -10.10 20.50
CA ALA C 114 16.43 -9.91 21.95
C ALA C 114 16.24 -8.44 22.34
N LEU C 115 16.72 -7.50 21.52
CA LEU C 115 16.77 -6.10 21.93
C LEU C 115 15.77 -5.20 21.21
N ARG C 116 15.05 -5.71 20.21
CA ARG C 116 13.99 -4.95 19.55
C ARG C 116 12.66 -5.70 19.56
N PRO C 117 12.19 -6.12 20.73
CA PRO C 117 10.83 -6.67 20.80
C PRO C 117 9.82 -5.54 20.74
N PRO C 118 8.54 -5.84 20.66
CA PRO C 118 7.53 -4.77 20.63
C PRO C 118 7.69 -3.80 21.78
N GLY C 119 7.68 -2.51 21.46
CA GLY C 119 7.84 -1.47 22.44
C GLY C 119 9.27 -1.09 22.78
N TRP C 120 10.26 -1.59 22.03
CA TRP C 120 11.64 -1.24 22.31
C TRP C 120 11.87 0.26 22.09
N LEU C 121 12.84 0.81 22.81
CA LEU C 121 13.15 2.22 22.66
C LEU C 121 14.64 2.40 22.39
N PRO C 122 15.00 3.30 21.46
CA PRO C 122 16.43 3.46 21.12
C PRO C 122 17.27 3.94 22.29
N GLN C 123 16.74 4.82 23.14
CA GLN C 123 17.51 5.32 24.28
C GLN C 123 17.83 4.22 25.28
N TRP C 124 17.07 3.14 25.28
CA TRP C 124 17.30 2.01 26.18
C TRP C 124 18.35 1.04 25.65
N HIS C 125 19.04 1.39 24.58
CA HIS C 125 20.18 0.63 24.07
C HIS C 125 21.42 1.47 24.37
N CYS C 126 21.88 1.40 25.61
CA CYS C 126 22.71 2.45 26.22
C CYS C 126 24.17 2.01 26.21
N GLY C 127 24.94 2.53 25.25
CA GLY C 127 26.35 2.23 25.15
C GLY C 127 27.25 3.30 25.75
N VAL C 128 28.51 2.91 25.96
CA VAL C 128 29.56 3.84 26.37
C VAL C 128 30.71 3.71 25.38
N ARG C 129 31.17 4.84 24.86
CA ARG C 129 32.26 4.88 23.90
C ARG C 129 33.39 5.75 24.43
N VAL C 130 34.63 5.40 24.09
CA VAL C 130 35.76 6.28 24.31
C VAL C 130 35.71 7.38 23.26
N VAL C 131 35.97 8.62 23.67
CA VAL C 131 35.71 9.73 22.75
C VAL C 131 36.77 9.79 21.64
N SER C 132 38.00 9.38 21.93
CA SER C 132 39.08 9.57 20.97
C SER C 132 38.95 8.62 19.78
N SER C 133 38.74 7.33 20.05
CA SER C 133 38.66 6.33 18.99
C SER C 133 37.24 5.85 18.72
N ARG C 134 36.25 6.32 19.47
CA ARG C 134 34.86 5.90 19.35
C ARG C 134 34.68 4.41 19.62
N LYS C 135 35.61 3.79 20.33
CA LYS C 135 35.51 2.37 20.62
C LYS C 135 34.41 2.12 21.66
N LEU C 136 33.54 1.17 21.35
CA LEU C 136 32.50 0.76 22.29
C LEU C 136 33.12 -0.06 23.43
N VAL C 137 32.96 0.42 24.66
CA VAL C 137 33.56 -0.22 25.83
C VAL C 137 32.55 -0.50 26.93
N GLY C 138 31.27 -0.20 26.74
CA GLY C 138 30.27 -0.49 27.75
C GLY C 138 28.88 -0.50 27.15
N PHE C 139 27.98 -1.21 27.82
CA PHE C 139 26.62 -1.37 27.32
C PHE C 139 25.70 -1.86 28.43
N ILE C 140 24.41 -1.54 28.27
CA ILE C 140 23.34 -2.07 29.10
C ILE C 140 22.05 -1.79 28.34
N SER C 141 21.05 -2.64 28.55
CA SER C 141 19.82 -2.54 27.77
CA SER C 141 19.81 -2.50 27.78
C SER C 141 18.60 -2.77 28.66
N ALA C 142 17.49 -2.15 28.26
CA ALA C 142 16.19 -2.37 28.87
C ALA C 142 15.17 -2.57 27.76
N ILE C 143 14.26 -3.51 27.97
CA ILE C 143 13.13 -3.73 27.07
C ILE C 143 11.87 -3.78 27.93
N PRO C 144 10.74 -3.27 27.46
CA PRO C 144 9.53 -3.27 28.29
C PRO C 144 8.90 -4.65 28.36
N ALA C 145 8.28 -4.93 29.51
CA ALA C 145 7.62 -6.20 29.71
C ALA C 145 6.58 -6.04 30.80
N ASN C 146 5.40 -6.61 30.57
CA ASN C 146 4.38 -6.70 31.61
C ASN C 146 4.67 -7.94 32.45
N ILE C 147 4.83 -7.75 33.75
CA ILE C 147 5.28 -8.80 34.65
C ILE C 147 4.16 -9.12 35.63
N HIS C 148 3.85 -10.41 35.77
CA HIS C 148 2.97 -10.89 36.82
C HIS C 148 3.85 -11.38 37.98
N ILE C 149 3.73 -10.72 39.13
CA ILE C 149 4.47 -11.11 40.32
C ILE C 149 3.46 -11.30 41.44
N TYR C 150 3.24 -12.56 41.84
CA TYR C 150 2.20 -12.93 42.79
C TYR C 150 0.88 -12.33 42.33
N ASP C 151 0.24 -11.53 43.18
CA ASP C 151 -1.07 -10.99 42.87
C ASP C 151 -1.06 -9.66 42.10
N THR C 152 0.10 -9.16 41.71
CA THR C 152 0.20 -7.90 41.00
C THR C 152 0.71 -8.10 39.58
N GLU C 153 0.17 -7.31 38.65
CA GLU C 153 0.66 -7.22 37.28
C GLU C 153 1.13 -5.77 37.09
N LYS C 154 2.43 -5.59 36.89
CA LYS C 154 3.02 -4.27 36.77
C LYS C 154 3.82 -4.17 35.47
N LYS C 155 3.78 -2.98 34.86
CA LYS C 155 4.65 -2.72 33.72
C LYS C 155 6.08 -2.51 34.22
N MET C 156 7.02 -3.25 33.64
CA MET C 156 8.42 -3.23 34.08
C MET C 156 9.32 -3.13 32.87
N VAL C 157 10.63 -3.18 33.13
CA VAL C 157 11.63 -3.41 32.11
C VAL C 157 12.43 -4.63 32.50
N GLU C 158 12.95 -5.33 31.50
CA GLU C 158 13.93 -6.38 31.71
C GLU C 158 15.29 -5.83 31.34
N ILE C 159 16.24 -5.94 32.28
CA ILE C 159 17.60 -5.44 32.08
C ILE C 159 18.47 -6.61 31.66
N ASN C 160 19.25 -6.42 30.59
CA ASN C 160 20.12 -7.49 30.10
C ASN C 160 21.35 -6.89 29.45
N PHE C 161 22.34 -7.76 29.23
CA PHE C 161 23.54 -7.44 28.44
C PHE C 161 24.36 -6.31 29.05
N LEU C 162 24.32 -6.18 30.38
CA LEU C 162 25.26 -5.30 31.06
C LEU C 162 26.67 -5.80 30.85
N CYS C 163 27.51 -4.98 30.20
CA CYS C 163 28.85 -5.38 29.83
C CYS C 163 29.81 -4.20 29.98
N VAL C 164 30.93 -4.44 30.64
CA VAL C 164 32.01 -3.47 30.73
C VAL C 164 33.27 -4.12 30.17
N HIS C 165 34.00 -3.38 29.33
CA HIS C 165 35.20 -3.91 28.73
C HIS C 165 36.16 -4.42 29.80
N LYS C 166 36.89 -5.48 29.47
CA LYS C 166 37.80 -6.09 30.44
C LYS C 166 38.84 -5.08 30.94
N LYS C 167 39.31 -4.21 30.06
CA LYS C 167 40.30 -3.22 30.45
C LYS C 167 39.71 -2.05 31.22
N LEU C 168 38.41 -2.10 31.54
CA LEU C 168 37.76 -1.10 32.38
C LEU C 168 37.14 -1.72 33.63
N ARG C 169 37.48 -2.96 33.95
CA ARG C 169 36.83 -3.66 35.04
C ARG C 169 37.23 -3.10 36.39
N SER C 170 36.35 -3.28 37.37
CA SER C 170 36.60 -2.97 38.78
C SER C 170 36.90 -1.49 39.00
N LYS C 171 36.50 -0.63 38.08
CA LYS C 171 36.58 0.81 38.27
C LYS C 171 35.20 1.45 38.48
N ARG C 172 34.22 0.63 38.85
CA ARG C 172 32.87 1.07 39.22
C ARG C 172 32.19 1.82 38.09
N VAL C 173 32.44 1.37 36.85
CA VAL C 173 31.67 1.84 35.71
C VAL C 173 30.29 1.17 35.69
N ALA C 174 30.20 -0.06 36.18
CA ALA C 174 28.91 -0.76 36.19
C ALA C 174 27.84 -0.05 37.00
N PRO C 175 28.13 0.54 38.18
CA PRO C 175 27.08 1.32 38.85
C PRO C 175 26.60 2.52 38.06
N VAL C 176 27.48 3.16 37.29
CA VAL C 176 27.05 4.30 36.48
C VAL C 176 26.10 3.84 35.38
N LEU C 177 26.42 2.71 34.76
CA LEU C 177 25.53 2.16 33.73
C LEU C 177 24.17 1.80 34.31
N ILE C 178 24.15 1.25 35.52
CA ILE C 178 22.89 0.86 36.11
C ILE C 178 22.05 2.09 36.47
N ARG C 179 22.69 3.10 37.06
CA ARG C 179 21.96 4.32 37.41
C ARG C 179 21.47 5.05 36.15
N GLU C 180 22.25 5.00 35.07
CA GLU C 180 21.84 5.68 33.85
C GLU C 180 20.64 5.00 33.20
N ILE C 181 20.69 3.67 33.08
CA ILE C 181 19.53 2.99 32.51
C ILE C 181 18.31 3.16 33.42
N THR C 182 18.53 3.22 34.74
CA THR C 182 17.43 3.51 35.65
C THR C 182 16.82 4.86 35.33
N ARG C 183 17.66 5.89 35.12
CA ARG C 183 17.17 7.23 34.83
C ARG C 183 16.36 7.25 33.54
N ARG C 184 16.88 6.62 32.49
CA ARG C 184 16.20 6.65 31.19
C ARG C 184 14.90 5.85 31.22
N VAL C 185 14.83 4.80 32.05
CA VAL C 185 13.58 4.07 32.22
C VAL C 185 12.59 4.89 33.07
N HIS C 186 13.11 5.60 34.07
CA HIS C 186 12.27 6.49 34.87
C HIS C 186 11.63 7.57 34.01
N LEU C 187 12.35 8.08 33.01
CA LEU C 187 11.80 9.10 32.14
C LEU C 187 10.56 8.61 31.41
N GLU C 188 10.46 7.31 31.16
CA GLU C 188 9.30 6.72 30.51
C GLU C 188 8.22 6.31 31.49
N GLY C 189 8.36 6.65 32.77
CA GLY C 189 7.32 6.36 33.74
C GLY C 189 7.27 4.93 34.24
N ILE C 190 8.39 4.22 34.22
CA ILE C 190 8.46 2.85 34.69
C ILE C 190 9.41 2.82 35.89
N PHE C 191 8.97 2.20 36.98
CA PHE C 191 9.70 2.27 38.25
C PHE C 191 10.05 0.90 38.83
N GLN C 192 9.89 -0.17 38.06
CA GLN C 192 10.28 -1.51 38.50
C GLN C 192 10.98 -2.20 37.34
N ALA C 193 11.89 -3.12 37.69
CA ALA C 193 12.57 -3.93 36.69
C ALA C 193 12.72 -5.35 37.22
N VAL C 194 12.96 -6.27 36.29
CA VAL C 194 13.34 -7.65 36.60
C VAL C 194 14.65 -7.94 35.89
N TYR C 195 15.52 -8.71 36.57
CA TYR C 195 16.81 -9.06 35.99
C TYR C 195 17.31 -10.33 36.66
N THR C 196 18.23 -11.00 35.98
CA THR C 196 18.88 -12.20 36.50
C THR C 196 20.39 -12.00 36.51
N ALA C 197 21.05 -12.67 37.45
CA ALA C 197 22.51 -12.63 37.52
C ALA C 197 23.01 -13.91 38.16
N GLY C 198 24.23 -14.29 37.79
CA GLY C 198 24.86 -15.44 38.42
C GLY C 198 25.48 -15.15 39.78
N VAL C 199 25.53 -13.88 40.18
CA VAL C 199 26.10 -13.48 41.45
C VAL C 199 24.98 -13.18 42.44
N VAL C 200 25.31 -13.24 43.71
CA VAL C 200 24.37 -12.93 44.78
C VAL C 200 24.45 -11.45 45.09
N LEU C 201 23.35 -10.75 44.91
CA LEU C 201 23.17 -9.35 45.29
C LEU C 201 21.92 -9.25 46.13
N PRO C 202 21.67 -8.09 46.75
CA PRO C 202 20.37 -7.91 47.41
C PRO C 202 19.30 -7.57 46.38
N LYS C 203 18.23 -8.37 46.32
CA LYS C 203 18.07 -9.61 47.06
C LYS C 203 17.27 -10.55 46.17
N PRO C 204 17.70 -11.81 46.05
CA PRO C 204 17.04 -12.72 45.09
C PRO C 204 15.60 -13.00 45.47
N VAL C 205 14.70 -12.83 44.52
CA VAL C 205 13.33 -13.31 44.71
C VAL C 205 13.25 -14.80 44.42
N GLY C 206 14.20 -15.33 43.66
CA GLY C 206 14.30 -16.76 43.42
C GLY C 206 15.71 -17.11 43.05
N THR C 207 16.06 -18.39 43.24
CA THR C 207 17.38 -18.88 42.89
C THR C 207 17.24 -20.23 42.22
N CYS C 208 17.90 -20.40 41.08
CA CYS C 208 17.72 -21.57 40.23
C CYS C 208 19.07 -22.18 39.89
N GLN C 209 19.05 -23.45 39.50
CA GLN C 209 20.24 -24.18 39.13
C GLN C 209 20.24 -24.51 37.65
N TYR C 210 21.44 -24.55 37.08
CA TYR C 210 21.62 -24.89 35.67
C TYR C 210 21.66 -26.41 35.51
N PHE C 211 21.09 -26.87 34.40
CA PHE C 211 21.15 -28.27 34.01
C PHE C 211 21.46 -28.35 32.51
N HIS C 212 22.31 -29.31 32.14
CA HIS C 212 22.69 -29.51 30.76
C HIS C 212 22.45 -30.97 30.36
N ARG C 213 22.06 -31.17 29.11
CA ARG C 213 21.85 -32.50 28.56
C ARG C 213 22.79 -32.67 27.36
N SER C 214 23.69 -33.64 27.46
CA SER C 214 24.67 -33.86 26.41
CA SER C 214 24.67 -33.86 26.41
C SER C 214 24.00 -34.40 25.14
N LEU C 215 24.39 -33.84 24.01
CA LEU C 215 23.95 -34.30 22.70
C LEU C 215 25.11 -34.78 21.82
N ASN C 216 26.29 -34.19 21.97
CA ASN C 216 27.48 -34.55 21.21
C ASN C 216 28.58 -34.86 22.23
N PRO C 217 28.52 -36.02 22.87
CA PRO C 217 29.39 -36.28 24.03
C PRO C 217 30.89 -36.15 23.76
N ARG C 218 31.38 -36.58 22.59
CA ARG C 218 32.82 -36.50 22.33
C ARG C 218 33.29 -35.05 22.36
N LYS C 219 32.65 -34.18 21.57
CA LYS C 219 33.05 -32.78 21.54
C LYS C 219 32.99 -32.16 22.93
N LEU C 220 31.98 -32.54 23.72
CA LEU C 220 31.88 -32.01 25.08
C LEU C 220 33.03 -32.49 25.96
N ILE C 221 33.58 -33.66 25.68
CA ILE C 221 34.72 -34.17 26.45
C ILE C 221 36.01 -33.50 26.01
N GLU C 222 36.26 -33.45 24.70
CA GLU C 222 37.52 -32.91 24.19
C GLU C 222 37.68 -31.43 24.54
N VAL C 223 36.58 -30.67 24.53
CA VAL C 223 36.65 -29.26 24.91
C VAL C 223 36.60 -29.06 26.41
N LYS C 224 36.57 -30.15 27.20
CA LYS C 224 36.55 -30.10 28.66
C LYS C 224 35.27 -29.44 29.19
N PHE C 225 34.17 -29.55 28.44
CA PHE C 225 32.88 -29.10 28.97
C PHE C 225 32.35 -30.11 29.98
N SER C 226 32.45 -31.40 29.66
CA SER C 226 32.23 -32.48 30.61
C SER C 226 33.49 -33.33 30.71
N HIS C 227 33.51 -34.22 31.69
CA HIS C 227 34.61 -35.17 31.86
C HIS C 227 34.06 -36.58 31.73
N LEU C 228 34.88 -37.47 31.18
CA LEU C 228 34.55 -38.89 31.06
C LEU C 228 33.98 -39.42 32.37
N SER C 229 32.79 -40.04 32.27
CA SER C 229 32.12 -40.56 33.45
C SER C 229 32.99 -41.62 34.12
N ARG C 230 33.01 -41.58 35.46
CA ARG C 230 33.80 -42.53 36.22
C ARG C 230 33.30 -43.95 35.99
N ASN C 231 34.24 -44.90 35.91
CA ASN C 231 33.94 -46.30 35.64
C ASN C 231 33.20 -46.46 34.31
N MET C 232 33.59 -45.65 33.32
CA MET C 232 32.97 -45.69 32.00
C MET C 232 34.05 -45.41 30.95
N THR C 233 33.66 -45.60 29.69
CA THR C 233 34.52 -45.37 28.54
C THR C 233 33.80 -44.45 27.56
N MET C 234 34.48 -44.11 26.45
CA MET C 234 33.93 -43.11 25.53
C MET C 234 32.68 -43.61 24.83
N GLN C 235 32.75 -44.77 24.18
CA GLN C 235 31.60 -45.26 23.43
C GLN C 235 30.56 -45.93 24.31
N ARG C 236 30.84 -46.15 25.59
CA ARG C 236 29.76 -46.43 26.54
C ARG C 236 28.88 -45.21 26.73
N THR C 237 29.49 -44.06 27.00
CA THR C 237 28.75 -42.82 27.22
C THR C 237 27.99 -42.37 25.98
N MET C 238 28.43 -42.78 24.79
CA MET C 238 27.80 -42.30 23.56
C MET C 238 26.41 -42.91 23.37
N LYS C 239 26.33 -44.24 23.38
CA LYS C 239 25.04 -44.93 23.32
C LYS C 239 24.21 -44.75 24.59
N LEU C 240 24.83 -44.30 25.68
CA LEU C 240 24.05 -43.93 26.86
C LEU C 240 23.33 -42.61 26.64
N TYR C 241 23.99 -41.65 25.98
CA TYR C 241 23.39 -40.38 25.64
C TYR C 241 22.82 -40.38 24.22
N ARG C 242 22.64 -41.54 23.61
CA ARG C 242 22.00 -41.56 22.31
C ARG C 242 20.51 -41.34 22.46
N LEU C 243 19.90 -40.83 21.39
CA LEU C 243 18.47 -40.62 21.34
C LEU C 243 17.94 -40.92 19.94
N PRO C 244 16.62 -41.04 19.75
CA PRO C 244 16.08 -41.44 18.44
C PRO C 244 16.48 -40.48 17.34
N GLU C 245 16.20 -40.90 16.10
CA GLU C 245 16.50 -40.12 14.92
C GLU C 245 15.43 -39.08 14.61
N THR C 246 14.25 -39.19 15.21
CA THR C 246 13.15 -38.28 14.95
C THR C 246 12.21 -38.32 16.15
N PRO C 247 11.49 -37.23 16.44
CA PRO C 247 10.65 -37.20 17.64
C PRO C 247 9.53 -38.22 17.57
N LYS C 248 8.96 -38.50 18.74
CA LYS C 248 7.91 -39.51 18.85
C LYS C 248 6.52 -38.94 19.05
N THR C 249 6.38 -37.66 19.36
CA THR C 249 5.05 -37.08 19.57
C THR C 249 4.36 -36.89 18.24
N ALA C 250 3.18 -37.48 18.11
CA ALA C 250 2.43 -37.42 16.87
C ALA C 250 1.80 -36.05 16.69
N GLY C 251 1.99 -35.48 15.51
CA GLY C 251 1.45 -34.17 15.21
C GLY C 251 2.42 -33.03 15.37
N LEU C 252 3.64 -33.31 15.85
CA LEU C 252 4.65 -32.28 16.00
C LEU C 252 4.98 -31.67 14.64
N ARG C 253 5.16 -30.35 14.62
CA ARG C 253 5.48 -29.62 13.40
C ARG C 253 5.90 -28.20 13.80
N PRO C 254 6.66 -27.52 12.96
CA PRO C 254 7.10 -26.15 13.29
C PRO C 254 5.94 -25.18 13.36
N MET C 255 6.06 -24.23 14.28
CA MET C 255 5.06 -23.18 14.43
C MET C 255 4.94 -22.36 13.16
N GLU C 256 3.70 -22.02 12.80
CA GLU C 256 3.40 -21.19 11.65
C GLU C 256 2.61 -19.95 12.10
N THR C 257 2.35 -19.06 11.14
CA THR C 257 1.63 -17.83 11.45
C THR C 257 0.24 -18.11 11.99
N LYS C 258 -0.44 -19.12 11.44
CA LYS C 258 -1.79 -19.44 11.88
C LYS C 258 -1.84 -19.90 13.33
N ASP C 259 -0.70 -20.30 13.90
CA ASP C 259 -0.61 -20.80 15.27
C ASP C 259 -0.41 -19.70 16.31
N ILE C 260 -0.20 -18.45 15.90
CA ILE C 260 0.10 -17.40 16.86
C ILE C 260 -1.00 -17.26 17.91
N PRO C 261 -2.29 -17.18 17.55
CA PRO C 261 -3.31 -17.05 18.61
C PRO C 261 -3.32 -18.21 19.59
N VAL C 262 -3.29 -19.45 19.12
CA VAL C 262 -3.40 -20.57 20.05
C VAL C 262 -2.13 -20.70 20.89
N VAL C 263 -0.97 -20.39 20.32
CA VAL C 263 0.25 -20.40 21.13
C VAL C 263 0.16 -19.32 22.22
N HIS C 264 -0.39 -18.15 21.87
CA HIS C 264 -0.61 -17.12 22.88
C HIS C 264 -1.54 -17.63 23.97
N GLN C 265 -2.65 -18.26 23.56
CA GLN C 265 -3.63 -18.75 24.53
C GLN C 265 -3.03 -19.84 25.42
N LEU C 266 -2.34 -20.80 24.81
CA LEU C 266 -1.73 -21.87 25.59
C LEU C 266 -0.73 -21.32 26.61
N LEU C 267 0.09 -20.37 26.19
CA LEU C 267 1.11 -19.80 27.08
C LEU C 267 0.46 -19.06 28.25
N THR C 268 -0.52 -18.20 27.95
CA THR C 268 -1.14 -17.40 29.01
C THR C 268 -1.77 -18.29 30.07
N ARG C 269 -2.51 -19.32 29.65
CA ARG C 269 -3.17 -20.20 30.61
C ARG C 269 -2.15 -21.04 31.36
N TYR C 270 -1.11 -21.54 30.68
CA TYR C 270 -0.11 -22.34 31.35
C TYR C 270 0.62 -21.54 32.43
N LEU C 271 0.91 -20.27 32.16
CA LEU C 271 1.76 -19.51 33.06
C LEU C 271 1.05 -19.06 34.34
N LYS C 272 -0.27 -19.24 34.44
CA LYS C 272 -0.99 -18.77 35.61
C LYS C 272 -0.63 -19.52 36.89
N GLN C 273 -0.07 -20.73 36.77
CA GLN C 273 0.24 -21.51 37.96
C GLN C 273 1.50 -21.03 38.67
N PHE C 274 2.32 -20.21 38.02
CA PHE C 274 3.58 -19.76 38.59
C PHE C 274 3.41 -18.36 39.18
N HIS C 275 4.45 -17.93 39.91
CA HIS C 275 4.36 -16.69 40.69
C HIS C 275 5.11 -15.52 40.07
N LEU C 276 6.10 -15.78 39.21
CA LEU C 276 6.81 -14.74 38.47
C LEU C 276 6.78 -15.11 37.00
N THR C 277 5.98 -14.39 36.22
CA THR C 277 5.75 -14.74 34.82
C THR C 277 5.66 -13.49 33.97
N PRO C 278 5.95 -13.59 32.68
CA PRO C 278 5.61 -12.53 31.75
C PRO C 278 4.14 -12.60 31.36
N VAL C 279 3.59 -11.44 31.02
CA VAL C 279 2.23 -11.33 30.51
C VAL C 279 2.37 -10.79 29.09
N MET C 280 2.37 -11.67 28.10
CA MET C 280 2.68 -11.28 26.74
C MET C 280 1.41 -10.93 25.97
N SER C 281 1.50 -9.90 25.15
CA SER C 281 0.47 -9.66 24.16
C SER C 281 0.63 -10.67 23.02
N GLN C 282 -0.38 -10.71 22.14
CA GLN C 282 -0.28 -11.57 20.98
C GLN C 282 0.85 -11.12 20.06
N GLU C 283 1.13 -9.81 20.03
CA GLU C 283 2.26 -9.32 19.25
C GLU C 283 3.58 -9.79 19.84
N GLU C 284 3.70 -9.81 21.17
CA GLU C 284 4.91 -10.29 21.81
C GLU C 284 5.08 -11.81 21.63
N VAL C 285 3.97 -12.55 21.61
CA VAL C 285 4.08 -13.99 21.37
C VAL C 285 4.65 -14.25 19.97
N GLU C 286 4.16 -13.51 18.98
CA GLU C 286 4.70 -13.63 17.62
C GLU C 286 6.19 -13.32 17.60
N HIS C 287 6.62 -12.25 18.27
CA HIS C 287 8.03 -11.90 18.24
C HIS C 287 8.88 -12.98 18.89
N TRP C 288 8.47 -13.47 20.06
CA TRP C 288 9.33 -14.36 20.84
C TRP C 288 9.30 -15.80 20.38
N PHE C 289 8.29 -16.22 19.60
CA PHE C 289 8.13 -17.63 19.29
C PHE C 289 8.08 -17.97 17.80
N TYR C 290 7.74 -17.02 16.92
CA TYR C 290 7.74 -17.35 15.50
C TYR C 290 9.15 -17.78 15.09
N PRO C 291 9.30 -18.93 14.44
CA PRO C 291 10.65 -19.48 14.22
C PRO C 291 11.53 -18.57 13.37
N GLN C 292 12.76 -18.40 13.82
CA GLN C 292 13.81 -17.73 13.07
C GLN C 292 15.05 -18.61 13.13
N GLU C 293 15.57 -18.99 11.96
CA GLU C 293 16.63 -19.98 11.93
C GLU C 293 17.88 -19.46 12.64
N ASN C 294 18.52 -20.32 13.42
CA ASN C 294 19.67 -20.00 14.26
C ASN C 294 19.37 -18.90 15.28
N ILE C 295 18.10 -18.74 15.66
CA ILE C 295 17.72 -17.83 16.73
C ILE C 295 16.72 -18.50 17.66
N ILE C 296 15.51 -18.78 17.17
CA ILE C 296 14.44 -19.34 17.99
C ILE C 296 13.73 -20.42 17.20
N ASP C 297 13.49 -21.56 17.85
CA ASP C 297 12.75 -22.67 17.28
C ASP C 297 11.53 -22.95 18.16
N THR C 298 10.37 -23.05 17.54
CA THR C 298 9.12 -23.38 18.22
C THR C 298 8.41 -24.47 17.42
N PHE C 299 8.03 -25.56 18.09
CA PHE C 299 7.28 -26.65 17.48
C PHE C 299 5.97 -26.84 18.24
N VAL C 300 4.86 -26.93 17.51
CA VAL C 300 3.55 -27.18 18.11
C VAL C 300 3.13 -28.61 17.85
N VAL C 301 2.28 -29.14 18.73
CA VAL C 301 1.65 -30.45 18.54
C VAL C 301 0.23 -30.21 18.05
N GLU C 302 -0.04 -30.56 16.79
CA GLU C 302 -1.38 -30.48 16.22
C GLU C 302 -1.95 -31.90 16.19
N ASN C 303 -2.99 -32.15 16.98
CA ASN C 303 -3.45 -33.51 17.22
C ASN C 303 -4.36 -33.98 16.07
N ALA C 304 -5.01 -35.13 16.27
CA ALA C 304 -5.80 -35.75 15.21
C ALA C 304 -7.03 -34.95 14.82
N ASN C 305 -7.45 -34.00 15.66
CA ASN C 305 -8.58 -33.15 15.36
C ASN C 305 -8.18 -31.85 14.68
N GLY C 306 -6.88 -31.60 14.52
CA GLY C 306 -6.41 -30.32 14.04
C GLY C 306 -6.24 -29.26 15.10
N GLU C 307 -6.24 -29.64 16.38
CA GLU C 307 -6.10 -28.70 17.47
C GLU C 307 -4.66 -28.68 17.97
N VAL C 308 -4.15 -27.48 18.24
CA VAL C 308 -2.81 -27.33 18.79
C VAL C 308 -2.91 -27.45 20.30
N THR C 309 -2.28 -28.49 20.82
CA THR C 309 -2.42 -28.94 22.20
C THR C 309 -1.24 -28.56 23.08
N ASP C 310 -0.06 -28.43 22.49
CA ASP C 310 1.19 -28.24 23.21
C ASP C 310 2.14 -27.52 22.28
N PHE C 311 3.21 -26.99 22.85
CA PHE C 311 4.33 -26.53 22.04
C PHE C 311 5.60 -26.58 22.88
N LEU C 312 6.72 -26.70 22.19
CA LEU C 312 8.04 -26.62 22.79
C LEU C 312 8.84 -25.56 22.06
N SER C 313 9.80 -24.95 22.75
CA SER C 313 10.64 -23.95 22.09
C SER C 313 12.00 -23.90 22.78
N PHE C 314 13.01 -23.57 21.97
CA PHE C 314 14.37 -23.37 22.48
C PHE C 314 15.07 -22.36 21.58
N TYR C 315 16.02 -21.61 22.14
CA TYR C 315 16.75 -20.62 21.37
C TYR C 315 18.20 -21.03 21.18
N THR C 316 18.82 -20.43 20.15
CA THR C 316 20.17 -20.76 19.72
C THR C 316 21.15 -19.76 20.34
N LEU C 317 22.11 -20.26 21.10
CA LEU C 317 23.12 -19.41 21.73
C LEU C 317 24.42 -20.19 21.86
N PRO C 318 25.34 -20.02 20.92
CA PRO C 318 26.63 -20.70 21.02
C PRO C 318 27.55 -19.98 22.01
N SER C 319 28.57 -20.72 22.44
CA SER C 319 29.60 -20.19 23.32
C SER C 319 30.96 -20.35 22.66
N THR C 320 31.80 -19.34 22.81
CA THR C 320 33.17 -19.41 22.31
C THR C 320 34.01 -20.27 23.23
N ILE C 321 34.74 -21.22 22.66
CA ILE C 321 35.66 -22.07 23.40
C ILE C 321 37.01 -21.35 23.46
N MET C 322 37.38 -20.90 24.65
CA MET C 322 38.52 -19.99 24.79
C MET C 322 39.84 -20.75 24.88
N ASN C 323 40.88 -20.16 24.31
CA ASN C 323 42.25 -20.68 24.34
C ASN C 323 42.33 -22.13 23.88
N HIS C 324 41.34 -22.59 23.11
CA HIS C 324 41.40 -23.91 22.50
C HIS C 324 41.63 -23.76 21.00
N PRO C 325 42.67 -24.40 20.45
CA PRO C 325 43.04 -24.14 19.05
C PRO C 325 42.20 -24.91 18.04
N THR C 326 41.70 -26.10 18.40
CA THR C 326 40.98 -26.95 17.44
C THR C 326 39.49 -26.63 17.40
N HIS C 327 38.78 -26.89 18.49
CA HIS C 327 37.36 -26.58 18.60
C HIS C 327 37.20 -25.19 19.20
N LYS C 328 36.49 -24.32 18.49
CA LYS C 328 36.35 -22.93 18.91
C LYS C 328 34.92 -22.49 19.21
N SER C 329 33.92 -23.19 18.68
CA SER C 329 32.53 -22.87 18.91
C SER C 329 31.82 -24.05 19.56
N LEU C 330 31.10 -23.79 20.64
CA LEU C 330 30.23 -24.77 21.28
C LEU C 330 28.79 -24.38 20.98
N LYS C 331 28.08 -25.22 20.24
CA LYS C 331 26.72 -24.93 19.79
C LYS C 331 25.73 -25.44 20.84
N ALA C 332 25.06 -24.51 21.52
CA ALA C 332 24.14 -24.85 22.60
C ALA C 332 22.74 -24.35 22.27
N ALA C 333 21.74 -25.09 22.74
CA ALA C 333 20.34 -24.73 22.67
C ALA C 333 19.81 -24.59 24.08
N TYR C 334 18.97 -23.58 24.32
CA TYR C 334 18.48 -23.28 25.66
C TYR C 334 16.97 -23.43 25.69
N SER C 335 16.48 -24.20 26.68
CA SER C 335 15.04 -24.37 26.84
C SER C 335 14.37 -23.01 27.07
N PHE C 336 13.30 -22.76 26.31
CA PHE C 336 12.61 -21.48 26.36
C PHE C 336 11.29 -21.53 27.10
N TYR C 337 10.18 -21.91 26.46
CA TYR C 337 8.89 -22.04 27.11
C TYR C 337 8.28 -23.30 26.51
N ASN C 338 7.90 -24.24 27.38
CA ASN C 338 7.34 -25.53 26.96
C ASN C 338 6.00 -25.72 27.65
N VAL C 339 4.92 -25.75 26.87
CA VAL C 339 3.57 -25.81 27.40
C VAL C 339 2.94 -27.14 27.00
N HIS C 340 2.43 -27.87 27.99
CA HIS C 340 1.78 -29.15 27.76
C HIS C 340 0.39 -29.13 28.34
N THR C 341 -0.59 -29.59 27.57
CA THR C 341 -1.95 -29.79 28.05
C THR C 341 -2.45 -31.20 27.72
N GLN C 342 -1.92 -31.78 26.64
CA GLN C 342 -2.30 -33.14 26.24
C GLN C 342 -1.13 -34.09 26.11
N THR C 343 -0.02 -33.64 25.53
CA THR C 343 1.19 -34.46 25.51
C THR C 343 1.89 -34.36 26.86
N PRO C 344 2.33 -35.47 27.45
CA PRO C 344 3.08 -35.38 28.71
C PRO C 344 4.36 -34.58 28.52
N LEU C 345 4.73 -33.85 29.58
CA LEU C 345 5.94 -33.04 29.52
C LEU C 345 7.17 -33.87 29.22
N LEU C 346 7.22 -35.11 29.71
CA LEU C 346 8.34 -35.98 29.41
C LEU C 346 8.46 -36.25 27.92
N ASP C 347 7.34 -36.51 27.25
CA ASP C 347 7.34 -36.70 25.81
C ASP C 347 7.77 -35.42 25.09
N LEU C 348 7.21 -34.28 25.51
CA LEU C 348 7.52 -33.00 24.86
C LEU C 348 9.01 -32.69 24.95
N MET C 349 9.59 -32.85 26.14
CA MET C 349 10.99 -32.50 26.33
C MET C 349 11.93 -33.50 25.67
N SER C 350 11.56 -34.79 25.67
CA SER C 350 12.32 -35.78 24.91
C SER C 350 12.43 -35.38 23.45
N ASP C 351 11.32 -34.92 22.85
CA ASP C 351 11.32 -34.49 21.46
C ASP C 351 12.13 -33.22 21.26
N ALA C 352 12.19 -32.36 22.28
CA ALA C 352 13.04 -31.16 22.16
C ALA C 352 14.51 -31.54 22.10
N LEU C 353 14.93 -32.51 22.92
CA LEU C 353 16.30 -33.01 22.83
C LEU C 353 16.55 -33.64 21.47
N VAL C 354 15.58 -34.39 20.96
CA VAL C 354 15.75 -35.04 19.66
C VAL C 354 15.90 -33.99 18.56
N LEU C 355 15.04 -32.97 18.58
CA LEU C 355 15.11 -31.92 17.57
C LEU C 355 16.40 -31.15 17.66
N ALA C 356 16.87 -30.87 18.89
CA ALA C 356 18.13 -30.18 19.06
C ALA C 356 19.30 -30.99 18.49
N LYS C 357 19.30 -32.30 18.73
CA LYS C 357 20.34 -33.15 18.14
C LYS C 357 20.29 -33.11 16.63
N MET C 358 19.08 -33.23 16.05
CA MET C 358 18.94 -33.19 14.60
C MET C 358 19.51 -31.91 14.01
N LYS C 359 19.36 -30.79 14.72
CA LYS C 359 19.78 -29.50 14.19
C LYS C 359 21.27 -29.22 14.43
N GLY C 360 21.99 -30.14 15.05
CA GLY C 360 23.44 -30.01 15.17
C GLY C 360 23.94 -29.40 16.47
N PHE C 361 23.07 -29.20 17.46
CA PHE C 361 23.53 -28.66 18.74
C PHE C 361 24.40 -29.67 19.47
N ASP C 362 25.31 -29.14 20.29
CA ASP C 362 26.18 -29.99 21.09
C ASP C 362 25.63 -30.28 22.47
N VAL C 363 24.77 -29.40 22.99
CA VAL C 363 24.24 -29.55 24.34
C VAL C 363 22.88 -28.87 24.39
N PHE C 364 22.04 -29.34 25.31
CA PHE C 364 20.74 -28.72 25.58
C PHE C 364 20.77 -28.22 27.01
N ASN C 365 20.66 -26.91 27.18
CA ASN C 365 20.76 -26.27 28.48
C ASN C 365 19.39 -25.81 28.95
N MET C 366 19.18 -25.88 30.26
CA MET C 366 17.96 -25.36 30.85
C MET C 366 18.23 -24.96 32.30
N VAL C 367 17.25 -24.30 32.89
CA VAL C 367 17.26 -23.95 34.30
C VAL C 367 16.08 -24.65 34.95
N ASP C 368 16.21 -24.98 36.24
CA ASP C 368 15.20 -25.80 36.92
C ASP C 368 13.99 -25.00 37.38
N LEU C 369 13.49 -24.08 36.56
CA LEU C 369 12.26 -23.37 36.86
C LEU C 369 11.05 -24.11 36.31
N MET C 370 9.87 -23.62 36.65
CA MET C 370 8.58 -24.23 36.26
C MET C 370 8.65 -25.71 36.63
N GLU C 371 8.33 -26.63 35.73
CA GLU C 371 8.34 -28.05 36.04
C GLU C 371 9.59 -28.76 35.49
N ASN C 372 10.66 -28.01 35.25
CA ASN C 372 11.83 -28.60 34.59
C ASN C 372 12.52 -29.64 35.45
N LYS C 373 12.40 -29.55 36.78
CA LYS C 373 12.98 -30.55 37.66
C LYS C 373 12.41 -31.93 37.41
N THR C 374 11.15 -32.02 36.98
CA THR C 374 10.44 -33.29 36.93
C THR C 374 11.01 -34.27 35.91
N PHE C 375 11.71 -33.79 34.89
CA PHE C 375 12.24 -34.69 33.86
C PHE C 375 13.77 -34.73 33.85
N VAL C 376 14.43 -34.25 34.91
CA VAL C 376 15.89 -34.22 34.94
C VAL C 376 16.44 -35.64 34.87
N GLU C 377 15.99 -36.52 35.79
CA GLU C 377 16.57 -37.85 35.91
C GLU C 377 16.31 -38.68 34.65
N LYS C 378 15.05 -38.84 34.28
CA LYS C 378 14.68 -39.71 33.17
C LYS C 378 15.31 -39.24 31.85
N LEU C 379 15.44 -37.93 31.64
CA LEU C 379 16.04 -37.43 30.41
C LEU C 379 17.55 -37.25 30.53
N LYS C 380 18.14 -37.67 31.64
CA LYS C 380 19.60 -37.75 31.81
C LYS C 380 20.25 -36.37 31.73
N PHE C 381 19.64 -35.38 32.38
CA PHE C 381 20.25 -34.07 32.54
C PHE C 381 21.31 -34.12 33.63
N GLY C 382 22.39 -33.40 33.42
CA GLY C 382 23.42 -33.23 34.44
C GLY C 382 23.33 -31.85 35.04
N ILE C 383 23.61 -31.77 36.35
CA ILE C 383 23.60 -30.48 37.04
C ILE C 383 24.90 -29.75 36.75
N GLY C 384 24.80 -28.43 36.54
CA GLY C 384 25.96 -27.61 36.25
C GLY C 384 26.42 -26.80 37.44
N ASP C 385 27.50 -26.07 37.23
CA ASP C 385 28.05 -25.20 38.27
C ASP C 385 27.27 -23.90 38.34
N GLY C 386 27.25 -23.31 39.53
CA GLY C 386 26.68 -21.99 39.72
C GLY C 386 25.20 -22.00 40.00
N HIS C 387 24.67 -20.78 40.09
CA HIS C 387 23.25 -20.54 40.34
C HIS C 387 22.81 -19.33 39.55
N LEU C 388 21.56 -19.34 39.11
CA LEU C 388 20.93 -18.19 38.47
C LEU C 388 19.99 -17.53 39.47
N GLN C 389 20.27 -16.29 39.82
CA GLN C 389 19.44 -15.55 40.76
C GLN C 389 18.47 -14.65 40.00
N TYR C 390 17.24 -14.58 40.48
CA TYR C 390 16.22 -13.70 39.93
C TYR C 390 15.98 -12.54 40.89
N TYR C 391 15.88 -11.33 40.34
CA TYR C 391 15.75 -10.12 41.14
C TYR C 391 14.65 -9.22 40.60
N LEU C 392 14.01 -8.51 41.52
CA LEU C 392 13.12 -7.40 41.19
C LEU C 392 13.71 -6.11 41.76
N TYR C 393 13.61 -5.04 40.99
CA TYR C 393 14.07 -3.71 41.40
C TYR C 393 12.87 -2.89 41.85
N ASN C 394 12.98 -2.30 43.04
CA ASN C 394 11.91 -1.49 43.64
C ASN C 394 10.61 -2.28 43.78
N TRP C 395 10.74 -3.55 44.18
CA TRP C 395 9.56 -4.35 44.51
C TRP C 395 9.94 -5.33 45.60
N LYS C 396 9.20 -5.27 46.72
CA LYS C 396 9.46 -6.07 47.90
C LYS C 396 8.37 -7.13 48.02
N CYS C 397 8.76 -8.40 47.97
CA CYS C 397 7.80 -9.50 48.03
C CYS C 397 8.52 -10.73 48.56
N PRO C 398 7.79 -11.67 49.15
CA PRO C 398 8.44 -12.89 49.64
C PRO C 398 9.05 -13.67 48.49
N SER C 399 10.18 -14.33 48.77
CA SER C 399 10.86 -15.10 47.75
C SER C 399 10.06 -16.36 47.42
N MET C 400 10.51 -17.08 46.39
CA MET C 400 9.77 -18.23 45.90
C MET C 400 10.74 -19.33 45.47
N GLY C 401 10.26 -20.57 45.54
CA GLY C 401 11.04 -21.68 45.04
C GLY C 401 11.18 -21.64 43.54
N ALA C 402 12.25 -22.25 43.04
CA ALA C 402 12.55 -22.22 41.62
C ALA C 402 11.39 -22.74 40.79
N GLU C 403 10.66 -23.74 41.31
CA GLU C 403 9.51 -24.29 40.60
C GLU C 403 8.37 -23.30 40.46
N LYS C 404 8.44 -22.14 41.12
CA LYS C 404 7.44 -21.11 40.94
C LYS C 404 7.90 -19.97 40.03
N VAL C 405 9.17 -19.96 39.63
CA VAL C 405 9.61 -19.01 38.62
C VAL C 405 9.09 -19.45 37.27
N GLY C 406 8.42 -18.53 36.56
CA GLY C 406 7.90 -18.85 35.25
C GLY C 406 8.34 -17.86 34.20
N LEU C 407 9.56 -17.34 34.36
CA LEU C 407 10.11 -16.31 33.49
C LEU C 407 11.48 -16.75 33.02
N VAL C 408 11.66 -16.86 31.71
CA VAL C 408 12.92 -17.25 31.11
C VAL C 408 13.51 -16.02 30.42
N MET C 409 14.72 -15.64 30.81
CA MET C 409 15.37 -14.48 30.23
C MET C 409 16.53 -14.94 29.37
N LEU C 410 16.87 -14.12 28.37
CA LEU C 410 17.85 -14.49 27.36
C LEU C 410 19.28 -14.19 27.79
N ARG D 29 -35.15 3.88 22.63
CA ARG D 29 -33.93 3.98 21.83
C ARG D 29 -32.97 2.84 22.14
N SER D 30 -32.57 2.12 21.10
CA SER D 30 -31.65 1.00 21.21
C SER D 30 -30.44 1.24 20.32
N TYR D 31 -29.35 0.54 20.63
CA TYR D 31 -28.06 0.74 19.97
C TYR D 31 -27.67 -0.57 19.30
N GLN D 32 -27.94 -0.67 17.99
CA GLN D 32 -27.66 -1.90 17.26
C GLN D 32 -26.20 -2.33 17.41
N PHE D 33 -25.28 -1.36 17.48
CA PHE D 33 -23.87 -1.70 17.70
C PHE D 33 -23.51 -1.73 19.18
N TRP D 34 -23.77 -0.64 19.89
CA TRP D 34 -23.20 -0.48 21.23
C TRP D 34 -23.79 -1.47 22.23
N ASP D 35 -25.01 -1.97 22.01
CA ASP D 35 -25.57 -2.99 22.88
C ASP D 35 -24.75 -4.28 22.84
N THR D 36 -23.93 -4.48 21.82
CA THR D 36 -23.08 -5.67 21.72
C THR D 36 -21.70 -5.47 22.31
N GLN D 37 -21.39 -4.27 22.81
CA GLN D 37 -20.05 -3.95 23.25
C GLN D 37 -19.92 -4.06 24.77
N PRO D 38 -18.70 -4.27 25.29
CA PRO D 38 -18.52 -4.37 26.75
C PRO D 38 -18.56 -3.00 27.43
N VAL D 39 -19.76 -2.43 27.50
CA VAL D 39 -20.00 -1.17 28.19
C VAL D 39 -21.27 -1.31 29.01
N PRO D 40 -21.44 -0.48 30.03
CA PRO D 40 -22.71 -0.48 30.78
C PRO D 40 -23.87 -0.01 29.91
N LYS D 41 -25.05 -0.52 30.23
CA LYS D 41 -26.25 -0.06 29.55
C LYS D 41 -26.66 1.31 30.08
N LEU D 42 -27.24 2.11 29.20
CA LEU D 42 -27.85 3.36 29.65
C LEU D 42 -28.98 3.06 30.61
N GLY D 43 -29.04 3.80 31.71
CA GLY D 43 -29.99 3.54 32.76
C GLY D 43 -29.50 2.57 33.82
N GLU D 44 -28.59 1.69 33.47
CA GLU D 44 -27.93 0.85 34.47
C GLU D 44 -27.06 1.74 35.34
N VAL D 45 -27.42 1.90 36.60
CA VAL D 45 -26.61 2.67 37.54
C VAL D 45 -25.58 1.72 38.16
N VAL D 46 -24.32 2.12 38.12
CA VAL D 46 -23.19 1.24 38.39
C VAL D 46 -22.59 1.61 39.74
N ASN D 47 -22.36 0.60 40.57
CA ASN D 47 -21.68 0.78 41.84
C ASN D 47 -20.36 0.01 41.94
N THR D 48 -20.04 -0.84 40.97
CA THR D 48 -18.84 -1.65 41.00
C THR D 48 -17.70 -0.96 40.24
N HIS D 49 -16.48 -1.48 40.43
CA HIS D 49 -15.29 -0.99 39.73
C HIS D 49 -14.55 -2.18 39.13
N GLY D 50 -14.54 -2.27 37.79
CA GLY D 50 -13.77 -3.31 37.13
C GLY D 50 -14.11 -3.51 35.66
N PRO D 51 -13.39 -4.40 35.01
CA PRO D 51 -13.65 -4.67 33.60
C PRO D 51 -14.99 -5.37 33.39
N VAL D 52 -15.53 -5.20 32.19
CA VAL D 52 -16.80 -5.85 31.87
C VAL D 52 -16.56 -7.29 31.44
N GLU D 53 -15.52 -7.54 30.66
CA GLU D 53 -15.15 -8.85 30.15
C GLU D 53 -13.67 -9.08 30.38
N PRO D 54 -13.23 -10.33 30.42
CA PRO D 54 -11.80 -10.59 30.68
C PRO D 54 -10.93 -10.19 29.50
N ASP D 55 -9.64 -10.00 29.79
CA ASP D 55 -8.66 -9.89 28.73
C ASP D 55 -8.74 -11.11 27.83
N LYS D 56 -8.47 -10.92 26.54
CA LYS D 56 -8.67 -11.98 25.55
C LYS D 56 -7.41 -12.81 25.38
N ASP D 57 -7.57 -14.13 25.50
CA ASP D 57 -6.46 -15.07 25.37
C ASP D 57 -5.99 -15.21 23.93
N ASN D 58 -6.90 -15.06 22.97
CA ASN D 58 -6.55 -15.17 21.56
C ASN D 58 -7.35 -14.12 20.80
N ILE D 59 -6.73 -13.51 19.81
CA ILE D 59 -7.31 -12.37 19.11
C ILE D 59 -7.35 -12.66 17.63
N ARG D 60 -8.49 -12.35 17.02
CA ARG D 60 -8.68 -12.35 15.58
C ARG D 60 -7.48 -11.76 14.86
N GLN D 61 -6.81 -12.59 14.06
CA GLN D 61 -5.64 -12.17 13.30
C GLN D 61 -6.00 -11.48 12.00
N GLU D 62 -7.23 -11.58 11.56
CA GLU D 62 -7.65 -11.04 10.28
C GLU D 62 -8.40 -9.74 10.49
N PRO D 63 -8.07 -8.68 9.75
CA PRO D 63 -8.88 -7.46 9.84
C PRO D 63 -10.32 -7.73 9.45
N TYR D 64 -11.22 -6.96 10.05
CA TYR D 64 -12.63 -7.08 9.71
C TYR D 64 -12.86 -6.72 8.26
N THR D 65 -13.81 -7.41 7.62
CA THR D 65 -14.07 -7.18 6.20
C THR D 65 -14.85 -5.88 6.02
N LEU D 66 -14.33 -5.01 5.17
CA LEU D 66 -14.99 -3.78 4.81
C LEU D 66 -15.95 -4.04 3.67
N PRO D 67 -16.87 -3.10 3.39
CA PRO D 67 -17.69 -3.24 2.18
C PRO D 67 -16.82 -3.36 0.94
N GLN D 68 -17.38 -4.00 -0.09
CA GLN D 68 -16.62 -4.22 -1.31
C GLN D 68 -16.15 -2.89 -1.89
N GLY D 69 -14.88 -2.86 -2.31
CA GLY D 69 -14.28 -1.66 -2.87
C GLY D 69 -13.46 -0.83 -1.90
N PHE D 70 -13.35 -1.24 -0.64
CA PHE D 70 -12.62 -0.51 0.38
C PHE D 70 -11.64 -1.44 1.09
N THR D 71 -10.57 -0.85 1.62
CA THR D 71 -9.55 -1.64 2.32
C THR D 71 -8.89 -0.81 3.40
N TRP D 72 -8.32 -1.51 4.38
CA TRP D 72 -7.62 -0.86 5.47
C TRP D 72 -6.26 -0.35 5.02
N ASP D 73 -5.74 0.62 5.77
CA ASP D 73 -4.37 1.08 5.57
C ASP D 73 -3.87 1.78 6.83
N ALA D 74 -2.69 1.38 7.30
CA ALA D 74 -2.03 2.04 8.42
C ALA D 74 -1.27 3.24 7.89
N LEU D 75 -1.76 4.44 8.19
CA LEU D 75 -1.18 5.65 7.63
C LEU D 75 0.17 5.96 8.25
N ASP D 76 1.17 6.21 7.40
CA ASP D 76 2.48 6.64 7.85
C ASP D 76 2.49 8.16 7.86
N LEU D 77 2.21 8.75 9.01
CA LEU D 77 2.14 10.20 9.12
C LEU D 77 3.49 10.85 8.92
N GLY D 78 4.59 10.09 9.01
CA GLY D 78 5.90 10.60 8.65
C GLY D 78 6.05 10.92 7.18
N ASP D 79 5.13 10.46 6.34
CA ASP D 79 5.11 10.80 4.92
C ASP D 79 4.27 12.05 4.71
N ARG D 80 4.84 13.04 4.02
CA ARG D 80 4.18 14.33 3.86
C ARG D 80 2.89 14.19 3.05
N GLY D 81 2.88 13.32 2.06
CA GLY D 81 1.67 13.15 1.25
C GLY D 81 0.54 12.49 2.02
N VAL D 82 0.85 11.41 2.73
CA VAL D 82 -0.17 10.72 3.52
C VAL D 82 -0.73 11.64 4.60
N LEU D 83 0.15 12.39 5.27
CA LEU D 83 -0.30 13.33 6.29
C LEU D 83 -1.24 14.36 5.70
N LYS D 84 -0.94 14.85 4.50
CA LYS D 84 -1.84 15.81 3.84
C LYS D 84 -3.17 15.16 3.47
N GLU D 85 -3.16 13.87 3.12
CA GLU D 85 -4.42 13.18 2.88
C GLU D 85 -5.29 13.17 4.14
N LEU D 86 -4.65 13.02 5.31
CA LEU D 86 -5.41 12.93 6.55
C LEU D 86 -6.04 14.27 6.93
N TYR D 87 -5.27 15.35 6.93
CA TYR D 87 -5.90 16.62 7.29
C TYR D 87 -6.87 17.09 6.22
N THR D 88 -6.71 16.67 4.97
CA THR D 88 -7.73 16.96 3.96
C THR D 88 -9.03 16.26 4.30
N LEU D 89 -8.96 14.97 4.62
CA LEU D 89 -10.15 14.23 5.05
C LEU D 89 -10.77 14.88 6.28
N LEU D 90 -9.95 15.19 7.28
CA LEU D 90 -10.46 15.76 8.53
C LEU D 90 -11.05 17.15 8.30
N ASN D 91 -10.29 18.03 7.64
CA ASN D 91 -10.77 19.41 7.45
C ASN D 91 -12.06 19.45 6.65
N GLU D 92 -12.31 18.45 5.81
CA GLU D 92 -13.51 18.41 4.99
C GLU D 92 -14.64 17.59 5.60
N ASN D 93 -14.35 16.65 6.49
CA ASN D 93 -15.37 15.73 6.97
C ASN D 93 -15.46 15.57 8.48
N TYR D 94 -14.54 16.13 9.27
CA TYR D 94 -14.55 15.87 10.71
C TYR D 94 -15.63 16.70 11.41
N VAL D 95 -15.44 16.91 12.72
CA VAL D 95 -16.46 17.56 13.54
C VAL D 95 -16.68 18.99 13.07
N GLU D 96 -17.94 19.33 12.83
CA GLU D 96 -18.35 20.70 12.62
C GLU D 96 -19.18 21.17 13.82
N ASP D 97 -19.23 22.48 14.00
CA ASP D 97 -20.05 23.04 15.07
C ASP D 97 -21.51 22.65 14.87
N ASP D 98 -22.28 22.73 15.95
CA ASP D 98 -23.69 22.40 15.89
C ASP D 98 -24.42 23.22 14.83
N ASP D 99 -23.89 24.39 14.45
CA ASP D 99 -24.51 25.22 13.44
C ASP D 99 -24.22 24.75 12.02
N ASN D 100 -23.23 23.87 11.84
CA ASN D 100 -22.73 23.49 10.52
C ASN D 100 -22.30 24.74 9.73
N MET D 101 -21.34 25.45 10.31
CA MET D 101 -20.82 26.66 9.68
C MET D 101 -19.34 26.89 9.95
N PHE D 102 -18.66 26.02 10.69
CA PHE D 102 -17.24 26.18 10.98
C PHE D 102 -16.56 24.82 10.89
N ARG D 103 -15.73 24.64 9.88
CA ARG D 103 -14.90 23.45 9.76
C ARG D 103 -13.57 23.73 10.44
N PHE D 104 -13.20 22.89 11.40
CA PHE D 104 -11.91 23.01 12.05
C PHE D 104 -10.79 22.90 11.03
N ASP D 105 -9.73 23.67 11.22
CA ASP D 105 -8.59 23.67 10.30
C ASP D 105 -7.43 22.97 11.00
N TYR D 106 -7.35 21.66 10.81
CA TYR D 106 -6.29 20.85 11.40
C TYR D 106 -5.03 20.96 10.53
N SER D 107 -3.93 21.38 11.14
CA SER D 107 -2.66 21.47 10.44
C SER D 107 -1.87 20.18 10.58
N PRO D 108 -0.95 19.91 9.64
CA PRO D 108 -0.13 18.68 9.78
C PRO D 108 0.73 18.67 11.03
N GLU D 109 1.27 19.83 11.42
CA GLU D 109 2.08 19.88 12.63
C GLU D 109 1.26 19.57 13.87
N PHE D 110 0.02 20.08 13.92
CA PHE D 110 -0.88 19.74 15.02
C PHE D 110 -1.21 18.26 15.04
N LEU D 111 -1.42 17.66 13.86
CA LEU D 111 -1.81 16.26 13.81
C LEU D 111 -0.67 15.35 14.26
N LEU D 112 0.58 15.71 13.93
CA LEU D 112 1.72 14.97 14.45
C LEU D 112 1.83 15.11 15.96
N TRP D 113 1.51 16.30 16.47
CA TRP D 113 1.48 16.48 17.92
C TRP D 113 0.40 15.59 18.55
N ALA D 114 -0.80 15.58 17.97
CA ALA D 114 -1.91 14.85 18.55
C ALA D 114 -1.80 13.35 18.34
N LEU D 115 -1.19 12.90 17.24
CA LEU D 115 -1.22 11.49 16.88
C LEU D 115 0.09 10.75 17.11
N ARG D 116 1.20 11.46 17.39
CA ARG D 116 2.48 10.81 17.66
C ARG D 116 3.07 11.21 19.01
N PRO D 117 2.35 10.99 20.11
CA PRO D 117 2.96 11.15 21.42
C PRO D 117 3.84 9.94 21.71
N PRO D 118 4.63 9.97 22.78
CA PRO D 118 5.42 8.79 23.13
C PRO D 118 4.56 7.54 23.21
N GLY D 119 5.02 6.49 22.54
CA GLY D 119 4.31 5.22 22.51
C GLY D 119 3.38 5.04 21.33
N TRP D 120 3.25 6.03 20.45
CA TRP D 120 2.42 5.88 19.27
C TRP D 120 2.88 4.69 18.44
N LEU D 121 1.94 4.11 17.68
CA LEU D 121 2.17 2.95 16.83
C LEU D 121 1.55 3.18 15.46
N PRO D 122 2.24 2.80 14.39
CA PRO D 122 1.68 3.05 13.05
C PRO D 122 0.37 2.32 12.81
N GLN D 123 0.25 1.06 13.25
CA GLN D 123 -0.98 0.30 13.03
C GLN D 123 -2.19 0.96 13.69
N TRP D 124 -1.98 1.84 14.66
CA TRP D 124 -3.07 2.52 15.33
C TRP D 124 -3.48 3.82 14.65
N HIS D 125 -2.91 4.11 13.49
CA HIS D 125 -3.39 5.20 12.63
C HIS D 125 -4.16 4.53 11.50
N CYS D 126 -5.39 4.16 11.81
CA CYS D 126 -6.15 3.20 11.03
C CYS D 126 -7.00 3.94 10.00
N GLY D 127 -6.58 3.85 8.73
CA GLY D 127 -7.30 4.49 7.66
C GLY D 127 -8.11 3.51 6.85
N VAL D 128 -9.06 4.05 6.08
CA VAL D 128 -9.85 3.30 5.12
C VAL D 128 -9.71 3.97 3.78
N ARG D 129 -9.35 3.21 2.75
CA ARG D 129 -9.13 3.74 1.42
C ARG D 129 -10.01 3.02 0.42
N VAL D 130 -10.40 3.73 -0.63
CA VAL D 130 -10.99 3.08 -1.80
C VAL D 130 -9.93 2.23 -2.45
N VAL D 131 -10.28 0.99 -2.78
CA VAL D 131 -9.29 0.02 -3.26
C VAL D 131 -8.65 0.50 -4.56
N SER D 132 -9.47 0.97 -5.51
CA SER D 132 -8.96 1.29 -6.83
C SER D 132 -8.23 2.63 -6.85
N SER D 133 -8.79 3.65 -6.19
CA SER D 133 -8.20 4.98 -6.24
C SER D 133 -7.22 5.24 -5.11
N ARG D 134 -7.22 4.41 -4.07
CA ARG D 134 -6.47 4.64 -2.83
C ARG D 134 -6.89 5.93 -2.12
N LYS D 135 -8.04 6.50 -2.50
CA LYS D 135 -8.54 7.70 -1.85
C LYS D 135 -8.90 7.42 -0.40
N LEU D 136 -8.42 8.29 0.49
CA LEU D 136 -8.69 8.14 1.91
C LEU D 136 -10.13 8.59 2.21
N VAL D 137 -10.93 7.70 2.79
CA VAL D 137 -12.33 7.98 3.07
C VAL D 137 -12.70 7.72 4.52
N GLY D 138 -11.79 7.25 5.35
CA GLY D 138 -12.10 6.94 6.73
C GLY D 138 -10.85 6.90 7.58
N PHE D 139 -11.02 7.16 8.87
CA PHE D 139 -9.90 7.16 9.79
C PHE D 139 -10.42 6.92 11.20
N ILE D 140 -9.56 6.34 12.04
CA ILE D 140 -9.74 6.30 13.49
C ILE D 140 -8.37 6.04 14.10
N SER D 141 -8.11 6.68 15.24
CA SER D 141 -6.78 6.63 15.84
C SER D 141 -6.83 6.18 17.29
N ALA D 142 -5.76 5.53 17.72
CA ALA D 142 -5.52 5.19 19.10
C ALA D 142 -4.13 5.66 19.50
N ILE D 143 -4.01 6.23 20.68
CA ILE D 143 -2.71 6.53 21.26
C ILE D 143 -2.67 5.96 22.67
N PRO D 144 -1.54 5.44 23.13
CA PRO D 144 -1.51 4.84 24.46
C PRO D 144 -1.49 5.90 25.56
N ALA D 145 -2.09 5.54 26.69
CA ALA D 145 -2.13 6.45 27.82
C ALA D 145 -2.33 5.65 29.10
N ASN D 146 -1.60 6.02 30.13
CA ASN D 146 -1.85 5.50 31.47
CA ASN D 146 -1.85 5.51 31.47
C ASN D 146 -2.97 6.33 32.10
N ILE D 147 -4.06 5.66 32.46
CA ILE D 147 -5.26 6.32 32.94
C ILE D 147 -5.49 5.92 34.39
N HIS D 148 -5.74 6.92 35.24
CA HIS D 148 -6.17 6.64 36.61
C HIS D 148 -7.67 6.91 36.69
N ILE D 149 -8.42 5.91 37.13
CA ILE D 149 -9.87 5.99 37.25
C ILE D 149 -10.21 5.49 38.64
N TYR D 150 -10.62 6.42 39.52
CA TYR D 150 -10.80 6.12 40.94
C TYR D 150 -9.54 5.47 41.52
N ASP D 151 -9.67 4.27 42.07
CA ASP D 151 -8.58 3.64 42.79
C ASP D 151 -7.64 2.82 41.89
N THR D 152 -7.83 2.84 40.58
CA THR D 152 -7.11 1.96 39.67
C THR D 152 -6.37 2.76 38.61
N GLU D 153 -5.10 2.44 38.42
CA GLU D 153 -4.30 2.96 37.31
C GLU D 153 -4.08 1.85 36.31
N LYS D 154 -4.40 2.11 35.05
CA LYS D 154 -4.31 1.08 34.01
C LYS D 154 -3.88 1.71 32.69
N LYS D 155 -3.06 0.97 31.95
CA LYS D 155 -2.71 1.36 30.59
C LYS D 155 -3.92 1.17 29.68
N MET D 156 -4.31 2.22 28.99
CA MET D 156 -5.45 2.24 28.09
C MET D 156 -5.01 2.84 26.75
N VAL D 157 -5.97 3.02 25.86
CA VAL D 157 -5.74 3.88 24.69
C VAL D 157 -6.80 4.97 24.69
N GLU D 158 -6.44 6.08 24.06
CA GLU D 158 -7.37 7.18 23.81
C GLU D 158 -7.76 7.13 22.33
N ILE D 159 -9.06 6.98 22.08
CA ILE D 159 -9.58 6.90 20.72
C ILE D 159 -10.02 8.30 20.30
N ASN D 160 -9.55 8.74 19.14
CA ASN D 160 -9.88 10.08 18.66
C ASN D 160 -9.89 10.06 17.14
N PHE D 161 -10.44 11.14 16.57
CA PHE D 161 -10.41 11.39 15.13
C PHE D 161 -11.13 10.31 14.33
N LEU D 162 -12.21 9.76 14.89
CA LEU D 162 -13.10 8.91 14.10
C LEU D 162 -13.76 9.77 13.04
N CYS D 163 -13.56 9.42 11.77
CA CYS D 163 -14.05 10.24 10.67
C CYS D 163 -14.42 9.36 9.49
N VAL D 164 -15.63 9.55 8.98
CA VAL D 164 -16.08 8.86 7.77
C VAL D 164 -16.51 9.92 6.77
N HIS D 165 -15.98 9.83 5.55
CA HIS D 165 -16.28 10.77 4.48
C HIS D 165 -17.78 11.00 4.36
N LYS D 166 -18.15 12.26 4.12
CA LYS D 166 -19.57 12.64 4.12
C LYS D 166 -20.36 11.86 3.07
N LYS D 167 -19.71 11.39 2.01
CA LYS D 167 -20.39 10.59 1.00
C LYS D 167 -20.55 9.13 1.39
N LEU D 168 -20.15 8.76 2.62
CA LEU D 168 -20.32 7.39 3.10
C LEU D 168 -21.05 7.34 4.45
N ARG D 169 -21.68 8.43 4.87
CA ARG D 169 -22.32 8.47 6.18
C ARG D 169 -23.57 7.60 6.21
N SER D 170 -23.93 7.15 7.42
CA SER D 170 -25.16 6.42 7.68
C SER D 170 -25.21 5.11 6.91
N LYS D 171 -24.06 4.44 6.82
CA LYS D 171 -23.97 3.16 6.13
C LYS D 171 -23.12 2.16 6.90
N ARG D 172 -23.11 2.29 8.24
CA ARG D 172 -22.53 1.32 9.16
C ARG D 172 -21.01 1.21 9.05
N VAL D 173 -20.34 2.23 8.52
CA VAL D 173 -18.88 2.16 8.41
C VAL D 173 -18.23 2.38 9.77
N ALA D 174 -18.81 3.25 10.60
CA ALA D 174 -18.20 3.54 11.90
C ALA D 174 -18.08 2.32 12.82
N PRO D 175 -19.07 1.43 12.93
CA PRO D 175 -18.86 0.23 13.76
C PRO D 175 -17.71 -0.65 13.29
N VAL D 176 -17.44 -0.72 11.99
CA VAL D 176 -16.33 -1.53 11.51
C VAL D 176 -15.01 -0.88 11.90
N LEU D 177 -14.91 0.44 11.75
CA LEU D 177 -13.73 1.16 12.18
C LEU D 177 -13.47 0.96 13.67
N ILE D 178 -14.55 0.96 14.47
CA ILE D 178 -14.40 0.80 15.92
C ILE D 178 -13.95 -0.61 16.26
N ARG D 179 -14.51 -1.63 15.60
CA ARG D 179 -14.08 -2.99 15.89
C ARG D 179 -12.65 -3.23 15.42
N GLU D 180 -12.26 -2.65 14.30
CA GLU D 180 -10.92 -2.88 13.78
C GLU D 180 -9.86 -2.23 14.67
N ILE D 181 -10.11 -1.02 15.16
CA ILE D 181 -9.16 -0.42 16.09
C ILE D 181 -9.16 -1.18 17.41
N THR D 182 -10.32 -1.66 17.85
CA THR D 182 -10.38 -2.52 19.03
C THR D 182 -9.50 -3.75 18.84
N ARG D 183 -9.60 -4.38 17.67
CA ARG D 183 -8.78 -5.55 17.37
C ARG D 183 -7.29 -5.22 17.38
N ARG D 184 -6.92 -4.09 16.76
CA ARG D 184 -5.51 -3.72 16.69
C ARG D 184 -4.95 -3.33 18.05
N VAL D 185 -5.79 -2.82 18.94
CA VAL D 185 -5.34 -2.49 20.28
C VAL D 185 -5.26 -3.76 21.13
N HIS D 186 -6.24 -4.66 20.97
CA HIS D 186 -6.20 -5.95 21.64
C HIS D 186 -4.90 -6.69 21.35
N LEU D 187 -4.44 -6.62 20.09
CA LEU D 187 -3.24 -7.35 19.71
C LEU D 187 -2.02 -6.91 20.49
N GLU D 188 -2.01 -5.69 21.02
CA GLU D 188 -0.94 -5.18 21.85
C GLU D 188 -1.17 -5.40 23.34
N GLY D 189 -2.19 -6.18 23.71
CA GLY D 189 -2.41 -6.49 25.11
C GLY D 189 -3.08 -5.40 25.92
N ILE D 190 -3.90 -4.56 25.30
CA ILE D 190 -4.63 -3.50 25.99
C ILE D 190 -6.11 -3.74 25.78
N PHE D 191 -6.89 -3.68 26.87
CA PHE D 191 -8.30 -4.04 26.80
C PHE D 191 -9.21 -2.98 27.41
N GLN D 192 -8.72 -1.76 27.58
CA GLN D 192 -9.52 -0.65 28.04
C GLN D 192 -9.21 0.58 27.20
N ALA D 193 -10.21 1.44 27.01
CA ALA D 193 -10.02 2.68 26.27
C ALA D 193 -10.84 3.80 26.91
N VAL D 194 -10.42 5.03 26.63
CA VAL D 194 -11.18 6.22 27.00
C VAL D 194 -11.44 7.01 25.73
N TYR D 195 -12.64 7.60 25.64
CA TYR D 195 -12.99 8.42 24.49
C TYR D 195 -14.05 9.42 24.92
N THR D 196 -14.22 10.46 24.10
CA THR D 196 -15.27 11.45 24.29
C THR D 196 -16.12 11.54 23.03
N ALA D 197 -17.31 12.11 23.20
CA ALA D 197 -18.20 12.38 22.06
C ALA D 197 -19.29 13.34 22.50
N GLY D 198 -19.80 14.11 21.54
CA GLY D 198 -20.94 14.97 21.78
C GLY D 198 -22.28 14.29 21.76
N VAL D 199 -22.32 12.98 21.51
CA VAL D 199 -23.57 12.24 21.46
C VAL D 199 -23.65 11.28 22.64
N VAL D 200 -24.87 10.90 22.99
CA VAL D 200 -25.12 10.04 24.12
C VAL D 200 -25.06 8.59 23.65
N LEU D 201 -24.14 7.82 24.23
CA LEU D 201 -23.95 6.40 23.98
C LEU D 201 -23.98 5.69 25.32
N PRO D 202 -24.17 4.37 25.32
CA PRO D 202 -23.89 3.59 26.54
C PRO D 202 -22.40 3.56 26.79
N LYS D 203 -21.96 4.03 27.96
CA LYS D 203 -22.75 4.83 28.90
C LYS D 203 -21.78 5.87 29.48
N PRO D 204 -22.18 7.14 29.52
CA PRO D 204 -21.22 8.17 29.93
C PRO D 204 -20.77 7.98 31.37
N VAL D 205 -19.45 8.10 31.57
CA VAL D 205 -18.90 8.18 32.91
C VAL D 205 -18.93 9.61 33.43
N GLY D 206 -19.09 10.59 32.56
CA GLY D 206 -19.15 11.98 32.94
C GLY D 206 -19.69 12.85 31.83
N THR D 207 -20.35 13.94 32.19
CA THR D 207 -20.98 14.84 31.23
C THR D 207 -20.50 16.26 31.53
N CYS D 208 -20.01 16.94 30.50
CA CYS D 208 -19.43 18.27 30.63
C CYS D 208 -20.08 19.21 29.63
N GLN D 209 -20.09 20.50 29.96
CA GLN D 209 -20.62 21.53 29.08
C GLN D 209 -19.48 22.36 28.52
N TYR D 210 -19.73 22.96 27.35
CA TYR D 210 -18.76 23.81 26.69
C TYR D 210 -18.95 25.25 27.10
N PHE D 211 -17.84 25.97 27.28
CA PHE D 211 -17.85 27.39 27.61
C PHE D 211 -16.84 28.11 26.73
N HIS D 212 -17.18 29.34 26.33
CA HIS D 212 -16.32 30.14 25.49
C HIS D 212 -16.22 31.55 26.05
N ARG D 213 -15.06 32.19 25.83
CA ARG D 213 -14.79 33.54 26.30
C ARG D 213 -14.36 34.39 25.11
N SER D 214 -15.18 35.38 24.76
CA SER D 214 -14.84 36.26 23.65
C SER D 214 -13.58 37.05 23.94
N LEU D 215 -12.63 37.01 23.01
CA LEU D 215 -11.43 37.84 23.08
C LEU D 215 -11.49 39.02 22.12
N ASN D 216 -11.88 38.76 20.87
CA ASN D 216 -12.04 39.77 19.84
C ASN D 216 -13.52 39.85 19.46
N PRO D 217 -14.34 40.57 20.23
CA PRO D 217 -15.80 40.49 20.01
C PRO D 217 -16.26 40.88 18.61
N ARG D 218 -15.76 41.99 18.07
CA ARG D 218 -16.26 42.50 16.78
C ARG D 218 -16.08 41.46 15.67
N LYS D 219 -14.97 40.71 15.69
CA LYS D 219 -14.78 39.68 14.68
C LYS D 219 -15.76 38.53 14.86
N LEU D 220 -16.03 38.13 16.10
CA LEU D 220 -16.99 37.07 16.35
C LEU D 220 -18.40 37.49 15.96
N ILE D 221 -18.70 38.78 16.02
CA ILE D 221 -20.00 39.27 15.57
C ILE D 221 -20.07 39.30 14.06
N GLU D 222 -19.02 39.83 13.41
CA GLU D 222 -18.97 39.86 11.96
C GLU D 222 -19.14 38.46 11.37
N VAL D 223 -18.49 37.47 11.98
CA VAL D 223 -18.59 36.10 11.52
C VAL D 223 -19.90 35.44 11.95
N LYS D 224 -20.59 36.05 12.92
CA LYS D 224 -21.81 35.52 13.54
C LYS D 224 -21.54 34.36 14.48
N PHE D 225 -20.36 34.36 15.11
CA PHE D 225 -20.12 33.45 16.23
C PHE D 225 -20.97 33.85 17.42
N SER D 226 -20.96 35.14 17.77
CA SER D 226 -21.80 35.70 18.82
C SER D 226 -22.65 36.79 18.21
N HIS D 227 -23.94 36.80 18.53
CA HIS D 227 -24.85 37.78 17.97
C HIS D 227 -25.02 38.97 18.93
N LEU D 228 -25.65 40.01 18.44
CA LEU D 228 -25.91 41.20 19.25
C LEU D 228 -26.91 40.87 20.34
N SER D 229 -26.52 41.14 21.60
CA SER D 229 -27.37 40.83 22.73
C SER D 229 -28.49 41.87 22.87
N ARG D 230 -29.27 41.74 23.94
CA ARG D 230 -30.40 42.62 24.17
C ARG D 230 -29.90 43.96 24.71
N ASN D 231 -30.22 45.05 24.01
CA ASN D 231 -29.79 46.40 24.38
C ASN D 231 -28.27 46.48 24.52
N MET D 232 -27.58 45.90 23.54
CA MET D 232 -26.12 45.83 23.55
C MET D 232 -25.59 46.37 22.23
N THR D 233 -25.00 47.56 22.27
CA THR D 233 -24.32 48.15 21.12
C THR D 233 -22.84 47.80 21.17
N MET D 234 -22.22 47.73 20.00
CA MET D 234 -20.83 47.30 19.92
C MET D 234 -19.83 48.42 20.13
N GLN D 235 -20.27 49.67 20.12
CA GLN D 235 -19.38 50.75 20.56
C GLN D 235 -18.90 50.52 21.98
N ARG D 236 -19.68 49.79 22.78
CA ARG D 236 -19.31 49.43 24.15
C ARG D 236 -19.15 47.93 24.35
N THR D 237 -19.32 47.12 23.30
CA THR D 237 -19.16 45.68 23.48
C THR D 237 -17.70 45.27 23.48
N MET D 238 -16.84 45.99 22.74
CA MET D 238 -15.41 45.84 22.93
C MET D 238 -14.97 46.24 24.33
N LYS D 239 -15.86 46.84 25.12
CA LYS D 239 -15.55 47.18 26.51
C LYS D 239 -15.87 46.02 27.44
N LEU D 240 -17.02 45.38 27.25
CA LEU D 240 -17.48 44.32 28.14
C LEU D 240 -16.41 43.25 28.32
N TYR D 241 -15.73 42.87 27.25
CA TYR D 241 -14.79 41.76 27.27
C TYR D 241 -13.34 42.18 27.20
N ARG D 242 -13.04 43.48 27.17
CA ARG D 242 -11.66 43.90 27.06
C ARG D 242 -10.88 43.50 28.31
N LEU D 243 -9.62 43.19 28.11
CA LEU D 243 -8.74 42.65 29.13
C LEU D 243 -7.47 43.48 29.20
N PRO D 244 -6.71 43.39 30.30
CA PRO D 244 -5.42 44.09 30.38
C PRO D 244 -4.51 43.74 29.20
N GLU D 245 -3.59 44.65 28.88
CA GLU D 245 -2.62 44.37 27.82
C GLU D 245 -1.48 43.47 28.30
N THR D 246 -1.28 43.38 29.60
CA THR D 246 -0.21 42.57 30.17
C THR D 246 -0.75 41.76 31.35
N PRO D 247 -0.20 40.56 31.56
CA PRO D 247 -0.72 39.70 32.63
C PRO D 247 -0.38 40.22 34.02
N LYS D 248 -1.26 39.91 34.97
CA LYS D 248 -1.10 40.39 36.34
C LYS D 248 0.02 39.65 37.07
N THR D 249 0.17 38.35 36.81
CA THR D 249 1.09 37.53 37.59
C THR D 249 2.53 37.82 37.20
N ALA D 250 3.35 38.10 38.21
CA ALA D 250 4.71 38.61 38.00
C ALA D 250 5.58 37.65 37.21
N GLY D 251 5.75 36.43 37.72
CA GLY D 251 6.77 35.55 37.21
C GLY D 251 6.38 34.73 36.00
N LEU D 252 5.32 35.16 35.31
CA LEU D 252 4.85 34.44 34.13
C LEU D 252 5.87 34.51 33.01
N ARG D 253 6.18 33.36 32.43
CA ARG D 253 7.12 33.27 31.31
C ARG D 253 6.84 31.97 30.57
N PRO D 254 7.26 31.86 29.30
CA PRO D 254 7.05 30.61 28.57
C PRO D 254 7.83 29.45 29.17
N MET D 255 7.24 28.26 29.09
CA MET D 255 7.88 27.04 29.57
C MET D 255 9.15 26.76 28.78
N GLU D 256 10.18 26.32 29.47
CA GLU D 256 11.46 25.97 28.87
C GLU D 256 11.81 24.52 29.21
N THR D 257 12.86 24.01 28.57
CA THR D 257 13.29 22.64 28.82
C THR D 257 13.56 22.40 30.30
N LYS D 258 14.20 23.36 30.97
CA LYS D 258 14.53 23.21 32.38
C LYS D 258 13.29 23.05 33.25
N ASP D 259 12.11 23.41 32.74
CA ASP D 259 10.86 23.33 33.48
C ASP D 259 10.17 21.99 33.37
N ILE D 260 10.57 21.14 32.42
CA ILE D 260 9.91 19.84 32.23
C ILE D 260 9.73 19.07 33.53
N PRO D 261 10.76 18.89 34.37
CA PRO D 261 10.54 18.11 35.61
C PRO D 261 9.53 18.72 36.56
N VAL D 262 9.61 20.04 36.80
CA VAL D 262 8.71 20.63 37.79
C VAL D 262 7.28 20.69 37.26
N VAL D 263 7.10 20.90 35.96
CA VAL D 263 5.76 20.85 35.39
C VAL D 263 5.19 19.45 35.50
N HIS D 264 6.05 18.43 35.33
CA HIS D 264 5.62 17.05 35.53
C HIS D 264 5.18 16.83 36.98
N GLN D 265 5.95 17.37 37.92
CA GLN D 265 5.64 17.18 39.33
C GLN D 265 4.38 17.94 39.73
N LEU D 266 4.25 19.19 39.29
CA LEU D 266 3.05 19.97 39.59
C LEU D 266 1.80 19.28 39.06
N LEU D 267 1.84 18.87 37.80
CA LEU D 267 0.66 18.25 37.18
C LEU D 267 0.28 16.96 37.90
N THR D 268 1.26 16.09 38.16
CA THR D 268 0.96 14.81 38.79
C THR D 268 0.31 15.00 40.15
N ARG D 269 0.80 15.95 40.94
CA ARG D 269 0.25 16.15 42.28
C ARG D 269 -1.12 16.83 42.21
N TYR D 270 -1.30 17.75 41.26
CA TYR D 270 -2.58 18.44 41.13
C TYR D 270 -3.69 17.49 40.70
N LEU D 271 -3.38 16.54 39.82
CA LEU D 271 -4.41 15.68 39.25
C LEU D 271 -4.94 14.63 40.21
N LYS D 272 -4.25 14.39 41.33
CA LYS D 272 -4.68 13.37 42.28
C LYS D 272 -6.07 13.62 42.84
N GLN D 273 -6.53 14.87 42.85
CA GLN D 273 -7.81 15.22 43.44
C GLN D 273 -9.01 14.88 42.55
N PHE D 274 -8.78 14.50 41.30
CA PHE D 274 -9.87 14.15 40.40
C PHE D 274 -9.93 12.63 40.24
N HIS D 275 -11.01 12.17 39.60
CA HIS D 275 -11.29 10.75 39.52
C HIS D 275 -11.01 10.11 38.17
N LEU D 276 -10.85 10.92 37.11
CA LEU D 276 -10.51 10.41 35.78
C LEU D 276 -9.42 11.32 35.22
N THR D 277 -8.17 10.88 35.28
CA THR D 277 -7.03 11.71 34.93
C THR D 277 -5.99 10.89 34.18
N PRO D 278 -5.17 11.54 33.37
CA PRO D 278 -3.99 10.86 32.82
C PRO D 278 -2.89 10.76 33.88
N VAL D 279 -2.02 9.78 33.68
CA VAL D 279 -0.82 9.62 34.48
C VAL D 279 0.34 9.70 33.49
N MET D 280 0.97 10.86 33.40
CA MET D 280 1.96 11.10 32.36
C MET D 280 3.36 10.83 32.86
N SER D 281 4.17 10.20 32.02
CA SER D 281 5.60 10.15 32.26
C SER D 281 6.20 11.54 32.03
N GLN D 282 7.47 11.68 32.40
CA GLN D 282 8.15 12.95 32.13
C GLN D 282 8.33 13.15 30.63
N GLU D 283 8.59 12.08 29.88
CA GLU D 283 8.66 12.19 28.43
C GLU D 283 7.32 12.64 27.84
N GLU D 284 6.21 12.17 28.44
CA GLU D 284 4.90 12.58 27.94
C GLU D 284 4.60 14.04 28.29
N VAL D 285 5.07 14.50 29.45
CA VAL D 285 4.86 15.91 29.81
C VAL D 285 5.57 16.80 28.80
N GLU D 286 6.82 16.45 28.46
CA GLU D 286 7.53 17.22 27.45
C GLU D 286 6.76 17.28 26.13
N HIS D 287 6.26 16.13 25.67
CA HIS D 287 5.56 16.13 24.38
C HIS D 287 4.31 17.00 24.42
N TRP D 288 3.52 16.87 25.48
CA TRP D 288 2.20 17.50 25.51
C TRP D 288 2.26 18.98 25.88
N PHE D 289 3.36 19.44 26.51
CA PHE D 289 3.39 20.78 27.06
C PHE D 289 4.50 21.68 26.53
N TYR D 290 5.60 21.12 26.02
CA TYR D 290 6.68 21.97 25.54
C TYR D 290 6.16 22.81 24.38
N PRO D 291 6.31 24.15 24.43
CA PRO D 291 5.59 25.01 23.48
C PRO D 291 5.99 24.75 22.05
N GLN D 292 4.99 24.77 21.17
CA GLN D 292 5.18 24.72 19.71
C GLN D 292 4.26 25.76 19.11
N GLU D 293 4.84 26.71 18.38
CA GLU D 293 4.08 27.83 17.83
C GLU D 293 2.86 27.33 17.05
N ASN D 294 1.70 27.92 17.33
CA ASN D 294 0.43 27.59 16.69
C ASN D 294 -0.01 26.16 16.95
N ILE D 295 0.46 25.55 18.04
CA ILE D 295 0.02 24.20 18.39
C ILE D 295 -0.30 24.16 19.89
N ILE D 296 0.72 24.34 20.73
CA ILE D 296 0.56 24.21 22.17
C ILE D 296 1.35 25.31 22.84
N ASP D 297 0.71 26.00 23.79
CA ASP D 297 1.34 27.09 24.53
C ASP D 297 1.26 26.78 26.02
N THR D 298 2.39 26.89 26.70
CA THR D 298 2.48 26.65 28.13
C THR D 298 3.32 27.74 28.77
N PHE D 299 2.76 28.40 29.78
CA PHE D 299 3.45 29.43 30.53
C PHE D 299 3.54 29.00 31.98
N VAL D 300 4.76 29.01 32.52
CA VAL D 300 4.99 28.72 33.93
C VAL D 300 5.11 30.04 34.70
N VAL D 301 4.79 30.00 35.99
CA VAL D 301 5.00 31.12 36.89
C VAL D 301 6.21 30.81 37.75
N GLU D 302 7.29 31.58 37.58
CA GLU D 302 8.48 31.48 38.41
C GLU D 302 8.46 32.63 39.42
N ASN D 303 8.46 32.30 40.71
CA ASN D 303 8.18 33.31 41.73
C ASN D 303 9.47 34.06 42.11
N ALA D 304 9.39 34.87 43.17
CA ALA D 304 10.54 35.67 43.59
C ALA D 304 11.71 34.83 44.06
N ASN D 305 11.48 33.55 44.37
CA ASN D 305 12.53 32.65 44.83
C ASN D 305 13.12 31.81 43.72
N GLY D 306 12.58 31.88 42.50
CA GLY D 306 13.01 31.04 41.42
C GLY D 306 12.28 29.72 41.29
N GLU D 307 11.29 29.47 42.13
CA GLU D 307 10.52 28.23 42.10
C GLU D 307 9.34 28.37 41.14
N VAL D 308 9.13 27.34 40.32
CA VAL D 308 7.93 27.27 39.50
C VAL D 308 6.80 26.73 40.36
N THR D 309 5.74 27.53 40.52
CA THR D 309 4.65 27.21 41.42
C THR D 309 3.31 26.98 40.72
N ASP D 310 3.15 27.43 39.47
CA ASP D 310 1.91 27.27 38.73
C ASP D 310 2.24 27.16 37.25
N PHE D 311 1.28 26.70 36.46
CA PHE D 311 1.41 26.84 35.02
C PHE D 311 0.04 26.77 34.37
N LEU D 312 -0.05 27.35 33.18
CA LEU D 312 -1.26 27.35 32.38
C LEU D 312 -0.91 26.91 30.97
N SER D 313 -1.89 26.31 30.28
CA SER D 313 -1.65 25.82 28.94
C SER D 313 -2.93 25.88 28.13
N PHE D 314 -2.78 26.12 26.83
CA PHE D 314 -3.88 26.08 25.89
C PHE D 314 -3.31 25.72 24.53
N TYR D 315 -4.10 25.00 23.73
CA TYR D 315 -3.66 24.62 22.40
C TYR D 315 -4.43 25.37 21.32
N THR D 316 -3.84 25.40 20.13
CA THR D 316 -4.32 26.21 19.02
C THR D 316 -5.05 25.33 18.00
N LEU D 317 -6.25 25.74 17.64
CA LEU D 317 -7.03 25.04 16.62
C LEU D 317 -7.89 26.07 15.91
N PRO D 318 -7.43 26.59 14.77
CA PRO D 318 -8.22 27.59 14.05
C PRO D 318 -9.40 26.95 13.33
N SER D 319 -10.34 27.80 12.91
CA SER D 319 -11.52 27.37 12.19
C SER D 319 -11.70 28.22 10.94
N THR D 320 -12.03 27.55 9.84
CA THR D 320 -12.34 28.22 8.58
C THR D 320 -13.85 28.43 8.47
N ILE D 321 -14.24 29.61 8.01
CA ILE D 321 -15.66 29.95 7.91
C ILE D 321 -16.27 29.22 6.72
N MET D 322 -17.25 28.35 7.00
CA MET D 322 -17.86 27.55 5.94
C MET D 322 -18.46 28.41 4.84
N ASN D 323 -18.95 29.60 5.19
CA ASN D 323 -19.50 30.50 4.17
C ASN D 323 -18.40 31.21 3.38
N HIS D 324 -17.26 31.47 4.01
CA HIS D 324 -16.14 32.17 3.39
C HIS D 324 -14.87 31.34 3.60
N PRO D 325 -14.70 30.26 2.83
CA PRO D 325 -13.51 29.41 3.03
C PRO D 325 -12.21 30.07 2.59
N THR D 326 -12.28 31.04 1.67
CA THR D 326 -11.07 31.72 1.20
C THR D 326 -10.60 32.81 2.15
N HIS D 327 -11.41 33.20 3.13
CA HIS D 327 -11.03 34.23 4.08
C HIS D 327 -10.07 33.65 5.12
N LYS D 328 -9.50 34.54 5.94
CA LYS D 328 -8.60 34.11 7.00
C LYS D 328 -9.38 33.34 8.07
N SER D 329 -8.64 32.64 8.92
CA SER D 329 -9.24 31.71 9.85
C SER D 329 -9.88 32.42 11.04
N LEU D 330 -10.64 31.64 11.80
CA LEU D 330 -11.11 32.01 13.13
C LEU D 330 -10.15 31.36 14.13
N LYS D 331 -9.38 32.18 14.83
CA LYS D 331 -8.29 31.68 15.68
C LYS D 331 -8.83 31.36 17.07
N ALA D 332 -8.87 30.07 17.41
CA ALA D 332 -9.45 29.61 18.66
C ALA D 332 -8.38 29.02 19.57
N ALA D 333 -8.46 29.34 20.86
CA ALA D 333 -7.62 28.75 21.89
C ALA D 333 -8.46 27.82 22.76
N TYR D 334 -7.90 26.66 23.09
CA TYR D 334 -8.59 25.65 23.88
C TYR D 334 -7.80 25.37 25.15
N SER D 335 -8.42 25.59 26.30
CA SER D 335 -7.76 25.37 27.58
C SER D 335 -7.32 23.91 27.70
N PHE D 336 -6.07 23.72 28.16
CA PHE D 336 -5.49 22.39 28.26
C PHE D 336 -5.38 21.86 29.69
N TYR D 337 -4.31 22.16 30.41
CA TYR D 337 -4.18 21.78 31.81
C TYR D 337 -3.64 23.02 32.49
N ASN D 338 -4.28 23.42 33.60
CA ASN D 338 -3.89 24.59 34.37
C ASN D 338 -3.74 24.17 35.82
N VAL D 339 -2.55 24.37 36.38
CA VAL D 339 -2.22 23.92 37.72
C VAL D 339 -1.83 25.13 38.56
N HIS D 340 -2.43 25.26 39.73
CA HIS D 340 -2.13 26.34 40.66
C HIS D 340 -1.78 25.77 42.02
N THR D 341 -0.75 26.35 42.66
CA THR D 341 -0.42 26.05 44.05
C THR D 341 -0.18 27.34 44.83
N GLN D 342 0.24 28.39 44.14
CA GLN D 342 0.52 29.68 44.76
C GLN D 342 -0.26 30.83 44.14
N THR D 343 -0.34 30.88 42.82
CA THR D 343 -1.19 31.88 42.17
C THR D 343 -2.65 31.44 42.25
N PRO D 344 -3.57 32.34 42.61
CA PRO D 344 -4.99 31.95 42.61
C PRO D 344 -5.43 31.53 41.21
N LEU D 345 -6.30 30.53 41.17
CA LEU D 345 -6.80 30.02 39.89
C LEU D 345 -7.45 31.13 39.08
N LEU D 346 -8.21 32.00 39.75
CA LEU D 346 -8.80 33.16 39.08
C LEU D 346 -7.73 34.01 38.41
N ASP D 347 -6.60 34.21 39.08
CA ASP D 347 -5.53 35.02 38.49
C ASP D 347 -4.87 34.30 37.32
N LEU D 348 -4.56 33.01 37.50
CA LEU D 348 -3.93 32.23 36.43
C LEU D 348 -4.79 32.24 35.17
N MET D 349 -6.10 32.02 35.31
CA MET D 349 -6.97 31.93 34.14
C MET D 349 -7.17 33.30 33.49
N SER D 350 -7.27 34.36 34.29
CA SER D 350 -7.31 35.70 33.71
CA SER D 350 -7.32 35.70 33.72
C SER D 350 -6.08 35.97 32.86
N ASP D 351 -4.91 35.61 33.39
CA ASP D 351 -3.68 35.78 32.61
C ASP D 351 -3.68 34.87 31.38
N ALA D 352 -4.31 33.69 31.48
CA ALA D 352 -4.47 32.84 30.31
C ALA D 352 -5.21 33.58 29.20
N LEU D 353 -6.34 34.21 29.54
CA LEU D 353 -7.09 34.98 28.55
C LEU D 353 -6.25 36.12 27.99
N VAL D 354 -5.49 36.82 28.84
CA VAL D 354 -4.70 37.95 28.38
C VAL D 354 -3.63 37.49 27.40
N LEU D 355 -2.94 36.40 27.73
CA LEU D 355 -1.92 35.88 26.84
C LEU D 355 -2.51 35.44 25.51
N ALA D 356 -3.70 34.80 25.55
CA ALA D 356 -4.34 34.37 24.31
C ALA D 356 -4.71 35.58 23.44
N LYS D 357 -5.28 36.62 24.05
CA LYS D 357 -5.57 37.84 23.31
C LYS D 357 -4.29 38.48 22.78
N MET D 358 -3.21 38.41 23.56
CA MET D 358 -1.93 38.92 23.09
C MET D 358 -1.45 38.17 21.86
N LYS D 359 -1.61 36.85 21.84
CA LYS D 359 -1.16 36.04 20.72
C LYS D 359 -2.10 36.08 19.53
N GLY D 360 -3.14 36.89 19.58
CA GLY D 360 -4.02 37.08 18.43
C GLY D 360 -5.19 36.13 18.35
N PHE D 361 -5.57 35.49 19.45
CA PHE D 361 -6.70 34.57 19.43
C PHE D 361 -8.01 35.33 19.53
N ASP D 362 -9.02 34.84 18.81
CA ASP D 362 -10.33 35.49 18.84
C ASP D 362 -11.23 34.94 19.94
N VAL D 363 -11.06 33.69 20.34
CA VAL D 363 -11.90 33.08 21.36
C VAL D 363 -11.08 32.07 22.15
N PHE D 364 -11.41 31.93 23.42
CA PHE D 364 -10.78 30.99 24.34
C PHE D 364 -11.83 29.99 24.78
N ASN D 365 -11.65 28.73 24.40
CA ASN D 365 -12.64 27.68 24.65
C ASN D 365 -12.18 26.78 25.78
N MET D 366 -13.15 26.28 26.54
CA MET D 366 -12.83 25.36 27.63
C MET D 366 -14.06 24.53 27.94
N VAL D 367 -13.84 23.47 28.71
CA VAL D 367 -14.87 22.55 29.16
C VAL D 367 -14.93 22.64 30.68
N ASP D 368 -16.14 22.53 31.24
CA ASP D 368 -16.31 22.79 32.67
C ASP D 368 -15.83 21.63 33.55
N LEU D 369 -14.72 20.98 33.20
CA LEU D 369 -14.16 19.94 34.05
C LEU D 369 -13.20 20.54 35.05
N MET D 370 -12.63 19.69 35.91
CA MET D 370 -11.71 20.09 36.98
C MET D 370 -12.35 21.26 37.72
N GLU D 371 -11.62 22.34 38.00
CA GLU D 371 -12.17 23.49 38.71
C GLU D 371 -12.61 24.61 37.78
N ASN D 372 -12.89 24.30 36.51
CA ASN D 372 -13.17 25.34 35.53
C ASN D 372 -14.50 26.05 35.80
N LYS D 373 -15.41 25.41 36.55
CA LYS D 373 -16.68 26.06 36.87
C LYS D 373 -16.48 27.28 37.77
N THR D 374 -15.43 27.29 38.59
CA THR D 374 -15.27 28.33 39.62
C THR D 374 -15.03 29.72 39.05
N PHE D 375 -14.59 29.85 37.80
CA PHE D 375 -14.27 31.15 37.24
C PHE D 375 -15.10 31.46 35.99
N VAL D 376 -16.19 30.74 35.78
CA VAL D 376 -17.01 30.95 34.58
C VAL D 376 -17.62 32.35 34.60
N GLU D 377 -18.37 32.67 35.67
CA GLU D 377 -19.10 33.93 35.72
C GLU D 377 -18.15 35.11 35.85
N LYS D 378 -17.19 35.03 36.77
CA LYS D 378 -16.30 36.15 37.04
C LYS D 378 -15.51 36.54 35.79
N LEU D 379 -15.06 35.57 35.00
CA LEU D 379 -14.26 35.86 33.83
C LEU D 379 -15.10 35.97 32.56
N LYS D 380 -16.42 36.02 32.69
CA LYS D 380 -17.33 36.33 31.59
C LYS D 380 -17.29 35.26 30.49
N PHE D 381 -17.28 34.00 30.89
CA PHE D 381 -17.43 32.90 29.95
C PHE D 381 -18.90 32.71 29.61
N GLY D 382 -19.17 32.35 28.36
CA GLY D 382 -20.52 32.06 27.89
C GLY D 382 -20.64 30.59 27.52
N ILE D 383 -21.80 30.00 27.83
CA ILE D 383 -22.01 28.57 27.59
C ILE D 383 -22.22 28.32 26.11
N GLY D 384 -21.87 27.10 25.68
CA GLY D 384 -22.07 26.68 24.31
C GLY D 384 -23.15 25.60 24.23
N ASP D 385 -23.51 25.27 23.01
CA ASP D 385 -24.52 24.25 22.77
C ASP D 385 -23.93 22.85 22.94
N GLY D 386 -24.79 21.89 23.29
CA GLY D 386 -24.38 20.50 23.37
C GLY D 386 -23.69 20.15 24.66
N HIS D 387 -23.27 18.89 24.74
CA HIS D 387 -22.56 18.37 25.90
C HIS D 387 -21.41 17.50 25.43
N LEU D 388 -20.34 17.47 26.23
CA LEU D 388 -19.23 16.55 26.02
C LEU D 388 -19.40 15.38 26.98
N GLN D 389 -19.57 14.18 26.42
CA GLN D 389 -19.71 12.97 27.20
C GLN D 389 -18.38 12.24 27.22
N TYR D 390 -17.97 11.77 28.40
CA TYR D 390 -16.78 10.96 28.56
C TYR D 390 -17.18 9.49 28.70
N TYR D 391 -16.38 8.60 28.12
CA TYR D 391 -16.70 7.19 28.12
C TYR D 391 -15.47 6.35 28.39
N LEU D 392 -15.69 5.21 29.05
CA LEU D 392 -14.70 4.15 29.18
C LEU D 392 -15.19 2.92 28.44
N TYR D 393 -14.29 2.25 27.74
CA TYR D 393 -14.56 0.99 27.08
C TYR D 393 -14.04 -0.15 27.95
N ASN D 394 -14.90 -1.14 28.20
CA ASN D 394 -14.56 -2.31 29.01
C ASN D 394 -14.08 -1.94 30.41
N TRP D 395 -14.71 -0.93 31.01
CA TRP D 395 -14.47 -0.63 32.42
C TRP D 395 -15.75 -0.10 33.04
N LYS D 396 -16.28 -0.82 34.02
CA LYS D 396 -17.52 -0.48 34.68
C LYS D 396 -17.19 0.24 35.99
N CYS D 397 -17.69 1.46 36.15
CA CYS D 397 -17.43 2.26 37.33
C CYS D 397 -18.56 3.25 37.51
N PRO D 398 -18.74 3.80 38.71
CA PRO D 398 -19.77 4.83 38.90
C PRO D 398 -19.44 6.08 38.11
N SER D 399 -20.49 6.79 37.70
CA SER D 399 -20.32 8.05 36.99
C SER D 399 -19.89 9.14 37.98
N MET D 400 -19.44 10.27 37.42
CA MET D 400 -18.88 11.34 38.23
C MET D 400 -19.30 12.69 37.67
N GLY D 401 -19.29 13.70 38.54
CA GLY D 401 -19.55 15.04 38.11
C GLY D 401 -18.43 15.60 37.26
N ALA D 402 -18.78 16.60 36.45
CA ALA D 402 -17.79 17.23 35.58
C ALA D 402 -16.58 17.71 36.36
N GLU D 403 -16.79 18.18 37.60
CA GLU D 403 -15.72 18.74 38.40
C GLU D 403 -14.71 17.70 38.85
N LYS D 404 -15.03 16.40 38.77
CA LYS D 404 -14.09 15.34 39.11
C LYS D 404 -13.41 14.74 37.88
N VAL D 405 -13.77 15.21 36.69
CA VAL D 405 -13.13 14.78 35.46
C VAL D 405 -11.85 15.59 35.27
N GLY D 406 -10.71 14.90 35.23
CA GLY D 406 -9.43 15.58 35.12
C GLY D 406 -8.63 15.13 33.91
N LEU D 407 -9.32 14.94 32.79
CA LEU D 407 -8.70 14.49 31.56
C LEU D 407 -9.20 15.35 30.40
N VAL D 408 -8.28 15.95 29.66
CA VAL D 408 -8.60 16.79 28.51
C VAL D 408 -8.16 16.06 27.25
N MET D 409 -9.06 15.96 26.28
CA MET D 409 -8.82 15.19 25.08
C MET D 409 -8.98 16.08 23.85
N LEU D 410 -8.13 15.85 22.85
CA LEU D 410 -8.13 16.66 21.64
C LEU D 410 -9.23 16.22 20.68
S1 MYA E . 13.87 -12.19 -16.04
C2 MYA E . 15.35 -12.39 -17.07
C3 MYA E . 16.47 -11.44 -16.52
N4 MYA E . 17.65 -11.47 -17.37
C5 MYA E . 18.68 -12.31 -17.14
O5 MYA E . 18.69 -13.14 -16.18
C6 MYA E . 19.82 -12.16 -18.17
C7 MYA E . 21.26 -12.26 -17.58
N8 MYA E . 21.37 -11.35 -16.46
C9 MYA E . 21.60 -10.03 -16.59
O9 MYA E . 21.71 -9.51 -17.75
C10 MYA E . 21.70 -9.20 -15.38
O10 MYA E . 22.29 -10.00 -14.31
C11 MYA E . 20.41 -8.62 -14.83
C12 MYA E . 20.64 -7.90 -13.54
C13 MYA E . 19.35 -9.68 -14.50
C14 MYA E . 19.89 -7.60 -15.87
N1A MYA E . 14.49 -9.04 -12.15
O1A MYA E . 23.73 -4.53 -10.16
P1A MYA E . 22.51 -4.77 -11.02
C1X MYA E . 17.82 -6.85 -8.94
C2A MYA E . 14.34 -7.96 -11.33
O2A MYA E . 22.41 -4.01 -12.26
P2A MYA E . 23.00 -7.03 -12.69
C2M MYA E . 13.01 -10.87 -16.84
O2M MYA E . 13.45 -10.43 -17.90
C2X MYA E . 18.64 -7.32 -7.76
O2X MYA E . 17.74 -7.97 -6.81
N3A MYA E . 15.39 -7.55 -10.55
O3A MYA E . 22.47 -6.36 -11.35
C3M MYA E . 11.94 -10.09 -16.11
C3X MYA E . 19.21 -6.00 -7.26
O3X MYA E . 18.19 -5.23 -6.65
P3X MYA E . 18.18 -5.16 -5.07
C4A MYA E . 16.54 -8.20 -10.60
O4A MYA E . 24.10 -6.19 -13.26
C4M MYA E . 12.60 -8.84 -15.51
C4X MYA E . 19.57 -5.33 -8.59
O4X MYA E . 18.68 -5.89 -9.61
C5A MYA E . 16.72 -9.31 -11.43
O5A MYA E . 23.23 -8.48 -12.28
C5M MYA E . 11.51 -8.04 -14.75
C5X MYA E . 20.99 -5.60 -9.00
O5X MYA E . 21.22 -4.66 -10.11
C6A MYA E . 15.64 -9.73 -12.23
N6A MYA E . 15.71 -10.80 -13.08
O6A MYA E . 21.70 -6.92 -13.65
C6M MYA E . 12.13 -6.79 -14.08
N7A MYA E . 18.02 -9.76 -11.25
O7A MYA E . 16.81 -4.78 -4.71
C7M MYA E . 11.19 -6.06 -13.11
C8A MYA E . 18.58 -8.93 -10.33
O8A MYA E . 19.28 -4.13 -4.80
C8M MYA E . 10.07 -5.36 -13.90
N9A MYA E . 17.67 -7.98 -9.94
O9A MYA E . 18.56 -6.50 -4.59
C9M MYA E . 9.09 -4.69 -12.89
CAM MYA E . 7.86 -3.96 -13.57
CBM MYA E . 8.35 -2.70 -14.34
CCM MYA E . 7.12 -2.11 -15.12
CDM MYA E . 6.05 -1.43 -14.18
CEM MYA E . 4.90 -0.90 -15.08
CFM MYA E . 3.77 -0.32 -14.16
MG MG F . 25.01 -3.43 -13.86
C1 GOL G . 2.86 -9.48 -5.79
O1 GOL G . 3.66 -10.33 -6.58
C2 GOL G . 1.73 -10.26 -5.13
O2 GOL G . 0.93 -9.38 -4.38
C3 GOL G . 2.29 -11.34 -4.19
O3 GOL G . 1.28 -12.25 -3.85
C1 GOL H . 1.69 -15.73 -23.55
O1 GOL H . 0.81 -15.67 -22.45
C2 GOL H . 2.23 -14.33 -23.85
O2 GOL H . 3.18 -13.97 -22.88
C3 GOL H . 1.09 -13.30 -23.89
O3 GOL H . 0.36 -13.29 -22.70
S1 MYA I . -23.00 10.50 -35.62
C2 MYA I . -22.69 11.36 -37.19
C3 MYA I . -23.55 10.64 -38.27
N4 MYA I . -23.26 11.09 -39.62
C5 MYA I . -24.03 12.01 -40.24
O5 MYA I . -25.03 12.54 -39.69
C6 MYA I . -23.54 12.32 -41.68
C7 MYA I . -24.67 12.49 -42.75
N8 MYA I . -25.55 11.35 -42.72
C9 MYA I . -25.24 10.14 -43.24
O9 MYA I . -24.13 9.95 -43.81
C10 MYA I . -26.24 9.05 -43.17
O10 MYA I . -27.56 9.65 -43.08
C11 MYA I . -26.08 8.10 -42.00
C12 MYA I . -27.21 7.09 -41.99
C13 MYA I . -26.14 8.80 -40.63
C14 MYA I . -24.74 7.34 -42.17
N1A MYA I . -26.14 6.73 -35.71
O1A MYA I . -30.87 3.52 -44.46
P1A MYA I . -29.60 3.81 -43.68
C1X MYA I . -29.98 4.45 -38.12
C2A MYA I . -26.58 5.44 -35.64
O2A MYA I . -28.36 3.39 -44.30
P2A MYA I . -28.73 6.52 -44.11
C2M MYA I . -21.71 9.29 -35.56
O2M MYA I . -20.80 9.32 -36.39
C2X MYA I . -31.46 4.63 -38.35
O2X MYA I . -32.10 4.83 -37.06
N3A MYA I . -27.65 5.06 -36.40
O3A MYA I . -29.60 5.40 -43.38
C3M MYA I . -21.72 8.20 -34.53
C3X MYA I . -31.80 3.30 -39.00
O3X MYA I . -31.76 2.29 -38.01
P3X MYA I . -33.17 1.71 -37.53
C4A MYA I . -28.24 5.94 -37.19
O4A MYA I . -28.49 6.09 -45.53
C4M MYA I . -22.35 6.98 -35.21
C4X MYA I . -30.59 3.12 -39.95
O4X MYA I . -29.49 3.92 -39.38
C5A MYA I . -27.81 7.28 -37.28
O5A MYA I . -29.49 7.80 -43.81
C5M MYA I . -22.52 5.85 -34.15
C5X MYA I . -30.91 3.65 -41.32
O5X MYA I . -29.79 3.24 -42.20
C6A MYA I . -26.70 7.66 -36.50
N6A MYA I . -26.18 8.92 -36.49
O6A MYA I . -27.35 6.47 -43.29
C6M MYA I . -22.99 4.57 -34.89
N7A MYA I . -28.63 7.94 -38.19
O7A MYA I . -34.00 2.89 -37.25
C7M MYA I . -23.40 3.43 -33.95
C8A MYA I . -29.53 6.99 -38.61
O8A MYA I . -32.79 0.84 -36.34
C8M MYA I . -22.14 2.93 -33.24
N9A MYA I . -29.29 5.78 -38.00
O9A MYA I . -33.68 0.90 -38.68
C9M MYA I . -22.48 1.69 -32.37
CAM MYA I . -21.21 1.08 -31.66
CBM MYA I . -20.45 0.15 -32.68
CCM MYA I . -19.13 -0.35 -31.98
CDM MYA I . -19.41 -1.36 -30.81
CEM MYA I . -18.11 -2.10 -30.42
CFM MYA I . -18.36 -2.90 -29.11
MG MG J . -27.85 3.48 -46.94
C1 GOL K . -27.06 3.27 -22.98
O1 GOL K . -27.02 4.48 -23.69
C2 GOL K . -27.40 3.56 -21.52
O2 GOL K . -27.63 2.35 -20.84
C3 GOL K . -28.68 4.41 -21.47
O3 GOL K . -28.76 5.08 -20.24
C1 GOL L . -12.09 13.26 -27.41
O1 GOL L . -10.80 13.74 -27.16
C2 GOL L . -12.51 12.45 -26.19
O2 GOL L . -12.55 13.33 -25.10
C3 GOL L . -11.42 11.40 -25.96
O3 GOL L . -11.80 10.52 -24.94
S1 MYA M . 23.79 -10.02 34.19
C2 MYA M . 25.22 -10.15 33.07
C3 MYA M . 26.34 -9.19 33.58
N4 MYA M . 27.46 -9.18 32.64
C5 MYA M . 28.54 -9.98 32.77
O5 MYA M . 28.66 -10.81 33.72
C6 MYA M . 29.56 -9.78 31.65
C7 MYA M . 31.06 -9.77 32.09
N8 MYA M . 31.23 -8.86 33.21
C9 MYA M . 31.26 -7.53 33.09
O9 MYA M . 31.15 -6.99 31.96
C10 MYA M . 31.46 -6.71 34.32
O10 MYA M . 32.26 -7.48 35.26
C11 MYA M . 30.20 -6.25 35.02
C12 MYA M . 30.51 -5.64 36.36
C13 MYA M . 29.23 -7.39 35.36
C14 MYA M . 29.52 -5.17 34.14
N1A MYA M . 24.47 -7.10 38.15
O1A MYA M . 33.54 -2.19 39.75
P1A MYA M . 32.30 -2.52 38.95
C1X MYA M . 27.89 -4.92 41.26
C2A MYA M . 24.33 -6.06 39.02
O2A MYA M . 32.05 -1.68 37.79
P2A MYA M . 32.84 -4.58 37.03
C2M MYA M . 22.81 -8.71 33.51
O2M MYA M . 23.13 -8.21 32.42
C2X MYA M . 28.76 -5.39 42.40
O2X MYA M . 27.94 -6.11 43.35
N3A MYA M . 25.42 -5.65 39.76
O3A MYA M . 32.41 -4.05 38.48
C3M MYA M . 21.72 -8.06 34.29
C3X MYA M . 29.32 -4.07 42.94
O3X MYA M . 28.29 -3.37 43.65
P3X MYA M . 28.45 -3.28 45.23
C4A MYA M . 26.58 -6.26 39.62
O4A MYA M . 33.79 -3.59 36.40
C4M MYA M . 22.32 -6.80 34.96
C4X MYA M . 29.57 -3.31 41.62
O4X MYA M . 28.68 -3.89 40.61
C5A MYA M . 26.75 -7.33 38.72
O5A MYA M . 33.28 -6.00 37.30
C5M MYA M . 21.30 -6.21 35.96
C5X MYA M . 31.00 -3.44 41.15
O5X MYA M . 31.05 -2.58 39.95
C6A MYA M . 25.63 -7.76 37.97
N6A MYA M . 25.67 -8.77 37.08
O6A MYA M . 31.45 -4.53 36.23
C6M MYA M . 21.84 -4.86 36.52
N7A MYA M . 28.07 -7.75 38.82
O7A MYA M . 27.13 -2.91 45.74
C7M MYA M . 20.95 -4.20 37.58
C8A MYA M . 28.65 -6.93 39.74
O8A MYA M . 29.57 -2.24 45.37
C8M MYA M . 19.65 -3.68 36.94
N9A MYA M . 27.74 -6.03 40.23
O9A MYA M . 28.89 -4.63 45.68
C9M MYA M . 18.81 -2.97 38.04
CAM MYA M . 17.48 -2.31 37.50
CBM MYA M . 17.82 -1.04 36.64
CCM MYA M . 16.49 -0.57 35.96
CDM MYA M . 15.43 -0.02 36.99
CEM MYA M . 14.30 0.70 36.22
CFM MYA M . 13.12 0.99 37.22
MG MG N . 34.44 -0.84 36.31
C1 GOL O . 10.03 -11.37 27.94
O1 GOL O . 9.34 -11.28 29.16
C2 GOL O . 11.18 -12.35 28.11
O2 GOL O . 11.73 -12.67 26.87
C3 GOL O . 10.60 -13.62 28.73
O3 GOL O . 10.31 -14.52 27.70
C1 GOL P . 13.55 -8.47 45.24
O1 GOL P . 14.18 -9.32 44.33
C2 GOL P . 12.43 -9.24 45.96
O2 GOL P . 11.61 -8.34 46.65
C3 GOL P . 13.04 -10.24 46.94
O3 GOL P . 12.06 -11.17 47.31
S1 MYA Q . -15.55 11.63 18.68
C2 MYA Q . -15.63 12.52 17.10
C3 MYA Q . -16.47 11.68 16.09
N4 MYA Q . -16.30 12.21 14.74
C5 MYA Q . -17.19 13.07 14.19
O5 MYA Q . -18.21 13.48 14.80
C6 MYA Q . -16.82 13.51 12.75
C7 MYA Q . -18.03 13.76 11.81
N8 MYA Q . -18.86 12.57 11.85
C9 MYA Q . -18.56 11.44 11.20
O9 MYA Q . -17.52 11.37 10.48
C10 MYA Q . -19.50 10.30 11.32
O10 MYA Q . -20.79 10.85 11.70
C11 MYA Q . -19.12 9.25 12.34
C12 MYA Q . -20.19 8.20 12.45
C13 MYA Q . -18.99 9.81 13.77
C14 MYA Q . -17.83 8.55 11.87
N1A MYA Q . -18.55 7.51 18.86
O1A MYA Q . -23.93 4.58 10.24
P1A MYA Q . -22.63 4.84 10.96
C1X MYA Q . -22.30 5.01 16.39
C2A MYA Q . -18.95 6.21 18.96
O2A MYA Q . -21.41 4.49 10.24
P2A MYA Q . -21.93 7.62 10.55
C2M MYA Q . -14.28 10.43 18.47
O2M MYA Q . -13.43 10.57 17.58
C2X MYA Q . -23.79 5.22 16.50
O2X MYA Q . -24.15 5.31 17.90
N3A MYA Q . -20.00 5.76 18.19
O3A MYA Q . -22.62 6.42 11.35
C3M MYA Q . -14.15 9.26 19.40
C3X MYA Q . -24.33 3.99 15.79
O3X MYA Q . -24.22 2.88 16.68
P3X MYA Q . -25.59 2.28 17.25
C4A MYA Q . -20.60 6.58 17.35
O4A MYA Q . -21.88 7.30 9.09
C4M MYA Q . -14.82 8.05 18.73
C4X MYA Q . -23.31 3.83 14.65
O4X MYA Q . -22.10 4.58 15.03
C5A MYA Q . -20.21 7.93 17.23
O5A MYA Q . -22.71 8.83 11.06
C5M MYA Q . -14.81 6.88 19.74
C5X MYA Q . -23.82 4.38 13.35
O5X MYA Q . -22.69 4.19 12.42
C6A MYA Q . -19.13 8.39 18.02
N6A MYA Q . -18.69 9.68 17.98
O6A MYA Q . -20.45 7.60 11.15
C6M MYA Q . -15.48 5.63 19.12
N7A MYA Q . -21.03 8.52 16.28
O7A MYA Q . -25.21 1.38 18.34
C7M MYA Q . -15.64 4.46 20.12
C8A MYA Q . -21.89 7.53 15.87
O8A MYA Q . -26.18 1.64 15.99
C8M MYA Q . -14.25 3.93 20.49
N9A MYA Q . -21.62 6.35 16.52
O9A MYA Q . -26.38 3.45 17.70
C9M MYA Q . -14.43 2.73 21.47
CAM MYA Q . -13.06 2.10 21.93
CBM MYA Q . -12.45 1.24 20.77
CCM MYA Q . -11.06 0.69 21.25
CDM MYA Q . -11.16 -0.34 22.44
CEM MYA Q . -9.78 -1.02 22.63
CFM MYA Q . -9.79 -1.89 23.93
MG MG R . -21.16 4.83 7.06
C1 GOL S . -3.78 14.03 28.31
O1 GOL S . -4.45 15.08 27.69
C2 GOL S . -3.94 12.79 27.44
O2 GOL S . -3.17 11.74 27.96
C3 GOL S . -3.47 13.13 26.03
O3 GOL S . -4.07 14.34 25.64
C1 GOL T . -18.26 3.51 31.19
O1 GOL T . -18.25 4.73 30.50
C2 GOL T . -18.38 3.78 32.69
O2 GOL T . -18.31 2.57 33.40
C3 GOL T . -19.72 4.47 32.99
O3 GOL T . -19.65 5.14 34.21
C1 GOL U . -18.58 -8.23 20.64
O1 GOL U . -19.40 -8.19 19.51
C2 GOL U . -18.09 -9.66 20.89
O2 GOL U . -17.24 -10.07 19.85
C3 GOL U . -17.38 -9.74 22.24
O3 GOL U . -16.36 -8.78 22.31
#